data_3DW6
# 
_entry.id   3DW6 
# 
_audit_conform.dict_name       mmcif_pdbx.dic 
_audit_conform.dict_version    5.387 
_audit_conform.dict_location   http://mmcif.pdb.org/dictionaries/ascii/mmcif_pdbx.dic 
# 
loop_
_database_2.database_id 
_database_2.database_code 
_database_2.pdbx_database_accession 
_database_2.pdbx_DOI 
PDB   3DW6         pdb_00003dw6 10.2210/pdb3dw6/pdb 
NDB   UR0164       ?            ?                   
RCSB  RCSB048564   ?            ?                   
WWPDB D_1000048564 ?            ?                   
# 
loop_
_pdbx_audit_revision_history.ordinal 
_pdbx_audit_revision_history.data_content_type 
_pdbx_audit_revision_history.major_revision 
_pdbx_audit_revision_history.minor_revision 
_pdbx_audit_revision_history.revision_date 
1 'Structure model' 1 0 2009-03-24 
2 'Structure model' 1 1 2011-07-13 
3 'Structure model' 1 2 2024-02-21 
# 
_pdbx_audit_revision_details.ordinal             1 
_pdbx_audit_revision_details.revision_ordinal    1 
_pdbx_audit_revision_details.data_content_type   'Structure model' 
_pdbx_audit_revision_details.provider            repository 
_pdbx_audit_revision_details.type                'Initial release' 
_pdbx_audit_revision_details.description         ? 
_pdbx_audit_revision_details.details             ? 
# 
loop_
_pdbx_audit_revision_group.ordinal 
_pdbx_audit_revision_group.revision_ordinal 
_pdbx_audit_revision_group.data_content_type 
_pdbx_audit_revision_group.group 
1 2 'Structure model' 'Non-polymer description'   
2 2 'Structure model' 'Version format compliance' 
3 3 'Structure model' 'Data collection'           
4 3 'Structure model' 'Database references'       
5 3 'Structure model' 'Derived calculations'      
# 
loop_
_pdbx_audit_revision_category.ordinal 
_pdbx_audit_revision_category.revision_ordinal 
_pdbx_audit_revision_category.data_content_type 
_pdbx_audit_revision_category.category 
1 3 'Structure model' chem_comp_atom 
2 3 'Structure model' chem_comp_bond 
3 3 'Structure model' database_2     
4 3 'Structure model' struct_conn    
5 3 'Structure model' struct_site    
# 
loop_
_pdbx_audit_revision_item.ordinal 
_pdbx_audit_revision_item.revision_ordinal 
_pdbx_audit_revision_item.data_content_type 
_pdbx_audit_revision_item.item 
1 3 'Structure model' '_database_2.pdbx_DOI'                
2 3 'Structure model' '_database_2.pdbx_database_accession' 
3 3 'Structure model' '_struct_conn.pdbx_leaving_atom_flag' 
4 3 'Structure model' '_struct_site.pdbx_auth_asym_id'      
5 3 'Structure model' '_struct_site.pdbx_auth_comp_id'      
6 3 'Structure model' '_struct_site.pdbx_auth_seq_id'       
# 
_pdbx_database_status.entry_id                        3DW6 
_pdbx_database_status.deposit_site                    RCSB 
_pdbx_database_status.process_site                    RCSB 
_pdbx_database_status.recvd_initial_deposition_date   2008-07-21 
_pdbx_database_status.status_code                     REL 
_pdbx_database_status.status_code_sf                  REL 
_pdbx_database_status.status_code_mr                  ? 
_pdbx_database_status.SG_entry                        ? 
_pdbx_database_status.pdb_format_compatible           Y 
_pdbx_database_status.status_code_cs                  ? 
_pdbx_database_status.status_code_nmr_data            ? 
_pdbx_database_status.methods_development_category    ? 
# 
loop_
_pdbx_database_related.db_name 
_pdbx_database_related.db_id 
_pdbx_database_related.details 
_pdbx_database_related.content_type 
PDB 1q9a 'Crystal structure of the sarcin/ricin domain from E.coli 23S rRNA at 1.04 resolution' unspecified 
PDB 3DVZ .                                                                                      unspecified 
PDB 3DW4 .                                                                                      unspecified 
PDB 3DW5 .                                                                                      unspecified 
PDB 3DW7 .                                                                                      unspecified 
PDB 483D .                                                                                      unspecified 
# 
loop_
_audit_author.name 
_audit_author.pdbx_ordinal 
'Olieric, V.'        1 
'Rieder, U.'         2 
'Lang, K.'           3 
'Serganov, A.'       4 
'Schulze-Briese, C.' 5 
'Micura, R.'         6 
'Dumas, P.'          7 
'Ennifar, E.'        8 
# 
_citation.id                        primary 
_citation.title                     'A fast selenium derivatization strategy for crystallization and phasing of RNA structures.' 
_citation.journal_abbrev            Rna 
_citation.journal_volume            15 
_citation.page_first                707 
_citation.page_last                 715 
_citation.year                      2009 
_citation.journal_id_ASTM           RNARFU 
_citation.country                   UK 
_citation.journal_id_ISSN           1355-8382 
_citation.journal_id_CSD            2122 
_citation.book_publisher            ? 
_citation.pdbx_database_id_PubMed   19228585 
_citation.pdbx_database_id_DOI      10.1261/rna.1499309 
# 
loop_
_citation_author.citation_id 
_citation_author.name 
_citation_author.ordinal 
_citation_author.identifier_ORCID 
primary 'Olieric, V.'        1 ? 
primary 'Rieder, U.'         2 ? 
primary 'Lang, K.'           3 ? 
primary 'Serganov, A.'       4 ? 
primary 'Schulze-Briese, C.' 5 ? 
primary 'Micura, R.'         6 ? 
primary 'Dumas, P.'          7 ? 
primary 'Ennifar, E.'        8 ? 
# 
loop_
_entity.id 
_entity.type 
_entity.src_method 
_entity.pdbx_description 
_entity.formula_weight 
_entity.pdbx_number_of_molecules 
_entity.pdbx_ec 
_entity.pdbx_mutation 
_entity.pdbx_fragment 
_entity.details 
1 polymer     syn 'Sarcin/Ricin Domain from E. Coli 23 S rRNA' 8821.241 1   ? ? ? ? 
2 non-polymer syn GLYCEROL                                     92.094   1   ? ? ? ? 
3 water       nat water                                        18.015   184 ? ? ? ? 
# 
_entity_poly.entity_id                      1 
_entity_poly.type                           polyribonucleotide 
_entity_poly.nstd_linkage                   no 
_entity_poly.nstd_monomer                   yes 
_entity_poly.pdbx_seq_one_letter_code       'UGC(UMS)CCUAGUACGAGAGGACCGGAGUG' 
_entity_poly.pdbx_seq_one_letter_code_can   UGCUCCUAGUACGAGAGGACCGGAGUG 
_entity_poly.pdbx_strand_id                 A 
_entity_poly.pdbx_target_identifier         ? 
# 
loop_
_pdbx_entity_nonpoly.entity_id 
_pdbx_entity_nonpoly.name 
_pdbx_entity_nonpoly.comp_id 
2 GLYCEROL GOL 
3 water    HOH 
# 
loop_
_entity_poly_seq.entity_id 
_entity_poly_seq.num 
_entity_poly_seq.mon_id 
_entity_poly_seq.hetero 
1 1  U   n 
1 2  G   n 
1 3  C   n 
1 4  UMS n 
1 5  C   n 
1 6  C   n 
1 7  U   n 
1 8  A   n 
1 9  G   n 
1 10 U   n 
1 11 A   n 
1 12 C   n 
1 13 G   n 
1 14 A   n 
1 15 G   n 
1 16 A   n 
1 17 G   n 
1 18 G   n 
1 19 A   n 
1 20 C   n 
1 21 C   n 
1 22 G   n 
1 23 G   n 
1 24 A   n 
1 25 G   n 
1 26 U   n 
1 27 G   n 
# 
loop_
_chem_comp.id 
_chem_comp.type 
_chem_comp.mon_nstd_flag 
_chem_comp.name 
_chem_comp.pdbx_synonyms 
_chem_comp.formula 
_chem_comp.formula_weight 
A   'RNA linking' y "ADENOSINE-5'-MONOPHOSPHATE"                    ?                               'C10 H14 N5 O7 P'    347.221 
C   'RNA linking' y "CYTIDINE-5'-MONOPHOSPHATE"                     ?                               'C9 H14 N3 O8 P'     323.197 
G   'RNA linking' y "GUANOSINE-5'-MONOPHOSPHATE"                    ?                               'C10 H14 N5 O8 P'    363.221 
GOL non-polymer   . GLYCEROL                                        'GLYCERIN; PROPANE-1,2,3-TRIOL' 'C3 H8 O3'           92.094  
HOH non-polymer   . WATER                                           ?                               'H2 O'               18.015  
U   'RNA linking' y "URIDINE-5'-MONOPHOSPHATE"                      ?                               'C9 H13 N2 O9 P'     324.181 
UMS 'DNA linking' n "2'-METHYLSELENYL-2'-DEOXYURIDINE-5'-PHOSPHATE" ?                               'C10 H15 N2 O8 P Se' 401.168 
# 
loop_
_pdbx_poly_seq_scheme.asym_id 
_pdbx_poly_seq_scheme.entity_id 
_pdbx_poly_seq_scheme.seq_id 
_pdbx_poly_seq_scheme.mon_id 
_pdbx_poly_seq_scheme.ndb_seq_num 
_pdbx_poly_seq_scheme.pdb_seq_num 
_pdbx_poly_seq_scheme.auth_seq_num 
_pdbx_poly_seq_scheme.pdb_mon_id 
_pdbx_poly_seq_scheme.auth_mon_id 
_pdbx_poly_seq_scheme.pdb_strand_id 
_pdbx_poly_seq_scheme.pdb_ins_code 
_pdbx_poly_seq_scheme.hetero 
A 1 1  U   1  2647 2647 U   U   A . n 
A 1 2  G   2  2648 2648 G   G   A . n 
A 1 3  C   3  2649 2649 C   C   A . n 
A 1 4  UMS 4  2650 2650 UMS UMS A . n 
A 1 5  C   5  2651 2651 C   C   A . n 
A 1 6  C   6  2652 2652 C   C   A . n 
A 1 7  U   7  2653 2653 U   U   A . n 
A 1 8  A   8  2654 2654 A   A   A . n 
A 1 9  G   9  2655 2655 G   G   A . n 
A 1 10 U   10 2656 2656 U   U   A . n 
A 1 11 A   11 2657 2657 A   A   A . n 
A 1 12 C   12 2658 2658 C   C   A . n 
A 1 13 G   13 2659 2659 G   G   A . n 
A 1 14 A   14 2660 2660 A   A   A . n 
A 1 15 G   15 2661 2661 G   G   A . n 
A 1 16 A   16 2662 2662 A   A   A . n 
A 1 17 G   17 2663 2663 G   G   A . n 
A 1 18 G   18 2664 2664 G   G   A . n 
A 1 19 A   19 2665 2665 A   A   A . n 
A 1 20 C   20 2666 2666 C   C   A . n 
A 1 21 C   21 2667 2667 C   C   A . n 
A 1 22 G   22 2668 2668 G   G   A . n 
A 1 23 G   23 2669 2669 G   G   A . n 
A 1 24 A   24 2670 2670 A   A   A . n 
A 1 25 G   25 2671 2671 G   G   A . n 
A 1 26 U   26 2672 2672 U   U   A . n 
A 1 27 G   27 2673 2673 G   G   A . n 
# 
loop_
_pdbx_nonpoly_scheme.asym_id 
_pdbx_nonpoly_scheme.entity_id 
_pdbx_nonpoly_scheme.mon_id 
_pdbx_nonpoly_scheme.ndb_seq_num 
_pdbx_nonpoly_scheme.pdb_seq_num 
_pdbx_nonpoly_scheme.auth_seq_num 
_pdbx_nonpoly_scheme.pdb_mon_id 
_pdbx_nonpoly_scheme.auth_mon_id 
_pdbx_nonpoly_scheme.pdb_strand_id 
_pdbx_nonpoly_scheme.pdb_ins_code 
B 2 GOL 1   1    1   GOL GOL A . 
C 3 HOH 1   2674 1   HOH HOH A . 
C 3 HOH 2   2675 2   HOH HOH A . 
C 3 HOH 3   2676 3   HOH HOH A . 
C 3 HOH 4   2677 4   HOH HOH A . 
C 3 HOH 5   2678 5   HOH HOH A . 
C 3 HOH 6   2679 6   HOH HOH A . 
C 3 HOH 7   2680 7   HOH HOH A . 
C 3 HOH 8   2681 8   HOH HOH A . 
C 3 HOH 9   2682 9   HOH HOH A . 
C 3 HOH 10  2683 10  HOH HOH A . 
C 3 HOH 11  2684 11  HOH HOH A . 
C 3 HOH 12  2685 12  HOH HOH A . 
C 3 HOH 13  2686 13  HOH HOH A . 
C 3 HOH 14  2687 14  HOH HOH A . 
C 3 HOH 15  2688 15  HOH HOH A . 
C 3 HOH 16  2689 16  HOH HOH A . 
C 3 HOH 17  2690 17  HOH HOH A . 
C 3 HOH 18  2691 18  HOH HOH A . 
C 3 HOH 19  2692 19  HOH HOH A . 
C 3 HOH 20  2693 20  HOH HOH A . 
C 3 HOH 21  2694 21  HOH HOH A . 
C 3 HOH 22  2695 22  HOH HOH A . 
C 3 HOH 23  2696 23  HOH HOH A . 
C 3 HOH 24  2697 24  HOH HOH A . 
C 3 HOH 25  2698 25  HOH HOH A . 
C 3 HOH 26  2699 26  HOH HOH A . 
C 3 HOH 27  2700 27  HOH HOH A . 
C 3 HOH 28  2701 28  HOH HOH A . 
C 3 HOH 29  2702 29  HOH HOH A . 
C 3 HOH 30  2703 30  HOH HOH A . 
C 3 HOH 31  2704 31  HOH HOH A . 
C 3 HOH 32  2705 32  HOH HOH A . 
C 3 HOH 33  2706 33  HOH HOH A . 
C 3 HOH 34  2707 34  HOH HOH A . 
C 3 HOH 35  2708 35  HOH HOH A . 
C 3 HOH 36  2709 36  HOH HOH A . 
C 3 HOH 37  2710 37  HOH HOH A . 
C 3 HOH 38  2711 38  HOH HOH A . 
C 3 HOH 39  2712 39  HOH HOH A . 
C 3 HOH 40  2713 40  HOH HOH A . 
C 3 HOH 41  2714 41  HOH HOH A . 
C 3 HOH 42  2715 42  HOH HOH A . 
C 3 HOH 43  2716 43  HOH HOH A . 
C 3 HOH 44  2717 44  HOH HOH A . 
C 3 HOH 45  2718 45  HOH HOH A . 
C 3 HOH 46  2719 46  HOH HOH A . 
C 3 HOH 47  2720 47  HOH HOH A . 
C 3 HOH 48  2721 48  HOH HOH A . 
C 3 HOH 49  2722 49  HOH HOH A . 
C 3 HOH 50  2723 50  HOH HOH A . 
C 3 HOH 51  2724 51  HOH HOH A . 
C 3 HOH 52  2725 52  HOH HOH A . 
C 3 HOH 53  2726 53  HOH HOH A . 
C 3 HOH 54  2727 54  HOH HOH A . 
C 3 HOH 55  2728 55  HOH HOH A . 
C 3 HOH 56  2729 56  HOH HOH A . 
C 3 HOH 57  2730 57  HOH HOH A . 
C 3 HOH 58  2731 58  HOH HOH A . 
C 3 HOH 59  2732 59  HOH HOH A . 
C 3 HOH 60  2733 60  HOH HOH A . 
C 3 HOH 61  2734 61  HOH HOH A . 
C 3 HOH 62  2735 62  HOH HOH A . 
C 3 HOH 63  2736 63  HOH HOH A . 
C 3 HOH 64  2737 64  HOH HOH A . 
C 3 HOH 65  2738 65  HOH HOH A . 
C 3 HOH 66  2739 66  HOH HOH A . 
C 3 HOH 67  2740 67  HOH HOH A . 
C 3 HOH 68  2741 68  HOH HOH A . 
C 3 HOH 69  2742 69  HOH HOH A . 
C 3 HOH 70  2743 70  HOH HOH A . 
C 3 HOH 71  2744 71  HOH HOH A . 
C 3 HOH 72  2745 72  HOH HOH A . 
C 3 HOH 73  2746 73  HOH HOH A . 
C 3 HOH 74  2747 74  HOH HOH A . 
C 3 HOH 75  2748 75  HOH HOH A . 
C 3 HOH 76  2749 76  HOH HOH A . 
C 3 HOH 77  2750 77  HOH HOH A . 
C 3 HOH 78  2751 78  HOH HOH A . 
C 3 HOH 79  2752 79  HOH HOH A . 
C 3 HOH 80  2753 80  HOH HOH A . 
C 3 HOH 81  2754 81  HOH HOH A . 
C 3 HOH 82  2755 82  HOH HOH A . 
C 3 HOH 83  2756 83  HOH HOH A . 
C 3 HOH 84  2757 84  HOH HOH A . 
C 3 HOH 85  2758 85  HOH HOH A . 
C 3 HOH 86  2759 86  HOH HOH A . 
C 3 HOH 87  2760 87  HOH HOH A . 
C 3 HOH 88  2761 88  HOH HOH A . 
C 3 HOH 89  2762 89  HOH HOH A . 
C 3 HOH 90  2763 90  HOH HOH A . 
C 3 HOH 91  2764 91  HOH HOH A . 
C 3 HOH 92  2765 92  HOH HOH A . 
C 3 HOH 93  2766 93  HOH HOH A . 
C 3 HOH 94  2767 94  HOH HOH A . 
C 3 HOH 95  2768 95  HOH HOH A . 
C 3 HOH 96  2769 96  HOH HOH A . 
C 3 HOH 97  2770 97  HOH HOH A . 
C 3 HOH 98  2771 98  HOH HOH A . 
C 3 HOH 99  2772 99  HOH HOH A . 
C 3 HOH 100 2773 100 HOH HOH A . 
C 3 HOH 101 2774 101 HOH HOH A . 
C 3 HOH 102 2775 102 HOH HOH A . 
C 3 HOH 103 2776 103 HOH HOH A . 
C 3 HOH 104 2777 104 HOH HOH A . 
C 3 HOH 105 2778 105 HOH HOH A . 
C 3 HOH 106 2779 106 HOH HOH A . 
C 3 HOH 107 2780 107 HOH HOH A . 
C 3 HOH 108 2781 108 HOH HOH A . 
C 3 HOH 109 2782 109 HOH HOH A . 
C 3 HOH 110 2783 110 HOH HOH A . 
C 3 HOH 111 2784 111 HOH HOH A . 
C 3 HOH 112 2785 112 HOH HOH A . 
C 3 HOH 113 2786 113 HOH HOH A . 
C 3 HOH 114 2787 114 HOH HOH A . 
C 3 HOH 115 2788 115 HOH HOH A . 
C 3 HOH 116 2789 116 HOH HOH A . 
C 3 HOH 117 2790 117 HOH HOH A . 
C 3 HOH 118 2791 118 HOH HOH A . 
C 3 HOH 119 2792 119 HOH HOH A . 
C 3 HOH 120 2793 120 HOH HOH A . 
C 3 HOH 121 2794 121 HOH HOH A . 
C 3 HOH 122 2795 122 HOH HOH A . 
C 3 HOH 123 2796 123 HOH HOH A . 
C 3 HOH 124 2797 124 HOH HOH A . 
C 3 HOH 125 2798 125 HOH HOH A . 
C 3 HOH 126 2799 126 HOH HOH A . 
C 3 HOH 127 2800 127 HOH HOH A . 
C 3 HOH 128 2801 128 HOH HOH A . 
C 3 HOH 129 2802 129 HOH HOH A . 
C 3 HOH 130 2803 130 HOH HOH A . 
C 3 HOH 131 2804 131 HOH HOH A . 
C 3 HOH 132 2805 132 HOH HOH A . 
C 3 HOH 133 2806 133 HOH HOH A . 
C 3 HOH 134 2807 134 HOH HOH A . 
C 3 HOH 135 2808 135 HOH HOH A . 
C 3 HOH 136 2809 136 HOH HOH A . 
C 3 HOH 137 2810 137 HOH HOH A . 
C 3 HOH 138 2811 138 HOH HOH A . 
C 3 HOH 139 2812 139 HOH HOH A . 
C 3 HOH 140 2813 140 HOH HOH A . 
C 3 HOH 141 2814 141 HOH HOH A . 
C 3 HOH 142 2815 142 HOH HOH A . 
C 3 HOH 143 2816 143 HOH HOH A . 
C 3 HOH 144 2817 144 HOH HOH A . 
C 3 HOH 145 2818 145 HOH HOH A . 
C 3 HOH 146 2819 146 HOH HOH A . 
C 3 HOH 147 2820 147 HOH HOH A . 
C 3 HOH 148 2821 148 HOH HOH A . 
C 3 HOH 149 2822 149 HOH HOH A . 
C 3 HOH 150 2823 150 HOH HOH A . 
C 3 HOH 151 2824 151 HOH HOH A . 
C 3 HOH 152 2825 152 HOH HOH A . 
C 3 HOH 153 2826 153 HOH HOH A . 
C 3 HOH 154 2827 154 HOH HOH A . 
C 3 HOH 155 2828 155 HOH HOH A . 
C 3 HOH 156 2829 156 HOH HOH A . 
C 3 HOH 157 2830 157 HOH HOH A . 
C 3 HOH 158 2831 158 HOH HOH A . 
C 3 HOH 159 2832 159 HOH HOH A . 
C 3 HOH 160 2833 160 HOH HOH A . 
C 3 HOH 161 2834 161 HOH HOH A . 
C 3 HOH 162 2835 162 HOH HOH A . 
C 3 HOH 163 2836 163 HOH HOH A . 
C 3 HOH 164 2837 164 HOH HOH A . 
C 3 HOH 165 2838 165 HOH HOH A . 
C 3 HOH 166 2839 166 HOH HOH A . 
C 3 HOH 167 2840 167 HOH HOH A . 
C 3 HOH 168 2841 168 HOH HOH A . 
C 3 HOH 169 2842 169 HOH HOH A . 
C 3 HOH 170 2843 170 HOH HOH A . 
C 3 HOH 171 2844 171 HOH HOH A . 
C 3 HOH 172 2845 172 HOH HOH A . 
C 3 HOH 173 2846 173 HOH HOH A . 
C 3 HOH 174 2847 174 HOH HOH A . 
C 3 HOH 175 2848 175 HOH HOH A . 
C 3 HOH 176 2849 176 HOH HOH A . 
C 3 HOH 177 2850 177 HOH HOH A . 
C 3 HOH 178 2851 178 HOH HOH A . 
C 3 HOH 179 2852 179 HOH HOH A . 
C 3 HOH 180 2853 180 HOH HOH A . 
C 3 HOH 181 2854 181 HOH HOH A . 
C 3 HOH 182 2855 182 HOH HOH A . 
C 3 HOH 183 2856 183 HOH HOH A . 
C 3 HOH 184 2857 184 HOH HOH A . 
# 
loop_
_software.name 
_software.version 
_software.date 
_software.type 
_software.contact_author 
_software.contact_author_email 
_software.classification 
_software.location 
_software.language 
_software.citation_id 
_software.pdbx_ordinal 
XSCALE      .     ?               package 'Wolfgang Kabsch' ?                     'data processing' 
http://www.mpimf-heidelberg.mpg.de/~kabsch/xds/html_doc/xscale_program.html ?   ? 1 
PHENIX      .     ?               package 'Paul D. Adams'   PDAdams@lbl.gov       refinement        http://www.phenix-online.org/ 
C++ ? 2 
PDB_EXTRACT 3.006 'June 11, 2008' package PDB               help@deposit.rcsb.org 'data extraction' 
http://sw-tools.pdb.org/apps/PDB_EXTRACT/                                   C++ ? 3 
XDS         .     ?               ?       ?                 ?                     'data reduction'  ? ?   ? 4 
XSCALE      .     ?               ?       ?                 ?                     'data scaling'    ? ?   ? 5 
SHELX       .     ?               ?       ?                 ?                     phasing           ? ?   ? 6 
# 
_cell.length_a           29.600 
_cell.length_b           29.600 
_cell.length_c           76.530 
_cell.angle_alpha        90.000 
_cell.angle_beta         90.000 
_cell.angle_gamma        90.000 
_cell.entry_id           3DW6 
_cell.pdbx_unique_axis   ? 
_cell.Z_PDB              4 
_cell.length_a_esd       ? 
_cell.length_b_esd       ? 
_cell.length_c_esd       ? 
_cell.angle_alpha_esd    ? 
_cell.angle_beta_esd     ? 
_cell.angle_gamma_esd    ? 
# 
_symmetry.space_group_name_H-M             'P 43' 
_symmetry.entry_id                         3DW6 
_symmetry.Int_Tables_number                78 
_symmetry.pdbx_full_space_group_name_H-M   ? 
_symmetry.cell_setting                     ? 
_symmetry.space_group_name_Hall            ? 
# 
_exptl.crystals_number   1 
_exptl.entry_id          3DW6 
_exptl.method            'X-RAY DIFFRACTION' 
# 
_exptl_crystal.id                    1 
_exptl_crystal.density_Matthews      1.90 
_exptl_crystal.density_meas          ? 
_exptl_crystal.density_percent_sol   35.27 
_exptl_crystal.description           ? 
_exptl_crystal.F_000                 ? 
_exptl_crystal.preparation           ? 
# 
_exptl_crystal_grow.crystal_id      1 
_exptl_crystal_grow.method          'VAPOR DIFFUSION, HANGING DROP' 
_exptl_crystal_grow.pH              7.0 
_exptl_crystal_grow.temp            293 
_exptl_crystal_grow.pdbx_details    
'3.2 M (NH4)2SO4, 50 mM K-MOPS pH 7.0, 10 mM MgCl2, 10 mM MnCl2, vapor diffusion, hanging drop, temperature 293K' 
_exptl_crystal_grow.temp_details    ? 
_exptl_crystal_grow.pdbx_pH_range   . 
# 
loop_
_exptl_crystal_grow_comp.crystal_id 
_exptl_crystal_grow_comp.id 
_exptl_crystal_grow_comp.sol_id 
_exptl_crystal_grow_comp.name 
_exptl_crystal_grow_comp.conc 
_exptl_crystal_grow_comp.volume 
_exptl_crystal_grow_comp.details 
1 1  1 '(NH4)2SO4' ? ? ? 
1 2  1 K-MOPS      ? ? ? 
1 3  1 MgCl2       ? ? ? 
1 4  1 MnCl2       ? ? ? 
1 5  1 H2O         ? ? ? 
1 6  2 '(NH4)2SO4' ? ? ? 
1 7  2 K-MOPS      ? ? ? 
1 8  2 MgCl2       ? ? ? 
1 9  2 MnCl2       ? ? ? 
1 10 2 H2O         ? ? ? 
# 
_diffrn.id                     1 
_diffrn.ambient_temp           90 
_diffrn.ambient_temp_details   ? 
_diffrn.crystal_id             1 
# 
_diffrn_detector.diffrn_id              1 
_diffrn_detector.detector               CCD 
_diffrn_detector.type                   'MARMOSAIC 225 mm CCD' 
_diffrn_detector.pdbx_collection_date   2008-05-26 
_diffrn_detector.details                ? 
# 
_diffrn_radiation.diffrn_id                        1 
_diffrn_radiation.pdbx_diffrn_protocol             'SINGLE WAVELENGTH' 
_diffrn_radiation.monochromator                    ? 
_diffrn_radiation.wavelength_id                    1 
_diffrn_radiation.pdbx_monochromatic_or_laue_m_l   M 
_diffrn_radiation.pdbx_scattering_type             x-ray 
# 
_diffrn_radiation_wavelength.id           1 
_diffrn_radiation_wavelength.wavelength   0.97916 
_diffrn_radiation_wavelength.wt           1.0 
# 
_diffrn_source.diffrn_id                   1 
_diffrn_source.source                      SYNCHROTRON 
_diffrn_source.type                        'SLS BEAMLINE X10SA' 
_diffrn_source.pdbx_wavelength_list        0.97916 
_diffrn_source.pdbx_wavelength             ? 
_diffrn_source.pdbx_synchrotron_site       SLS 
_diffrn_source.pdbx_synchrotron_beamline   X10SA 
# 
_reflns.entry_id                     3DW6 
_reflns.d_resolution_high            1.000 
_reflns.number_obs                   64959 
_reflns.pdbx_Rmerge_I_obs            ? 
_reflns.pdbx_netI_over_sigmaI        16.990 
_reflns.percent_possible_obs         92.500 
_reflns.B_iso_Wilson_estimate        11.318 
_reflns.observed_criterion_sigma_I   ? 
_reflns.observed_criterion_sigma_F   ? 
_reflns.d_resolution_low             ? 
_reflns.number_all                   ? 
_reflns.pdbx_Rsym_value              0.054 
_reflns.pdbx_redundancy              6.3 
_reflns.R_free_details               ? 
_reflns.limit_h_max                  ? 
_reflns.limit_h_min                  ? 
_reflns.limit_k_max                  ? 
_reflns.limit_k_min                  ? 
_reflns.limit_l_max                  ? 
_reflns.limit_l_min                  ? 
_reflns.observed_criterion_F_max     ? 
_reflns.observed_criterion_F_min     ? 
_reflns.pdbx_chi_squared             ? 
_reflns.pdbx_scaling_rejects         ? 
_reflns.pdbx_ordinal                 1 
_reflns.pdbx_diffrn_id               1 
# 
_reflns_shell.d_res_high             1.00 
_reflns_shell.d_res_low              1.10 
_reflns_shell.number_measured_obs    45575 
_reflns_shell.number_measured_all    ? 
_reflns_shell.number_unique_obs      12469 
_reflns_shell.Rmerge_I_obs           ? 
_reflns_shell.meanI_over_sigI_obs    2.8 
_reflns_shell.pdbx_Rsym_value        0.417 
_reflns_shell.pdbx_chi_squared       ? 
_reflns_shell.pdbx_redundancy        ? 
_reflns_shell.percent_possible_obs   ? 
_reflns_shell.number_unique_all      ? 
_reflns_shell.percent_possible_all   71.20 
_reflns_shell.pdbx_ordinal           1 
_reflns_shell.pdbx_diffrn_id         1 
# 
_refine.entry_id                                 3DW6 
_refine.ls_d_res_high                            1.000 
_refine.ls_d_res_low                             20.189 
_refine.pdbx_ls_sigma_F                          1.38 
_refine.ls_percent_reflns_obs                    92.550 
_refine.ls_number_reflns_obs                     64959 
_refine.ls_R_factor_obs                          0.132 
_refine.ls_R_factor_R_work                       0.131 
_refine.ls_R_factor_R_free                       0.149 
_refine.ls_percent_reflns_R_free                 5.010 
_refine.ls_number_reflns_R_free                  3256 
_refine.B_iso_mean                               13.601 
_refine.solvent_model_param_bsol                 60.316 
_refine.solvent_model_param_ksol                 0.460 
_refine.aniso_B[1][1]                            -2.191 
_refine.aniso_B[2][2]                            -2.191 
_refine.aniso_B[3][3]                            0.957 
_refine.aniso_B[1][2]                            -0.000 
_refine.aniso_B[1][3]                            0.000 
_refine.aniso_B[2][3]                            -0.000 
_refine.overall_SU_ML                            0.070 
_refine.solvent_model_details                    'FLAT BULK SOLVENT MODEL' 
_refine.pdbx_solvent_vdw_probe_radii             1.110 
_refine.pdbx_solvent_shrinkage_radii             0.900 
_refine.pdbx_method_to_determine_struct          ? 
_refine.pdbx_stereochemistry_target_values       ML 
_refine.B_iso_max                                41.07 
_refine.B_iso_min                                7.45 
_refine.occupancy_max                            1.00 
_refine.occupancy_min                            0.00 
_refine.pdbx_ls_sigma_I                          ? 
_refine.ls_number_reflns_all                     ? 
_refine.ls_R_factor_all                          ? 
_refine.ls_redundancy_reflns_obs                 ? 
_refine.pdbx_data_cutoff_high_absF               ? 
_refine.pdbx_data_cutoff_low_absF                ? 
_refine.ls_number_parameters                     ? 
_refine.ls_number_restraints                     ? 
_refine.ls_R_factor_R_free_error                 ? 
_refine.ls_R_factor_R_free_error_details         ? 
_refine.pdbx_starting_model                      ? 
_refine.pdbx_ls_cross_valid_method               ? 
_refine.pdbx_R_Free_selection_details            random 
_refine.pdbx_stereochem_target_val_spec_case     ? 
_refine.pdbx_isotropic_thermal_model             ? 
_refine.details                                  ? 
_refine.correlation_coeff_Fo_to_Fc               ? 
_refine.correlation_coeff_Fo_to_Fc_free          ? 
_refine.pdbx_solvent_ion_probe_radii             ? 
_refine.overall_SU_R_Cruickshank_DPI             ? 
_refine.overall_SU_R_free                        ? 
_refine.overall_SU_B                             ? 
_refine.pdbx_overall_ESU_R_Free                  ? 
_refine.pdbx_data_cutoff_high_rms_absF           ? 
_refine.pdbx_overall_ESU_R                       ? 
_refine.ls_wR_factor_R_free                      ? 
_refine.ls_wR_factor_R_work                      ? 
_refine.overall_FOM_free_R_set                   ? 
_refine.overall_FOM_work_R_set                   ? 
_refine.pdbx_overall_phase_error                 ? 
_refine.pdbx_refine_id                           'X-RAY DIFFRACTION' 
_refine.pdbx_diffrn_id                           1 
_refine.pdbx_TLS_residual_ADP_flag               ? 
_refine.pdbx_overall_SU_R_free_Cruickshank_DPI   ? 
_refine.pdbx_overall_SU_R_Blow_DPI               ? 
_refine.pdbx_overall_SU_R_free_Blow_DPI          ? 
# 
_refine_hist.pdbx_refine_id                   'X-RAY DIFFRACTION' 
_refine_hist.cycle_id                         LAST 
_refine_hist.pdbx_number_atoms_protein        0 
_refine_hist.pdbx_number_atoms_nucleic_acid   580 
_refine_hist.pdbx_number_atoms_ligand         6 
_refine_hist.number_atoms_solvent             184 
_refine_hist.number_atoms_total               770 
_refine_hist.d_res_high                       1.000 
_refine_hist.d_res_low                        20.189 
# 
loop_
_refine_ls_restr.type 
_refine_ls_restr.number 
_refine_ls_restr.dev_ideal 
_refine_ls_restr.dev_ideal_target 
_refine_ls_restr.weight 
_refine_ls_restr.pdbx_refine_id 
_refine_ls_restr.pdbx_restraint_function 
f_bond_d           666  0.005  ? ? 'X-RAY DIFFRACTION' ? 
f_angle_d          1044 1.268  ? ? 'X-RAY DIFFRACTION' ? 
f_chiral_restr     131  0.055  ? ? 'X-RAY DIFFRACTION' ? 
f_plane_restr      27   0.012  ? ? 'X-RAY DIFFRACTION' ? 
f_dihedral_angle_d 293  26.164 ? ? 'X-RAY DIFFRACTION' ? 
# 
loop_
_refine_ls_shell.d_res_high 
_refine_ls_shell.d_res_low 
_refine_ls_shell.pdbx_total_number_of_bins_used 
_refine_ls_shell.percent_reflns_obs 
_refine_ls_shell.number_reflns_R_work 
_refine_ls_shell.R_factor_all 
_refine_ls_shell.R_factor_R_work 
_refine_ls_shell.R_factor_R_free 
_refine_ls_shell.percent_reflns_R_free 
_refine_ls_shell.number_reflns_R_free 
_refine_ls_shell.R_factor_R_free_error 
_refine_ls_shell.number_reflns_all 
_refine_ls_shell.number_reflns_obs 
_refine_ls_shell.redundancy_reflns_obs 
_refine_ls_shell.pdbx_refine_id 
1.000 1.015  23 51.000  1493 . 0.299 0.319 . 69  . 1562 . . 'X-RAY DIFFRACTION' 
1.015 1.031  23 60.000  1703 . 0.250 0.279 . 93  . 1796 . . 'X-RAY DIFFRACTION' 
1.031 1.048  23 66.000  1961 . 0.220 0.204 . 78  . 2039 . . 'X-RAY DIFFRACTION' 
1.048 1.066  23 77.000  2288 . 0.198 0.196 . 84  . 2372 . . 'X-RAY DIFFRACTION' 
1.066 1.085  23 85.000  2471 . 0.179 0.197 . 122 . 2593 . . 'X-RAY DIFFRACTION' 
1.085 1.106  23 95.000  2775 . 0.158 0.177 . 118 . 2893 . . 'X-RAY DIFFRACTION' 
1.106 1.129  23 99.000  2857 . 0.147 0.182 . 178 . 3035 . . 'X-RAY DIFFRACTION' 
1.129 1.153  23 100.000 2821 . 0.138 0.151 . 156 . 2977 . . 'X-RAY DIFFRACTION' 
1.153 1.180  23 100.000 2939 . 0.123 0.152 . 182 . 3121 . . 'X-RAY DIFFRACTION' 
1.180 1.209  23 100.000 2872 . 0.123 0.138 . 161 . 3033 . . 'X-RAY DIFFRACTION' 
1.209 1.242  23 100.000 2918 . 0.115 0.128 . 137 . 3055 . . 'X-RAY DIFFRACTION' 
1.242 1.279  23 100.000 2923 . 0.114 0.123 . 145 . 3068 . . 'X-RAY DIFFRACTION' 
1.279 1.320  23 100.000 2864 . 0.123 0.153 . 168 . 3032 . . 'X-RAY DIFFRACTION' 
1.320 1.367  23 100.000 2896 . 0.118 0.170 . 172 . 3068 . . 'X-RAY DIFFRACTION' 
1.367 1.422  23 100.000 2903 . 0.121 0.127 . 141 . 3044 . . 'X-RAY DIFFRACTION' 
1.422 1.487  23 100.000 2901 . 0.118 0.125 . 178 . 3079 . . 'X-RAY DIFFRACTION' 
1.487 1.565  23 100.000 2897 . 0.126 0.133 . 150 . 3047 . . 'X-RAY DIFFRACTION' 
1.565 1.663  23 100.000 2900 . 0.111 0.142 . 135 . 3035 . . 'X-RAY DIFFRACTION' 
1.663 1.791  23 100.000 2854 . 0.111 0.124 . 171 . 3025 . . 'X-RAY DIFFRACTION' 
1.791 1.971  23 100.000 2891 . 0.122 0.150 . 172 . 3063 . . 'X-RAY DIFFRACTION' 
1.971 2.256  23 100.000 2889 . 0.137 0.153 . 149 . 3038 . . 'X-RAY DIFFRACTION' 
2.256 2.842  23 99.000  2858 . 0.150 0.190 . 165 . 3023 . . 'X-RAY DIFFRACTION' 
2.842 20.193 23 97.000  2829 . 0.119 0.117 . 132 . 2961 . . 'X-RAY DIFFRACTION' 
# 
_struct.entry_id                  3DW6 
_struct.title                     'Crystal Structure of the Sarcin/Ricin Domain from E. COLI 23 S rRNA, U2650-SECH3 modified' 
_struct.pdbx_model_details        ? 
_struct.pdbx_CASP_flag            ? 
_struct.pdbx_model_type_details   ? 
# 
_struct_keywords.entry_id        3DW6 
_struct_keywords.text            'RNA, Sarcin Ricin Loop' 
_struct_keywords.pdbx_keywords   RNA 
# 
loop_
_struct_asym.id 
_struct_asym.pdbx_blank_PDB_chainid_flag 
_struct_asym.pdbx_modified 
_struct_asym.entity_id 
_struct_asym.details 
A N N 1 ? 
B N N 2 ? 
C N N 3 ? 
# 
_struct_ref.id                         1 
_struct_ref.db_name                    PDB 
_struct_ref.db_code                    3DW6 
_struct_ref.pdbx_db_accession          3DW6 
_struct_ref.entity_id                  1 
_struct_ref.pdbx_align_begin           2647 
_struct_ref.pdbx_seq_one_letter_code   UGCUCCUAGUACGAGAGGACCGGAGUG 
_struct_ref.pdbx_db_isoform            ? 
# 
_struct_ref_seq.align_id                      1 
_struct_ref_seq.ref_id                        1 
_struct_ref_seq.pdbx_PDB_id_code              3DW6 
_struct_ref_seq.pdbx_strand_id                A 
_struct_ref_seq.seq_align_beg                 1 
_struct_ref_seq.pdbx_seq_align_beg_ins_code   ? 
_struct_ref_seq.seq_align_end                 27 
_struct_ref_seq.pdbx_seq_align_end_ins_code   ? 
_struct_ref_seq.pdbx_db_accession             3DW6 
_struct_ref_seq.db_align_beg                  2647 
_struct_ref_seq.pdbx_db_align_beg_ins_code    ? 
_struct_ref_seq.db_align_end                  2673 
_struct_ref_seq.pdbx_db_align_end_ins_code    ? 
_struct_ref_seq.pdbx_auth_seq_align_beg       2647 
_struct_ref_seq.pdbx_auth_seq_align_end       2673 
# 
_pdbx_struct_assembly.id                   1 
_pdbx_struct_assembly.details              author_and_software_defined_assembly 
_pdbx_struct_assembly.method_details       PISA 
_pdbx_struct_assembly.oligomeric_details   monomeric 
_pdbx_struct_assembly.oligomeric_count     1 
# 
_pdbx_struct_assembly_gen.assembly_id       1 
_pdbx_struct_assembly_gen.oper_expression   1 
_pdbx_struct_assembly_gen.asym_id_list      A,B,C 
# 
_pdbx_struct_oper_list.id                   1 
_pdbx_struct_oper_list.type                 'identity operation' 
_pdbx_struct_oper_list.name                 1_555 
_pdbx_struct_oper_list.symmetry_operation   x,y,z 
_pdbx_struct_oper_list.matrix[1][1]         1.0000000000 
_pdbx_struct_oper_list.matrix[1][2]         0.0000000000 
_pdbx_struct_oper_list.matrix[1][3]         0.0000000000 
_pdbx_struct_oper_list.vector[1]            0.0000000000 
_pdbx_struct_oper_list.matrix[2][1]         0.0000000000 
_pdbx_struct_oper_list.matrix[2][2]         1.0000000000 
_pdbx_struct_oper_list.matrix[2][3]         0.0000000000 
_pdbx_struct_oper_list.vector[2]            0.0000000000 
_pdbx_struct_oper_list.matrix[3][1]         0.0000000000 
_pdbx_struct_oper_list.matrix[3][2]         0.0000000000 
_pdbx_struct_oper_list.matrix[3][3]         1.0000000000 
_pdbx_struct_oper_list.vector[3]            0.0000000000 
# 
_struct_biol.id        1 
_struct_biol.details   ? 
# 
loop_
_struct_conn.id 
_struct_conn.conn_type_id 
_struct_conn.pdbx_leaving_atom_flag 
_struct_conn.pdbx_PDB_id 
_struct_conn.ptnr1_label_asym_id 
_struct_conn.ptnr1_label_comp_id 
_struct_conn.ptnr1_label_seq_id 
_struct_conn.ptnr1_label_atom_id 
_struct_conn.pdbx_ptnr1_label_alt_id 
_struct_conn.pdbx_ptnr1_PDB_ins_code 
_struct_conn.pdbx_ptnr1_standard_comp_id 
_struct_conn.ptnr1_symmetry 
_struct_conn.ptnr2_label_asym_id 
_struct_conn.ptnr2_label_comp_id 
_struct_conn.ptnr2_label_seq_id 
_struct_conn.ptnr2_label_atom_id 
_struct_conn.pdbx_ptnr2_label_alt_id 
_struct_conn.pdbx_ptnr2_PDB_ins_code 
_struct_conn.ptnr1_auth_asym_id 
_struct_conn.ptnr1_auth_comp_id 
_struct_conn.ptnr1_auth_seq_id 
_struct_conn.ptnr2_auth_asym_id 
_struct_conn.ptnr2_auth_comp_id 
_struct_conn.ptnr2_auth_seq_id 
_struct_conn.ptnr2_symmetry 
_struct_conn.pdbx_ptnr3_label_atom_id 
_struct_conn.pdbx_ptnr3_label_seq_id 
_struct_conn.pdbx_ptnr3_label_comp_id 
_struct_conn.pdbx_ptnr3_label_asym_id 
_struct_conn.pdbx_ptnr3_label_alt_id 
_struct_conn.pdbx_ptnr3_PDB_ins_code 
_struct_conn.details 
_struct_conn.pdbx_dist_value 
_struct_conn.pdbx_value_order 
_struct_conn.pdbx_role 
covale1  covale both ? A C   3  "O3'" ? ? ? 1_555 A UMS 4  P  ? ? A C   2649 A UMS 2650 1_555 ? ? ? ? ? ? ?                    
1.593 ? ? 
covale2  covale both ? A UMS 4  "O3'" ? ? ? 1_555 A C   5  P  ? ? A UMS 2650 A C   2651 1_555 ? ? ? ? ? ? ?                    
1.602 ? ? 
hydrog1  hydrog ?    ? A G   2  N1    ? ? ? 1_555 A U   26 O2 ? ? A G   2648 A U   2672 1_555 ? ? ? ? ? ? TYPE_28_PAIR         ? ? 
? 
hydrog2  hydrog ?    ? A G   2  O6    ? ? ? 1_555 A U   26 N3 ? ? A G   2648 A U   2672 1_555 ? ? ? ? ? ? TYPE_28_PAIR         ? ? 
? 
hydrog3  hydrog ?    ? A C   3  N3    ? ? ? 1_555 A G   25 N1 ? ? A C   2649 A G   2671 1_555 ? ? ? ? ? ? WATSON-CRICK         ? ? 
? 
hydrog4  hydrog ?    ? A C   3  N4    ? ? ? 1_555 A G   25 O6 ? ? A C   2649 A G   2671 1_555 ? ? ? ? ? ? WATSON-CRICK         ? ? 
? 
hydrog5  hydrog ?    ? A C   3  O2    ? ? ? 1_555 A G   25 N2 ? ? A C   2649 A G   2671 1_555 ? ? ? ? ? ? WATSON-CRICK         ? ? 
? 
hydrog6  hydrog ?    ? A UMS 4  N3    ? ? ? 1_555 A A   24 N1 ? ? A UMS 2650 A A   2670 1_555 ? ? ? ? ? ? WATSON-CRICK         ? ? 
? 
hydrog7  hydrog ?    ? A UMS 4  O4    ? ? ? 1_555 A A   24 N6 ? ? A UMS 2650 A A   2670 1_555 ? ? ? ? ? ? WATSON-CRICK         ? ? 
? 
hydrog8  hydrog ?    ? A C   5  N3    ? ? ? 1_555 A G   23 N1 ? ? A C   2651 A G   2669 1_555 ? ? ? ? ? ? WATSON-CRICK         ? ? 
? 
hydrog9  hydrog ?    ? A C   5  N4    ? ? ? 1_555 A G   23 O6 ? ? A C   2651 A G   2669 1_555 ? ? ? ? ? ? WATSON-CRICK         ? ? 
? 
hydrog10 hydrog ?    ? A C   5  O2    ? ? ? 1_555 A G   23 N2 ? ? A C   2651 A G   2669 1_555 ? ? ? ? ? ? WATSON-CRICK         ? ? 
? 
hydrog11 hydrog ?    ? A C   6  N3    ? ? ? 1_555 A G   22 N1 ? ? A C   2652 A G   2668 1_555 ? ? ? ? ? ? WATSON-CRICK         ? ? 
? 
hydrog12 hydrog ?    ? A C   6  N4    ? ? ? 1_555 A G   22 O6 ? ? A C   2652 A G   2668 1_555 ? ? ? ? ? ? WATSON-CRICK         ? ? 
? 
hydrog13 hydrog ?    ? A C   6  O2    ? ? ? 1_555 A G   22 N2 ? ? A C   2652 A G   2668 1_555 ? ? ? ? ? ? WATSON-CRICK         ? ? 
? 
hydrog14 hydrog ?    ? A U   7  O2    ? ? ? 1_555 A C   21 N4 ? ? A U   2653 A C   2667 1_555 ? ? ? ? ? ? 'U-C MISPAIR'        ? ? 
? 
hydrog15 hydrog ?    ? A G   9  N2    ? ? ? 1_555 A U   10 O4 ? ? A G   2655 A U   2656 1_555 ? ? ? ? ? ? 'G-U MISPAIR'        ? ? 
? 
hydrog16 hydrog ?    ? A U   10 N3    ? ? ? 1_555 A A   19 N7 ? ? A U   2656 A A   2665 1_555 ? ? ? ? ? ? 'REVERSED HOOGSTEEN' ? ? 
? 
hydrog17 hydrog ?    ? A U   10 O2    ? ? ? 1_555 A A   19 N6 ? ? A U   2656 A A   2665 1_555 ? ? ? ? ? ? 'REVERSED HOOGSTEEN' ? ? 
? 
hydrog18 hydrog ?    ? A A   11 N6    ? ? ? 1_555 A G   18 N3 ? ? A A   2657 A G   2664 1_555 ? ? ? ? ? ? TYPE_11_PAIR         ? ? 
? 
hydrog19 hydrog ?    ? A A   11 N7    ? ? ? 1_555 A G   18 N2 ? ? A A   2657 A G   2664 1_555 ? ? ? ? ? ? TYPE_11_PAIR         ? ? 
? 
hydrog20 hydrog ?    ? A C   12 N3    ? ? ? 1_555 A G   17 N1 ? ? A C   2658 A G   2663 1_555 ? ? ? ? ? ? WATSON-CRICK         ? ? 
? 
hydrog21 hydrog ?    ? A C   12 N4    ? ? ? 1_555 A G   17 O6 ? ? A C   2658 A G   2663 1_555 ? ? ? ? ? ? WATSON-CRICK         ? ? 
? 
hydrog22 hydrog ?    ? A C   12 O2    ? ? ? 1_555 A G   17 N2 ? ? A C   2658 A G   2663 1_555 ? ? ? ? ? ? WATSON-CRICK         ? ? 
? 
hydrog23 hydrog ?    ? A G   13 N2    ? ? ? 1_555 A A   16 N7 ? ? A G   2659 A A   2662 1_555 ? ? ? ? ? ? 'G-A MISPAIR'        ? ? 
? 
# 
loop_
_struct_conn_type.id 
_struct_conn_type.criteria 
_struct_conn_type.reference 
covale ? ? 
hydrog ? ? 
# 
_struct_site.id                   AC1 
_struct_site.pdbx_evidence_code   Software 
_struct_site.pdbx_auth_asym_id    A 
_struct_site.pdbx_auth_comp_id    GOL 
_struct_site.pdbx_auth_seq_id     1 
_struct_site.pdbx_auth_ins_code   ? 
_struct_site.pdbx_num_residues    10 
_struct_site.details              'BINDING SITE FOR RESIDUE GOL A 1' 
# 
loop_
_struct_site_gen.id 
_struct_site_gen.site_id 
_struct_site_gen.pdbx_num_res 
_struct_site_gen.label_comp_id 
_struct_site_gen.label_asym_id 
_struct_site_gen.label_seq_id 
_struct_site_gen.pdbx_auth_ins_code 
_struct_site_gen.auth_comp_id 
_struct_site_gen.auth_asym_id 
_struct_site_gen.auth_seq_id 
_struct_site_gen.label_atom_id 
_struct_site_gen.label_alt_id 
_struct_site_gen.symmetry 
_struct_site_gen.details 
1  AC1 10 U   A 1  ? U   A 2647 . ? 1_655 ? 
2  AC1 10 U   A 7  ? U   A 2653 . ? 1_555 ? 
3  AC1 10 A   A 8  ? A   A 2654 . ? 1_555 ? 
4  AC1 10 U   A 10 ? U   A 2656 . ? 1_555 ? 
5  AC1 10 A   A 14 ? A   A 2660 . ? 1_565 ? 
6  AC1 10 C   A 20 ? C   A 2666 . ? 1_555 ? 
7  AC1 10 HOH C .  ? HOH A 2719 . ? 1_555 ? 
8  AC1 10 HOH C .  ? HOH A 2757 . ? 1_655 ? 
9  AC1 10 HOH C .  ? HOH A 2802 . ? 1_555 ? 
10 AC1 10 HOH C .  ? HOH A 2841 . ? 1_555 ? 
# 
_pdbx_struct_mod_residue.id               1 
_pdbx_struct_mod_residue.label_asym_id    A 
_pdbx_struct_mod_residue.label_comp_id    UMS 
_pdbx_struct_mod_residue.label_seq_id     4 
_pdbx_struct_mod_residue.auth_asym_id     A 
_pdbx_struct_mod_residue.auth_comp_id     UMS 
_pdbx_struct_mod_residue.auth_seq_id      2650 
_pdbx_struct_mod_residue.PDB_ins_code     ? 
_pdbx_struct_mod_residue.parent_comp_id   DU 
_pdbx_struct_mod_residue.details          ? 
# 
loop_
_chem_comp_atom.comp_id 
_chem_comp_atom.atom_id 
_chem_comp_atom.type_symbol 
_chem_comp_atom.pdbx_aromatic_flag 
_chem_comp_atom.pdbx_stereo_config 
_chem_comp_atom.pdbx_ordinal 
A   OP3    O  N N 1   
A   P      P  N N 2   
A   OP1    O  N N 3   
A   OP2    O  N N 4   
A   "O5'"  O  N N 5   
A   "C5'"  C  N N 6   
A   "C4'"  C  N R 7   
A   "O4'"  O  N N 8   
A   "C3'"  C  N S 9   
A   "O3'"  O  N N 10  
A   "C2'"  C  N R 11  
A   "O2'"  O  N N 12  
A   "C1'"  C  N R 13  
A   N9     N  Y N 14  
A   C8     C  Y N 15  
A   N7     N  Y N 16  
A   C5     C  Y N 17  
A   C6     C  Y N 18  
A   N6     N  N N 19  
A   N1     N  Y N 20  
A   C2     C  Y N 21  
A   N3     N  Y N 22  
A   C4     C  Y N 23  
A   HOP3   H  N N 24  
A   HOP2   H  N N 25  
A   "H5'"  H  N N 26  
A   "H5''" H  N N 27  
A   "H4'"  H  N N 28  
A   "H3'"  H  N N 29  
A   "HO3'" H  N N 30  
A   "H2'"  H  N N 31  
A   "HO2'" H  N N 32  
A   "H1'"  H  N N 33  
A   H8     H  N N 34  
A   H61    H  N N 35  
A   H62    H  N N 36  
A   H2     H  N N 37  
C   OP3    O  N N 38  
C   P      P  N N 39  
C   OP1    O  N N 40  
C   OP2    O  N N 41  
C   "O5'"  O  N N 42  
C   "C5'"  C  N N 43  
C   "C4'"  C  N R 44  
C   "O4'"  O  N N 45  
C   "C3'"  C  N S 46  
C   "O3'"  O  N N 47  
C   "C2'"  C  N R 48  
C   "O2'"  O  N N 49  
C   "C1'"  C  N R 50  
C   N1     N  N N 51  
C   C2     C  N N 52  
C   O2     O  N N 53  
C   N3     N  N N 54  
C   C4     C  N N 55  
C   N4     N  N N 56  
C   C5     C  N N 57  
C   C6     C  N N 58  
C   HOP3   H  N N 59  
C   HOP2   H  N N 60  
C   "H5'"  H  N N 61  
C   "H5''" H  N N 62  
C   "H4'"  H  N N 63  
C   "H3'"  H  N N 64  
C   "HO3'" H  N N 65  
C   "H2'"  H  N N 66  
C   "HO2'" H  N N 67  
C   "H1'"  H  N N 68  
C   H41    H  N N 69  
C   H42    H  N N 70  
C   H5     H  N N 71  
C   H6     H  N N 72  
G   OP3    O  N N 73  
G   P      P  N N 74  
G   OP1    O  N N 75  
G   OP2    O  N N 76  
G   "O5'"  O  N N 77  
G   "C5'"  C  N N 78  
G   "C4'"  C  N R 79  
G   "O4'"  O  N N 80  
G   "C3'"  C  N S 81  
G   "O3'"  O  N N 82  
G   "C2'"  C  N R 83  
G   "O2'"  O  N N 84  
G   "C1'"  C  N R 85  
G   N9     N  Y N 86  
G   C8     C  Y N 87  
G   N7     N  Y N 88  
G   C5     C  Y N 89  
G   C6     C  N N 90  
G   O6     O  N N 91  
G   N1     N  N N 92  
G   C2     C  N N 93  
G   N2     N  N N 94  
G   N3     N  N N 95  
G   C4     C  Y N 96  
G   HOP3   H  N N 97  
G   HOP2   H  N N 98  
G   "H5'"  H  N N 99  
G   "H5''" H  N N 100 
G   "H4'"  H  N N 101 
G   "H3'"  H  N N 102 
G   "HO3'" H  N N 103 
G   "H2'"  H  N N 104 
G   "HO2'" H  N N 105 
G   "H1'"  H  N N 106 
G   H8     H  N N 107 
G   H1     H  N N 108 
G   H21    H  N N 109 
G   H22    H  N N 110 
GOL C1     C  N N 111 
GOL O1     O  N N 112 
GOL C2     C  N N 113 
GOL O2     O  N N 114 
GOL C3     C  N N 115 
GOL O3     O  N N 116 
GOL H11    H  N N 117 
GOL H12    H  N N 118 
GOL HO1    H  N N 119 
GOL H2     H  N N 120 
GOL HO2    H  N N 121 
GOL H31    H  N N 122 
GOL H32    H  N N 123 
GOL HO3    H  N N 124 
HOH O      O  N N 125 
HOH H1     H  N N 126 
HOH H2     H  N N 127 
U   OP3    O  N N 128 
U   P      P  N N 129 
U   OP1    O  N N 130 
U   OP2    O  N N 131 
U   "O5'"  O  N N 132 
U   "C5'"  C  N N 133 
U   "C4'"  C  N R 134 
U   "O4'"  O  N N 135 
U   "C3'"  C  N S 136 
U   "O3'"  O  N N 137 
U   "C2'"  C  N R 138 
U   "O2'"  O  N N 139 
U   "C1'"  C  N R 140 
U   N1     N  N N 141 
U   C2     C  N N 142 
U   O2     O  N N 143 
U   N3     N  N N 144 
U   C4     C  N N 145 
U   O4     O  N N 146 
U   C5     C  N N 147 
U   C6     C  N N 148 
U   HOP3   H  N N 149 
U   HOP2   H  N N 150 
U   "H5'"  H  N N 151 
U   "H5''" H  N N 152 
U   "H4'"  H  N N 153 
U   "H3'"  H  N N 154 
U   "HO3'" H  N N 155 
U   "H2'"  H  N N 156 
U   "HO2'" H  N N 157 
U   "H1'"  H  N N 158 
U   H3     H  N N 159 
U   H5     H  N N 160 
U   H6     H  N N 161 
UMS OP3    O  N N 162 
UMS P      P  N N 163 
UMS OP1    O  N N 164 
UMS OP2    O  N N 165 
UMS "O5'"  O  N N 166 
UMS "C5'"  C  N N 167 
UMS "C4'"  C  N R 168 
UMS "O4'"  O  N N 169 
UMS "C3'"  C  N R 170 
UMS "O3'"  O  N N 171 
UMS "C2'"  C  N R 172 
UMS "SE2'" SE N N 173 
UMS "C1'"  C  N R 174 
UMS "CA'"  C  N N 175 
UMS N1     N  N N 176 
UMS C2     C  N N 177 
UMS O2     O  N N 178 
UMS N3     N  N N 179 
UMS C4     C  N N 180 
UMS O4     O  N N 181 
UMS C5     C  N N 182 
UMS C6     C  N N 183 
UMS HOP3   H  N N 184 
UMS HOP2   H  N N 185 
UMS "H5'"  H  N N 186 
UMS "H5'2" H  N N 187 
UMS "H4'"  H  N N 188 
UMS "H3'"  H  N N 189 
UMS "HO3'" H  N N 190 
UMS "H2'"  H  N N 191 
UMS "H1'"  H  N N 192 
UMS "HA'"  H  N N 193 
UMS "HA'2" H  N N 194 
UMS "HA'3" H  N N 195 
UMS H3     H  N N 196 
UMS H5     H  N N 197 
UMS H6     H  N N 198 
# 
loop_
_chem_comp_bond.comp_id 
_chem_comp_bond.atom_id_1 
_chem_comp_bond.atom_id_2 
_chem_comp_bond.value_order 
_chem_comp_bond.pdbx_aromatic_flag 
_chem_comp_bond.pdbx_stereo_config 
_chem_comp_bond.pdbx_ordinal 
A   OP3    P      sing N N 1   
A   OP3    HOP3   sing N N 2   
A   P      OP1    doub N N 3   
A   P      OP2    sing N N 4   
A   P      "O5'"  sing N N 5   
A   OP2    HOP2   sing N N 6   
A   "O5'"  "C5'"  sing N N 7   
A   "C5'"  "C4'"  sing N N 8   
A   "C5'"  "H5'"  sing N N 9   
A   "C5'"  "H5''" sing N N 10  
A   "C4'"  "O4'"  sing N N 11  
A   "C4'"  "C3'"  sing N N 12  
A   "C4'"  "H4'"  sing N N 13  
A   "O4'"  "C1'"  sing N N 14  
A   "C3'"  "O3'"  sing N N 15  
A   "C3'"  "C2'"  sing N N 16  
A   "C3'"  "H3'"  sing N N 17  
A   "O3'"  "HO3'" sing N N 18  
A   "C2'"  "O2'"  sing N N 19  
A   "C2'"  "C1'"  sing N N 20  
A   "C2'"  "H2'"  sing N N 21  
A   "O2'"  "HO2'" sing N N 22  
A   "C1'"  N9     sing N N 23  
A   "C1'"  "H1'"  sing N N 24  
A   N9     C8     sing Y N 25  
A   N9     C4     sing Y N 26  
A   C8     N7     doub Y N 27  
A   C8     H8     sing N N 28  
A   N7     C5     sing Y N 29  
A   C5     C6     sing Y N 30  
A   C5     C4     doub Y N 31  
A   C6     N6     sing N N 32  
A   C6     N1     doub Y N 33  
A   N6     H61    sing N N 34  
A   N6     H62    sing N N 35  
A   N1     C2     sing Y N 36  
A   C2     N3     doub Y N 37  
A   C2     H2     sing N N 38  
A   N3     C4     sing Y N 39  
C   OP3    P      sing N N 40  
C   OP3    HOP3   sing N N 41  
C   P      OP1    doub N N 42  
C   P      OP2    sing N N 43  
C   P      "O5'"  sing N N 44  
C   OP2    HOP2   sing N N 45  
C   "O5'"  "C5'"  sing N N 46  
C   "C5'"  "C4'"  sing N N 47  
C   "C5'"  "H5'"  sing N N 48  
C   "C5'"  "H5''" sing N N 49  
C   "C4'"  "O4'"  sing N N 50  
C   "C4'"  "C3'"  sing N N 51  
C   "C4'"  "H4'"  sing N N 52  
C   "O4'"  "C1'"  sing N N 53  
C   "C3'"  "O3'"  sing N N 54  
C   "C3'"  "C2'"  sing N N 55  
C   "C3'"  "H3'"  sing N N 56  
C   "O3'"  "HO3'" sing N N 57  
C   "C2'"  "O2'"  sing N N 58  
C   "C2'"  "C1'"  sing N N 59  
C   "C2'"  "H2'"  sing N N 60  
C   "O2'"  "HO2'" sing N N 61  
C   "C1'"  N1     sing N N 62  
C   "C1'"  "H1'"  sing N N 63  
C   N1     C2     sing N N 64  
C   N1     C6     sing N N 65  
C   C2     O2     doub N N 66  
C   C2     N3     sing N N 67  
C   N3     C4     doub N N 68  
C   C4     N4     sing N N 69  
C   C4     C5     sing N N 70  
C   N4     H41    sing N N 71  
C   N4     H42    sing N N 72  
C   C5     C6     doub N N 73  
C   C5     H5     sing N N 74  
C   C6     H6     sing N N 75  
G   OP3    P      sing N N 76  
G   OP3    HOP3   sing N N 77  
G   P      OP1    doub N N 78  
G   P      OP2    sing N N 79  
G   P      "O5'"  sing N N 80  
G   OP2    HOP2   sing N N 81  
G   "O5'"  "C5'"  sing N N 82  
G   "C5'"  "C4'"  sing N N 83  
G   "C5'"  "H5'"  sing N N 84  
G   "C5'"  "H5''" sing N N 85  
G   "C4'"  "O4'"  sing N N 86  
G   "C4'"  "C3'"  sing N N 87  
G   "C4'"  "H4'"  sing N N 88  
G   "O4'"  "C1'"  sing N N 89  
G   "C3'"  "O3'"  sing N N 90  
G   "C3'"  "C2'"  sing N N 91  
G   "C3'"  "H3'"  sing N N 92  
G   "O3'"  "HO3'" sing N N 93  
G   "C2'"  "O2'"  sing N N 94  
G   "C2'"  "C1'"  sing N N 95  
G   "C2'"  "H2'"  sing N N 96  
G   "O2'"  "HO2'" sing N N 97  
G   "C1'"  N9     sing N N 98  
G   "C1'"  "H1'"  sing N N 99  
G   N9     C8     sing Y N 100 
G   N9     C4     sing Y N 101 
G   C8     N7     doub Y N 102 
G   C8     H8     sing N N 103 
G   N7     C5     sing Y N 104 
G   C5     C6     sing N N 105 
G   C5     C4     doub Y N 106 
G   C6     O6     doub N N 107 
G   C6     N1     sing N N 108 
G   N1     C2     sing N N 109 
G   N1     H1     sing N N 110 
G   C2     N2     sing N N 111 
G   C2     N3     doub N N 112 
G   N2     H21    sing N N 113 
G   N2     H22    sing N N 114 
G   N3     C4     sing N N 115 
GOL C1     O1     sing N N 116 
GOL C1     C2     sing N N 117 
GOL C1     H11    sing N N 118 
GOL C1     H12    sing N N 119 
GOL O1     HO1    sing N N 120 
GOL C2     O2     sing N N 121 
GOL C2     C3     sing N N 122 
GOL C2     H2     sing N N 123 
GOL O2     HO2    sing N N 124 
GOL C3     O3     sing N N 125 
GOL C3     H31    sing N N 126 
GOL C3     H32    sing N N 127 
GOL O3     HO3    sing N N 128 
HOH O      H1     sing N N 129 
HOH O      H2     sing N N 130 
U   OP3    P      sing N N 131 
U   OP3    HOP3   sing N N 132 
U   P      OP1    doub N N 133 
U   P      OP2    sing N N 134 
U   P      "O5'"  sing N N 135 
U   OP2    HOP2   sing N N 136 
U   "O5'"  "C5'"  sing N N 137 
U   "C5'"  "C4'"  sing N N 138 
U   "C5'"  "H5'"  sing N N 139 
U   "C5'"  "H5''" sing N N 140 
U   "C4'"  "O4'"  sing N N 141 
U   "C4'"  "C3'"  sing N N 142 
U   "C4'"  "H4'"  sing N N 143 
U   "O4'"  "C1'"  sing N N 144 
U   "C3'"  "O3'"  sing N N 145 
U   "C3'"  "C2'"  sing N N 146 
U   "C3'"  "H3'"  sing N N 147 
U   "O3'"  "HO3'" sing N N 148 
U   "C2'"  "O2'"  sing N N 149 
U   "C2'"  "C1'"  sing N N 150 
U   "C2'"  "H2'"  sing N N 151 
U   "O2'"  "HO2'" sing N N 152 
U   "C1'"  N1     sing N N 153 
U   "C1'"  "H1'"  sing N N 154 
U   N1     C2     sing N N 155 
U   N1     C6     sing N N 156 
U   C2     O2     doub N N 157 
U   C2     N3     sing N N 158 
U   N3     C4     sing N N 159 
U   N3     H3     sing N N 160 
U   C4     O4     doub N N 161 
U   C4     C5     sing N N 162 
U   C5     C6     doub N N 163 
U   C5     H5     sing N N 164 
U   C6     H6     sing N N 165 
UMS OP3    P      sing N N 166 
UMS OP3    HOP3   sing N N 167 
UMS P      OP1    doub N N 168 
UMS P      OP2    sing N N 169 
UMS P      "O5'"  sing N N 170 
UMS OP2    HOP2   sing N N 171 
UMS "O5'"  "C5'"  sing N N 172 
UMS "C5'"  "C4'"  sing N N 173 
UMS "C5'"  "H5'"  sing N N 174 
UMS "C5'"  "H5'2" sing N N 175 
UMS "C4'"  "O4'"  sing N N 176 
UMS "C4'"  "C3'"  sing N N 177 
UMS "C4'"  "H4'"  sing N N 178 
UMS "O4'"  "C1'"  sing N N 179 
UMS "C3'"  "O3'"  sing N N 180 
UMS "C3'"  "C2'"  sing N N 181 
UMS "C3'"  "H3'"  sing N N 182 
UMS "O3'"  "HO3'" sing N N 183 
UMS "C2'"  "SE2'" sing N N 184 
UMS "C2'"  "C1'"  sing N N 185 
UMS "C2'"  "H2'"  sing N N 186 
UMS "SE2'" "CA'"  sing N N 187 
UMS "C1'"  N1     sing N N 188 
UMS "C1'"  "H1'"  sing N N 189 
UMS "CA'"  "HA'"  sing N N 190 
UMS "CA'"  "HA'2" sing N N 191 
UMS "CA'"  "HA'3" sing N N 192 
UMS N1     C2     sing N N 193 
UMS N1     C6     sing N N 194 
UMS C2     O2     doub N N 195 
UMS C2     N3     sing N N 196 
UMS N3     C4     sing N N 197 
UMS N3     H3     sing N N 198 
UMS C4     O4     doub N N 199 
UMS C4     C5     sing N N 200 
UMS C5     C6     doub N N 201 
UMS C5     H5     sing N N 202 
UMS C6     H6     sing N N 203 
# 
loop_
_ndb_struct_conf_na.entry_id 
_ndb_struct_conf_na.feature 
3DW6 'double helix'         
3DW6 'a-form double helix'  
3DW6 'mismatched base pair' 
3DW6 'triple helix'         
# 
loop_
_ndb_struct_na_base_pair.model_number 
_ndb_struct_na_base_pair.i_label_asym_id 
_ndb_struct_na_base_pair.i_label_comp_id 
_ndb_struct_na_base_pair.i_label_seq_id 
_ndb_struct_na_base_pair.i_symmetry 
_ndb_struct_na_base_pair.j_label_asym_id 
_ndb_struct_na_base_pair.j_label_comp_id 
_ndb_struct_na_base_pair.j_label_seq_id 
_ndb_struct_na_base_pair.j_symmetry 
_ndb_struct_na_base_pair.shear 
_ndb_struct_na_base_pair.stretch 
_ndb_struct_na_base_pair.stagger 
_ndb_struct_na_base_pair.buckle 
_ndb_struct_na_base_pair.propeller 
_ndb_struct_na_base_pair.opening 
_ndb_struct_na_base_pair.pair_number 
_ndb_struct_na_base_pair.pair_name 
_ndb_struct_na_base_pair.i_auth_asym_id 
_ndb_struct_na_base_pair.i_auth_seq_id 
_ndb_struct_na_base_pair.i_PDB_ins_code 
_ndb_struct_na_base_pair.j_auth_asym_id 
_ndb_struct_na_base_pair.j_auth_seq_id 
_ndb_struct_na_base_pair.j_PDB_ins_code 
_ndb_struct_na_base_pair.hbond_type_28 
_ndb_struct_na_base_pair.hbond_type_12 
1 A G   2  1_555 A U 26 1_555 -2.370 -0.533 0.247  4.600  -13.450 1.752    1  A_G2648:U2672_A   A 2648 ? A 2672 ? 28 ?  
1 A C   3  1_555 A G 25 1_555 0.264  -0.229 0.142  6.294  -20.248 -0.905   2  A_C2649:G2671_A   A 2649 ? A 2671 ? 19 1  
1 A UMS 4  1_555 A A 24 1_555 -0.188 -0.024 0.155  3.622  -13.873 1.303    3  A_UMS2650:A2670_A A 2650 ? A 2670 ? 20 1  
1 A C   5  1_555 A G 23 1_555 0.274  -0.160 -0.004 7.948  -18.137 1.777    4  A_C2651:G2669_A   A 2651 ? A 2669 ? 19 1  
1 A C   6  1_555 A G 22 1_555 0.296  -0.161 0.072  -2.681 -12.977 -2.013   5  A_C2652:G2668_A   A 2652 ? A 2668 ? 19 1  
1 A U   7  1_555 A C 21 1_555 5.645  -2.132 -0.139 -3.189 -11.690 -11.832  6  A_U2653:C2667_A   A 2653 ? A 2667 ? ?  ?  
1 A U   10 1_555 A A 19 1_555 4.073  -1.759 -0.681 6.349  -16.938 -103.312 7  A_U2656:A2665_A   A 2656 ? A 2665 ? 24 4  
1 A A   11 1_555 A G 18 1_555 -6.855 -4.340 -0.058 -1.830 2.172   -3.832   8  A_A2657:G2664_A   A 2657 ? A 2664 ? 11 10 
1 A C   12 1_555 A G 17 1_555 0.149  -0.090 -0.191 6.778  -1.751  0.758    9  A_C2658:G2663_A   A 2658 ? A 2663 ? 19 1  
1 A G   13 1_555 A A 16 1_555 7.194  -5.281 0.789  18.823 -4.579  -19.157  10 A_G2659:A2662_A   A 2659 ? A 2662 ? ?  ?  
# 
loop_
_ndb_struct_na_base_pair_step.model_number 
_ndb_struct_na_base_pair_step.i_label_asym_id_1 
_ndb_struct_na_base_pair_step.i_label_comp_id_1 
_ndb_struct_na_base_pair_step.i_label_seq_id_1 
_ndb_struct_na_base_pair_step.i_symmetry_1 
_ndb_struct_na_base_pair_step.j_label_asym_id_1 
_ndb_struct_na_base_pair_step.j_label_comp_id_1 
_ndb_struct_na_base_pair_step.j_label_seq_id_1 
_ndb_struct_na_base_pair_step.j_symmetry_1 
_ndb_struct_na_base_pair_step.i_label_asym_id_2 
_ndb_struct_na_base_pair_step.i_label_comp_id_2 
_ndb_struct_na_base_pair_step.i_label_seq_id_2 
_ndb_struct_na_base_pair_step.i_symmetry_2 
_ndb_struct_na_base_pair_step.j_label_asym_id_2 
_ndb_struct_na_base_pair_step.j_label_comp_id_2 
_ndb_struct_na_base_pair_step.j_label_seq_id_2 
_ndb_struct_na_base_pair_step.j_symmetry_2 
_ndb_struct_na_base_pair_step.shift 
_ndb_struct_na_base_pair_step.slide 
_ndb_struct_na_base_pair_step.rise 
_ndb_struct_na_base_pair_step.tilt 
_ndb_struct_na_base_pair_step.roll 
_ndb_struct_na_base_pair_step.twist 
_ndb_struct_na_base_pair_step.x_displacement 
_ndb_struct_na_base_pair_step.y_displacement 
_ndb_struct_na_base_pair_step.helical_rise 
_ndb_struct_na_base_pair_step.inclination 
_ndb_struct_na_base_pair_step.tip 
_ndb_struct_na_base_pair_step.helical_twist 
_ndb_struct_na_base_pair_step.step_number 
_ndb_struct_na_base_pair_step.step_name 
_ndb_struct_na_base_pair_step.i_auth_asym_id_1 
_ndb_struct_na_base_pair_step.i_auth_seq_id_1 
_ndb_struct_na_base_pair_step.i_PDB_ins_code_1 
_ndb_struct_na_base_pair_step.j_auth_asym_id_1 
_ndb_struct_na_base_pair_step.j_auth_seq_id_1 
_ndb_struct_na_base_pair_step.j_PDB_ins_code_1 
_ndb_struct_na_base_pair_step.i_auth_asym_id_2 
_ndb_struct_na_base_pair_step.i_auth_seq_id_2 
_ndb_struct_na_base_pair_step.i_PDB_ins_code_2 
_ndb_struct_na_base_pair_step.j_auth_asym_id_2 
_ndb_struct_na_base_pair_step.j_auth_seq_id_2 
_ndb_struct_na_base_pair_step.j_PDB_ins_code_2 
1 A G   2  1_555 A U 26 1_555 A C   3  1_555 A G 25 1_555 -0.009 -1.160 3.135 -0.649 3.685  44.166  -1.862 -0.044 3.034 4.890  
0.861   44.316  1 AA_G2648C2649:G2671U2672_AA   A 2648 ? A 2672 ? A 2649 ? A 2671 ? 
1 A C   3  1_555 A G 25 1_555 A UMS 4  1_555 A A 24 1_555 -0.689 -1.768 3.183 -4.127 9.661  28.058  -5.226 0.565  2.522 19.100 
8.158   29.923  2 AA_C2649UMS2650:A2670G2671_AA A 2649 ? A 2671 ? A 2650 ? A 2670 ? 
1 A UMS 4  1_555 A A 24 1_555 A C   5  1_555 A G 23 1_555 0.282  -1.016 3.058 0.057  4.299  34.861  -2.273 -0.460 2.916 7.141  
-0.094  35.117  3 AA_UMS2650C2651:G2669A2670_AA A 2650 ? A 2670 ? A 2651 ? A 2669 ? 
1 A C   5  1_555 A G 23 1_555 A C   6  1_555 A G 22 1_555 -0.606 -1.910 3.429 -0.947 8.383  32.365  -4.681 0.899  2.874 14.729 
1.665   33.418  4 AA_C2651C2652:G2668G2669_AA   A 2651 ? A 2669 ? A 2652 ? A 2668 ? 
1 A C   6  1_555 A G 22 1_555 A U   7  1_555 A C 21 1_555 -0.402 -0.931 3.463 7.156  8.644  54.275  -1.527 0.866  3.219 9.363  
-7.751  55.337  5 AA_C2652U2653:C2667G2668_AA   A 2652 ? A 2668 ? A 2653 ? A 2667 ? 
1 A U   7  1_555 A C 21 1_555 A U   10 1_555 A A 19 1_555 0.440  -0.785 6.294 5.091  -4.650 32.472  0.149  0.898  6.337 -8.200 
-8.978  33.176  6 AA_U2653U2656:A2665C2667_AA   A 2653 ? A 2667 ? A 2656 ? A 2665 ? 
1 A U   10 1_555 A A 19 1_555 A A   11 1_555 A G 18 1_555 5.182  -1.251 3.548 -2.290 -1.613 -11.891 8.327  20.880 4.257 7.650  
-10.859 -12.215 7 AA_U2656A2657:G2664A2665_AA   A 2656 ? A 2665 ? A 2657 ? A 2664 ? 
1 A A   11 1_555 A G 18 1_555 A C   12 1_555 A G 17 1_555 0.261  -1.201 3.189 -1.586 4.198  60.127  -1.394 -0.335 3.100 4.184  
1.581   60.278  8 AA_A2657C2658:G2663G2664_AA   A 2657 ? A 2664 ? A 2658 ? A 2663 ? 
1 A C   12 1_555 A G 17 1_555 A G   13 1_555 A A 16 1_555 -2.832 -1.379 2.912 -7.544 6.488  49.540  -2.045 2.825  3.093 7.653  
8.899   50.468  9 AA_C2658G2659:A2662G2663_AA   A 2658 ? A 2663 ? A 2659 ? A 2662 ? 
# 
_atom_sites.entry_id                    3DW6 
_atom_sites.fract_transf_matrix[1][1]   0.03213550 
_atom_sites.fract_transf_matrix[1][2]   -0.00307970 
_atom_sites.fract_transf_matrix[1][3]   0.00995909 
_atom_sites.fract_transf_matrix[2][1]   -0.00976052 
_atom_sites.fract_transf_matrix[2][2]   -0.02022332 
_atom_sites.fract_transf_matrix[2][3]   0.02524100 
_atom_sites.fract_transf_matrix[3][1]   0.00141587 
_atom_sites.fract_transf_matrix[3][2]   -0.01039923 
_atom_sites.fract_transf_matrix[3][3]   -0.00778445 
_atom_sites.fract_transf_vector[1]      -0.330565 
_atom_sites.fract_transf_vector[2]      1.671766 
_atom_sites.fract_transf_vector[3]      -0.169995 
# 
loop_
_atom_type.symbol 
C  
H  
N  
O  
P  
SE 
# 
loop_
_atom_site.group_PDB 
_atom_site.id 
_atom_site.type_symbol 
_atom_site.label_atom_id 
_atom_site.label_alt_id 
_atom_site.label_comp_id 
_atom_site.label_asym_id 
_atom_site.label_entity_id 
_atom_site.label_seq_id 
_atom_site.pdbx_PDB_ins_code 
_atom_site.Cartn_x 
_atom_site.Cartn_y 
_atom_site.Cartn_z 
_atom_site.occupancy 
_atom_site.B_iso_or_equiv 
_atom_site.pdbx_formal_charge 
_atom_site.auth_seq_id 
_atom_site.auth_comp_id 
_atom_site.auth_asym_id 
_atom_site.auth_atom_id 
_atom_site.pdbx_PDB_model_num 
ATOM   1   O  "O5'"  . U   A 1 1  ? -17.788 -4.562  -7.237  1.00 17.54 ? 2647 U   A "O5'"  1 
ATOM   2   C  "C5'"  . U   A 1 1  ? -17.478 -3.571  -6.264  1.00 17.03 ? 2647 U   A "C5'"  1 
ATOM   3   C  "C4'"  . U   A 1 1  ? -16.782 -4.187  -5.062  1.00 16.32 ? 2647 U   A "C4'"  1 
ATOM   4   O  "O4'"  . U   A 1 1  ? -17.676 -5.086  -4.354  1.00 15.73 ? 2647 U   A "O4'"  1 
ATOM   5   C  "C3'"  . U   A 1 1  ? -15.534 -5.003  -5.376  1.00 15.78 ? 2647 U   A "C3'"  1 
ATOM   6   O  "O3'"  . U   A 1 1  ? -14.573 -4.772  -4.363  1.00 16.20 ? 2647 U   A "O3'"  1 
ATOM   7   C  "C2'"  . U   A 1 1  ? -16.052 -6.432  -5.326  1.00 14.51 ? 2647 U   A "C2'"  1 
ATOM   8   O  "O2'"  . U   A 1 1  ? -15.038 -7.385  -5.064  1.00 13.92 ? 2647 U   A "O2'"  1 
ATOM   9   C  "C1'"  . U   A 1 1  ? -17.015 -6.318  -4.151  1.00 14.51 ? 2647 U   A "C1'"  1 
ATOM   10  N  N1     . U   A 1 1  ? -18.005 -7.404  -4.178  1.00 14.30 ? 2647 U   A N1     1 
ATOM   11  C  C2     . U   A 1 1  ? -17.899 -8.450  -3.287  1.00 13.88 ? 2647 U   A C2     1 
ATOM   12  O  O2     . U   A 1 1  ? -17.028 -8.523  -2.437  1.00 14.42 ? 2647 U   A O2     1 
ATOM   13  N  N3     . U   A 1 1  ? -18.869 -9.412  -3.427  1.00 14.41 ? 2647 U   A N3     1 
ATOM   14  C  C4     . U   A 1 1  ? -19.898 -9.425  -4.352  1.00 14.35 ? 2647 U   A C4     1 
ATOM   15  O  O4     . U   A 1 1  ? -20.699 -10.352 -4.362  1.00 15.14 ? 2647 U   A O4     1 
ATOM   16  C  C5     . U   A 1 1  ? -19.932 -8.301  -5.249  1.00 15.13 ? 2647 U   A C5     1 
ATOM   17  C  C6     . U   A 1 1  ? -18.998 -7.357  -5.133  1.00 15.19 ? 2647 U   A C6     1 
ATOM   18  P  P      . G   A 1 2  ? -13.176 -4.091  -4.726  1.00 16.34 ? 2648 G   A P      1 
ATOM   19  O  OP1    . G   A 1 2  ? -12.989 -4.180  -6.190  1.00 17.96 ? 2648 G   A OP1    1 
ATOM   20  O  OP2    . G   A 1 2  ? -12.149 -4.636  -3.813  1.00 16.91 ? 2648 G   A OP2    1 
ATOM   21  O  "O5'"  . G   A 1 2  ? -13.401 -2.563  -4.295  1.00 16.20 ? 2648 G   A "O5'"  1 
ATOM   22  C  "C5'"  . G   A 1 2  ? -14.198 -1.665  -5.063  1.00 15.83 ? 2648 G   A "C5'"  1 
ATOM   23  C  "C4'"  . G   A 1 2  ? -14.760 -0.570  -4.173  1.00 14.99 ? 2648 G   A "C4'"  1 
ATOM   24  O  "O4'"  . G   A 1 2  ? -15.739 -1.137  -3.264  1.00 15.31 ? 2648 G   A "O4'"  1 
ATOM   25  C  "C3'"  . G   A 1 2  ? -13.764 0.092   -3.235  1.00 14.58 ? 2648 G   A "C3'"  1 
ATOM   26  O  "O3'"  . G   A 1 2  ? -12.987 1.072   -3.906  1.00 14.55 ? 2648 G   A "O3'"  1 
ATOM   27  C  "C2'"  . G   A 1 2  ? -14.725 0.727   -2.240  1.00 14.75 ? 2648 G   A "C2'"  1 
ATOM   28  O  "O2'"  . G   A 1 2  ? -15.377 1.862   -2.774  1.00 16.04 ? 2648 G   A "O2'"  1 
ATOM   29  C  "C1'"  . G   A 1 2  ? -15.727 -0.406  -2.052  1.00 14.45 ? 2648 G   A "C1'"  1 
ATOM   30  N  N9     . G   A 1 2  ? -15.375 -1.298  -0.952  1.00 13.34 ? 2648 G   A N9     1 
ATOM   31  C  C8     . G   A 1 2  ? -14.854 -2.567  -1.034  1.00 13.28 ? 2648 G   A C8     1 
ATOM   32  N  N7     . G   A 1 2  ? -14.642 -3.117  0.132   1.00 13.28 ? 2648 G   A N7     1 
ATOM   33  C  C5     . G   A 1 2  ? -15.047 -2.150  1.045   1.00 12.34 ? 2648 G   A C5     1 
ATOM   34  C  C6     . G   A 1 2  ? -15.055 -2.167  2.463   1.00 11.98 ? 2648 G   A C6     1 
ATOM   35  O  O6     . G   A 1 2  ? -14.700 -3.075  3.226   1.00 11.85 ? 2648 G   A O6     1 
ATOM   36  N  N1     . G   A 1 2  ? -15.546 -0.975  2.992   1.00 11.99 ? 2648 G   A N1     1 
ATOM   37  C  C2     . G   A 1 2  ? -15.979 0.095   2.247   1.00 12.44 ? 2648 G   A C2     1 
ATOM   38  N  N2     . G   A 1 2  ? -16.421 1.159   2.932   1.00 12.95 ? 2648 G   A N2     1 
ATOM   39  N  N3     . G   A 1 2  ? -15.974 0.123   0.921   1.00 12.45 ? 2648 G   A N3     1 
ATOM   40  C  C4     . G   A 1 2  ? -15.499 -1.028  0.391   1.00 12.74 ? 2648 G   A C4     1 
ATOM   41  P  P      . C   A 1 3  ? -11.475 1.339   -3.455  1.00 15.30 ? 2649 C   A P      1 
ATOM   42  O  OP1    . C   A 1 3  ? -10.886 2.285   -4.428  1.00 16.42 ? 2649 C   A OP1    1 
ATOM   43  O  OP2    . C   A 1 3  ? -10.826 0.033   -3.216  1.00 16.24 ? 2649 C   A OP2    1 
ATOM   44  O  "O5'"  . C   A 1 3  ? -11.641 2.069   -2.041  1.00 14.91 ? 2649 C   A "O5'"  1 
ATOM   45  C  "C5'"  . C   A 1 3  ? -12.363 3.294   -1.950  1.00 14.85 ? 2649 C   A "C5'"  1 
ATOM   46  C  "C4'"  . C   A 1 3  ? -12.677 3.621   -0.503  1.00 14.12 ? 2649 C   A "C4'"  1 
ATOM   47  O  "O4'"  . C   A 1 3  ? -13.494 2.574   0.069   1.00 13.77 ? 2649 C   A "O4'"  1 
ATOM   48  C  "C3'"  . C   A 1 3  ? -11.473 3.681   0.419   1.00 13.10 ? 2649 C   A "C3'"  1 
ATOM   49  O  "O3'"  . C   A 1 3  ? -10.868 4.945   0.318   1.00 12.55 ? 2649 C   A "O3'"  1 
ATOM   50  C  "C2'"  . C   A 1 3  ? -12.143 3.505   1.770   1.00 12.99 ? 2649 C   A "C2'"  1 
ATOM   51  O  "O2'"  . C   A 1 3  ? -12.862 4.656   2.162   1.00 13.92 ? 2649 C   A "O2'"  1 
ATOM   52  C  "C1'"  . C   A 1 3  ? -13.138 2.408   1.428   1.00 12.62 ? 2649 C   A "C1'"  1 
ATOM   53  N  N1     . C   A 1 3  ? -12.658 1.015   1.629   1.00 11.17 ? 2649 C   A N1     1 
ATOM   54  C  C2     . C   A 1 3  ? -12.641 0.499   2.924   1.00 10.43 ? 2649 C   A C2     1 
ATOM   55  O  O2     . C   A 1 3  ? -12.999 1.229   3.856   1.00 10.75 ? 2649 C   A O2     1 
ATOM   56  N  N3     . C   A 1 3  ? -12.229 -0.775  3.120   1.00 9.81  ? 2649 C   A N3     1 
ATOM   57  C  C4     . C   A 1 3  ? -11.847 -1.518  2.080   1.00 9.84  ? 2649 C   A C4     1 
ATOM   58  N  N4     . C   A 1 3  ? -11.453 -2.774  2.319   1.00 10.59 ? 2649 C   A N4     1 
ATOM   59  C  C5     . C   A 1 3  ? -11.857 -1.009  0.748   1.00 10.94 ? 2649 C   A C5     1 
ATOM   60  C  C6     . C   A 1 3  ? -12.270 0.252   0.569   1.00 11.47 ? 2649 C   A C6     1 
HETATM 61  P  P      . UMS A 1 4  ? -9.315  5.071   0.654   1.00 12.44 ? 2650 UMS A P      1 
HETATM 62  O  OP1    . UMS A 1 4  ? -8.778  6.545   0.178   1.00 14.21 ? 2650 UMS A OP1    1 
HETATM 63  O  OP2    . UMS A 1 4  ? -8.570  3.968   0.051   1.00 13.40 ? 2650 UMS A OP2    1 
HETATM 64  O  "O5'"  . UMS A 1 4  ? -9.227  4.935   2.289   1.00 11.31 ? 2650 UMS A "O5'"  1 
HETATM 65  C  "C5'"  . UMS A 1 4  ? -9.737  5.977   3.073   1.00 11.16 ? 2650 UMS A "C5'"  1 
HETATM 66  C  "C4'"  . UMS A 1 4  ? -9.670  5.595   4.558   1.00 10.18 ? 2650 UMS A "C4'"  1 
HETATM 67  O  "O4'"  . UMS A 1 4  ? -10.444 4.377   4.767   1.00 9.99  ? 2650 UMS A "O4'"  1 
HETATM 68  C  "C3'"  . UMS A 1 4  ? -8.263  5.209   5.004   1.00 9.97  ? 2650 UMS A "C3'"  1 
HETATM 69  O  "O3'"  . UMS A 1 4  ? -7.459  6.326   5.245   1.00 10.50 ? 2650 UMS A "O3'"  1 
HETATM 70  C  "C2'"  . UMS A 1 4  ? -8.561  4.467   6.277   1.00 9.68  ? 2650 UMS A "C2'"  1 
HETATM 71  SE "SE2'" . UMS A 1 4  ? -9.025  5.587   7.682   1.00 11.04 ? 2650 UMS A "SE2'" 1 
HETATM 72  C  "C1'"  . UMS A 1 4  ? -9.742  3.616   5.791   1.00 9.16  ? 2650 UMS A "C1'"  1 
HETATM 73  C  "CA'"  . UMS A 1 4  ? -9.224  4.490   9.127   1.00 10.99 ? 2650 UMS A "CA'"  1 
HETATM 74  N  N1     . UMS A 1 4  ? -9.411  2.344   5.160   1.00 9.00  ? 2650 UMS A N1     1 
HETATM 75  C  C2     . UMS A 1 4  ? -9.152  1.177   6.060   1.00 8.92  ? 2650 UMS A C2     1 
HETATM 76  O  O2     . UMS A 1 4  ? -9.057  1.389   7.409   1.00 9.15  ? 2650 UMS A O2     1 
HETATM 77  N  N3     . UMS A 1 4  ? -8.961  -0.165  5.520   1.00 8.63  ? 2650 UMS A N3     1 
HETATM 78  C  C4     . UMS A 1 4  ? -9.031  -0.355  4.080   1.00 8.55  ? 2650 UMS A C4     1 
HETATM 79  O  O4     . UMS A 1 4  ? -8.910  -1.643  3.627   1.00 9.17  ? 2650 UMS A O4     1 
HETATM 80  C  C5     . UMS A 1 4  ? -9.288  0.798   3.141   1.00 9.17  ? 2650 UMS A C5     1 
HETATM 81  C  C6     . UMS A 1 4  ? -9.484  2.161   3.708   1.00 9.63  ? 2650 UMS A C6     1 
ATOM   82  P  P      . C   A 1 5  ? -5.899  6.321   4.884   1.00 11.17 ? 2651 C   A P      1 
ATOM   83  O  OP1    . C   A 1 5  ? -5.424  7.705   5.105   1.00 11.94 ? 2651 C   A OP1    1 
ATOM   84  O  OP2    . C   A 1 5  ? -5.708  5.689   3.565   1.00 12.32 ? 2651 C   A OP2    1 
ATOM   85  O  "O5'"  . C   A 1 5  ? -5.244  5.354   5.979   1.00 10.05 ? 2651 C   A "O5'"  1 
ATOM   86  C  "C5'"  . C   A 1 5  ? -5.160  5.773   7.337   1.00 9.33  ? 2651 C   A "C5'"  1 
ATOM   87  C  "C4'"  . C   A 1 5  ? -4.975  4.583   8.262   1.00 8.61  ? 2651 C   A "C4'"  1 
ATOM   88  O  "O4'"  . C   A 1 5  ? -6.002  3.604   7.983   1.00 8.37  ? 2651 C   A "O4'"  1 
ATOM   89  C  "C3'"  . C   A 1 5  ? -3.688  3.789   8.085   1.00 8.43  ? 2651 C   A "C3'"  1 
ATOM   90  O  "O3'"  . C   A 1 5  ? -2.609  4.418   8.753   1.00 8.70  ? 2651 C   A "O3'"  1 
ATOM   91  C  "C2'"  . C   A 1 5  ? -4.055  2.434   8.693   1.00 8.07  ? 2651 C   A "C2'"  1 
ATOM   92  O  "O2'"  . C   A 1 5  ? -3.998  2.374   10.107  1.00 8.42  ? 2651 C   A "O2'"  1 
ATOM   93  C  "C1'"  . C   A 1 5  ? -5.493  2.302   8.211   1.00 8.19  ? 2651 C   A "C1'"  1 
ATOM   94  N  N1     . C   A 1 5  ? -5.592  1.494   6.969   1.00 8.06  ? 2651 C   A N1     1 
ATOM   95  C  C2     . C   A 1 5  ? -5.527  0.113   7.115   1.00 8.22  ? 2651 C   A C2     1 
ATOM   96  O  O2     . C   A 1 5  ? -5.382  -0.338  8.258   1.00 8.28  ? 2651 C   A O2     1 
ATOM   97  N  N3     . C   A 1 5  ? -5.615  -0.675  6.016   1.00 8.10  ? 2651 C   A N3     1 
ATOM   98  C  C4     . C   A 1 5  ? -5.761  -0.121  4.809   1.00 8.15  ? 2651 C   A C4     1 
ATOM   99  N  N4     . C   A 1 5  ? -5.845  -0.939  3.751   1.00 8.50  ? 2651 C   A N4     1 
ATOM   100 C  C5     . C   A 1 5  ? -5.821  1.296   4.640   1.00 8.43  ? 2651 C   A C5     1 
ATOM   101 C  C6     . C   A 1 5  ? -5.734  2.062   5.736   1.00 8.48  ? 2651 C   A C6     1 
ATOM   102 P  P      . C   A 1 6  ? -1.109  4.137   8.279   1.00 8.77  ? 2652 C   A P      1 
ATOM   103 O  OP1    . C   A 1 6  ? -0.245  5.057   9.050   1.00 9.68  ? 2652 C   A OP1    1 
ATOM   104 O  OP2    . C   A 1 6  ? -1.052  4.139   6.802   1.00 9.75  ? 2652 C   A OP2    1 
ATOM   105 O  "O5'"  . C   A 1 6  ? -0.842  2.640   8.755   1.00 8.09  ? 2652 C   A "O5'"  1 
ATOM   106 C  "C5'"  . C   A 1 6  ? -0.782  2.323   10.136  1.00 8.06  ? 2652 C   A "C5'"  1 
ATOM   107 C  "C4'"  . C   A 1 6  ? -0.522  0.839   10.307  1.00 7.71  ? 2652 C   A "C4'"  1 
ATOM   108 O  "O4'"  . C   A 1 6  ? -1.617  0.085   9.742   1.00 7.64  ? 2652 C   A "O4'"  1 
ATOM   109 C  "C3'"  . C   A 1 6  ? 0.686   0.300   9.560   1.00 7.53  ? 2652 C   A "C3'"  1 
ATOM   110 O  "O3'"  . C   A 1 6  ? 1.856   0.570   10.304  1.00 7.78  ? 2652 C   A "O3'"  1 
ATOM   111 C  "C2'"  . C   A 1 6  ? 0.376   -1.188  9.536   1.00 7.53  ? 2652 C   A "C2'"  1 
ATOM   112 O  "O2'"  . C   A 1 6  ? 0.590   -1.775  10.803  1.00 8.23  ? 2652 C   A "O2'"  1 
ATOM   113 C  "C1'"  . C   A 1 6  ? -1.116  -1.143  9.243   1.00 7.62  ? 2652 C   A "C1'"  1 
ATOM   114 N  N1     . C   A 1 6  ? -1.488  -1.256  7.812   1.00 7.58  ? 2652 C   A N1     1 
ATOM   115 C  C2     . C   A 1 6  ? -1.502  -2.525  7.240   1.00 7.82  ? 2652 C   A C2     1 
ATOM   116 O  O2     . C   A 1 6  ? -1.168  -3.492  7.931   1.00 8.14  ? 2652 C   A O2     1 
ATOM   117 N  N3     . C   A 1 6  ? -1.867  -2.660  5.943   1.00 7.79  ? 2652 C   A N3     1 
ATOM   118 C  C4     . C   A 1 6  ? -2.216  -1.583  5.236   1.00 7.81  ? 2652 C   A C4     1 
ATOM   119 N  N4     . C   A 1 6  ? -2.578  -1.758  3.960   1.00 8.76  ? 2652 C   A N4     1 
ATOM   120 C  C5     . C   A 1 6  ? -2.206  -0.273  5.801   1.00 8.10  ? 2652 C   A C5     1 
ATOM   121 C  C6     . C   A 1 6  ? -1.845  -0.160  7.083   1.00 7.98  ? 2652 C   A C6     1 
ATOM   122 P  P      . U   A 1 7  ? 3.234   0.872   9.551   1.00 8.21  ? 2653 U   A P      1 
ATOM   123 O  OP1    . U   A 1 7  ? 4.255   1.025   10.611  1.00 9.76  ? 2653 U   A OP1    1 
ATOM   124 O  OP2    . U   A 1 7  ? 3.017   1.952   8.565   1.00 8.83  ? 2653 U   A OP2    1 
ATOM   125 O  "O5'"  . U   A 1 7  ? 3.507   -0.461  8.711   1.00 8.10  ? 2653 U   A "O5'"  1 
ATOM   126 C  "C5'"  . U   A 1 7  ? 3.828   -1.682  9.362   1.00 8.07  ? 2653 U   A "C5'"  1 
ATOM   127 C  "C4'"  . U   A 1 7  ? 3.845   -2.804  8.343   1.00 7.63  ? 2653 U   A "C4'"  1 
ATOM   128 O  "O4'"  . U   A 1 7  ? 2.526   -2.955  7.770   1.00 7.63  ? 2653 U   A "O4'"  1 
ATOM   129 C  "C3'"  . U   A 1 7  ? 4.730   -2.544  7.139   1.00 7.71  ? 2653 U   A "C3'"  1 
ATOM   130 O  "O3'"  . U   A 1 7  ? 6.063   -2.890  7.467   1.00 8.05  ? 2653 U   A "O3'"  1 
ATOM   131 C  "C2'"  . U   A 1 7  ? 4.120   -3.493  6.111   1.00 7.69  ? 2653 U   A "C2'"  1 
ATOM   132 O  "O2'"  . U   A 1 7  ? 4.507   -4.834  6.314   1.00 8.39  ? 2653 U   A "O2'"  1 
ATOM   133 C  "C1'"  . U   A 1 7  ? 2.633   -3.352  6.418   1.00 7.45  ? 2653 U   A "C1'"  1 
ATOM   134 N  N1     . U   A 1 7  ? 1.954   -2.349  5.556   1.00 7.88  ? 2653 U   A N1     1 
ATOM   135 C  C2     . U   A 1 7  ? 1.328   -2.802  4.417   1.00 8.30  ? 2653 U   A C2     1 
ATOM   136 O  O2     . U   A 1 7  ? 1.309   -3.977  4.101   1.00 9.17  ? 2653 U   A O2     1 
ATOM   137 N  N3     . U   A 1 7  ? 0.722   -1.831  3.663   1.00 8.52  ? 2653 U   A N3     1 
ATOM   138 C  C4     . U   A 1 7  ? 0.694   -0.475  3.927   1.00 8.51  ? 2653 U   A C4     1 
ATOM   139 O  O4     . U   A 1 7  ? 0.112   0.279   3.155   1.00 9.59  ? 2653 U   A O4     1 
ATOM   140 C  C5     . U   A 1 7  ? 1.375   -0.076  5.133   1.00 8.33  ? 2653 U   A C5     1 
ATOM   141 C  C6     . U   A 1 7  ? 1.969   -1.009  5.889   1.00 7.82  ? 2653 U   A C6     1 
ATOM   142 P  P      . A   A 1 8  ? 7.281   -2.228  6.671   1.00 9.09  ? 2654 A   A P      1 
ATOM   143 O  OP1    . A   A 1 8  ? 7.088   -2.476  5.226   1.00 9.69  ? 2654 A   A OP1    1 
ATOM   144 O  OP2    . A   A 1 8  ? 8.522   -2.670  7.355   1.00 10.01 ? 2654 A   A OP2    1 
ATOM   145 O  "O5'"  . A   A 1 8  ? 7.038   -0.671  6.938   1.00 8.69  ? 2654 A   A "O5'"  1 
ATOM   146 C  "C5'"  . A   A 1 8  ? 8.017   0.280   6.530   1.00 9.28  ? 2654 A   A "C5'"  1 
ATOM   147 C  "C4'"  . A   A 1 8  ? 7.373   1.487   5.871   1.00 9.17  ? 2654 A   A "C4'"  1 
ATOM   148 O  "O4'"  . A   A 1 8  ? 6.854   1.104   4.572   1.00 8.97  ? 2654 A   A "O4'"  1 
ATOM   149 C  "C3'"  . A   A 1 8  ? 6.202   2.116   6.622   1.00 9.85  ? 2654 A   A "C3'"  1 
ATOM   150 O  "O3'"  A A   A 1 8  ? 6.191   3.522   6.438   0.55 11.46 ? 2654 A   A "O3'"  1 
ATOM   151 O  "O3'"  B A   A 1 8  ? 6.191   3.522   6.437   0.45 11.36 ? 2654 A   A "O3'"  1 
ATOM   152 C  "C2'"  . A   A 1 8  ? 5.001   1.505   5.916   1.00 8.99  ? 2654 A   A "C2'"  1 
ATOM   153 O  "O2'"  . A   A 1 8  ? 3.828   2.290   6.041   1.00 9.85  ? 2654 A   A "O2'"  1 
ATOM   154 C  "C1'"  . A   A 1 8  ? 5.511   1.515   4.479   1.00 8.58  ? 2654 A   A "C1'"  1 
ATOM   155 N  N9     . A   A 1 8  ? 4.810   0.577   3.617   1.00 8.37  ? 2654 A   A N9     1 
ATOM   156 C  C8     . A   A 1 8  ? 4.917   -0.785  3.624   1.00 8.57  ? 2654 A   A C8     1 
ATOM   157 N  N7     . A   A 1 8  ? 4.152   -1.376  2.740   1.00 8.17  ? 2654 A   A N7     1 
ATOM   158 C  C5     . A   A 1 8  ? 3.499   -0.327  2.116   1.00 8.39  ? 2654 A   A C5     1 
ATOM   159 C  C6     . A   A 1 8  ? 2.548   -0.293  1.081   1.00 9.16  ? 2654 A   A C6     1 
ATOM   160 N  N6     . A   A 1 8  ? 2.077   -1.397  0.489   1.00 9.64  ? 2654 A   A N6     1 
ATOM   161 N  N1     . A   A 1 8  ? 2.098   0.918   0.690   1.00 9.42  ? 2654 A   A N1     1 
ATOM   162 C  C2     . A   A 1 8  ? 2.571   2.012   1.297   1.00 9.67  ? 2654 A   A C2     1 
ATOM   163 N  N3     . A   A 1 8  ? 3.466   2.105   2.279   1.00 9.08  ? 2654 A   A N3     1 
ATOM   164 C  C4     . A   A 1 8  ? 3.892   0.886   2.644   1.00 8.45  ? 2654 A   A C4     1 
ATOM   165 P  P      . G   A 1 9  ? 7.022   4.532   7.355   1.00 11.44 ? 2655 G   A P      1 
ATOM   166 O  OP1    . G   A 1 9  ? 8.310   3.909   7.731   1.00 15.48 ? 2655 G   A OP1    1 
ATOM   167 O  OP2    . G   A 1 9  ? 6.115   5.077   8.380   1.00 14.36 ? 2655 G   A OP2    1 
ATOM   168 O  "O5'"  . G   A 1 9  ? 7.216   5.769   6.351   1.00 14.95 ? 2655 G   A "O5'"  1 
ATOM   169 C  "C5'"  . G   A 1 9  ? 8.312   5.966   5.485   1.00 14.79 ? 2655 G   A "C5'"  1 
ATOM   170 C  "C4'"  . G   A 1 9  ? 8.229   5.215   4.172   1.00 13.16 ? 2655 G   A "C4'"  1 
ATOM   171 O  "O4'"  . G   A 1 9  ? 7.168   5.684   3.285   1.00 12.61 ? 2655 G   A "O4'"  1 
ATOM   172 C  "C3'"  . G   A 1 9  ? 9.507   5.435   3.392   1.00 11.81 ? 2655 G   A "C3'"  1 
ATOM   173 O  "O3'"  . G   A 1 9  ? 9.695   4.291   2.600   1.00 10.90 ? 2655 G   A "O3'"  1 
ATOM   174 C  "C2'"  . G   A 1 9  ? 9.129   6.655   2.562   1.00 11.83 ? 2655 G   A "C2'"  1 
ATOM   175 O  "O2'"  . G   A 1 9  ? 10.018  6.863   1.485   1.00 12.69 ? 2655 G   A "O2'"  1 
ATOM   176 C  "C1'"  . G   A 1 9  ? 7.771   6.160   2.094   1.00 11.16 ? 2655 G   A "C1'"  1 
ATOM   177 N  N9     . G   A 1 9  ? 6.903   7.134   1.430   1.00 10.97 ? 2655 G   A N9     1 
ATOM   178 C  C8     . G   A 1 9  ? 6.886   8.505   1.521   1.00 12.37 ? 2655 G   A C8     1 
ATOM   179 N  N7     . G   A 1 9  ? 5.962   9.053   0.775   1.00 12.83 ? 2655 G   A N7     1 
ATOM   180 C  C5     . G   A 1 9  ? 5.331   7.983   0.152   1.00 11.94 ? 2655 G   A C5     1 
ATOM   181 C  C6     . G   A 1 9  ? 4.254   7.942   -0.766  1.00 12.33 ? 2655 G   A C6     1 
ATOM   182 O  O6     . G   A 1 9  ? 3.610   8.888   -1.240  1.00 14.20 ? 2655 G   A O6     1 
ATOM   183 N  N1     . G   A 1 9  ? 3.937   6.636   -1.137  1.00 11.08 ? 2655 G   A N1     1 
ATOM   184 C  C2     . G   A 1 9  ? 4.580   5.511   -0.674  1.00 10.44 ? 2655 G   A C2     1 
ATOM   185 N  N2     . G   A 1 9  ? 4.139   4.333   -1.138  1.00 10.58 ? 2655 G   A N2     1 
ATOM   186 N  N3     . G   A 1 9  ? 5.589   5.539   0.184   1.00 9.97  ? 2655 G   A N3     1 
ATOM   187 C  C4     . G   A 1 9  ? 5.905   6.800   0.550   1.00 10.50 ? 2655 G   A C4     1 
ATOM   188 P  P      . U   A 1 10 ? 11.080  4.004   1.861   1.00 10.80 ? 2656 U   A P      1 
ATOM   189 O  OP1    . U   A 1 10 ? 12.165  4.706   2.579   1.00 12.06 ? 2656 U   A OP1    1 
ATOM   190 O  OP2    . U   A 1 10 ? 10.885  4.214   0.410   1.00 10.72 ? 2656 U   A OP2    1 
ATOM   191 O  "O5'"  . U   A 1 10 ? 11.214  2.424   2.053   1.00 10.69 ? 2656 U   A "O5'"  1 
ATOM   192 C  "C5'"  . U   A 1 10 ? 11.571  1.848   3.296   1.00 10.65 ? 2656 U   A "C5'"  1 
ATOM   193 C  "C4'"  . U   A 1 10 ? 11.069  0.419   3.337   1.00 10.42 ? 2656 U   A "C4'"  1 
ATOM   194 O  "O4'"  . U   A 1 10 ? 9.644   0.445   3.581   1.00 10.23 ? 2656 U   A "O4'"  1 
ATOM   195 C  "C3'"  . U   A 1 10 ? 11.229  -0.349  2.032   1.00 9.63  ? 2656 U   A "C3'"  1 
ATOM   196 O  "O3'"  . U   A 1 10 ? 12.490  -0.996  2.007   1.00 10.44 ? 2656 U   A "O3'"  1 
ATOM   197 C  "C2'"  . U   A 1 10 ? 10.093  -1.359  2.114   1.00 9.95  ? 2656 U   A "C2'"  1 
ATOM   198 O  "O2'"  . U   A 1 10 ? 10.448  -2.461  2.926   1.00 10.03 ? 2656 U   A "O2'"  1 
ATOM   199 C  "C1'"  . U   A 1 10 ? 9.004   -0.537  2.794   1.00 9.82  ? 2656 U   A "C1'"  1 
ATOM   200 N  N1     . U   A 1 10 ? 8.048   0.146   1.873   1.00 9.74  ? 2656 U   A N1     1 
ATOM   201 C  C2     . U   A 1 10 ? 7.251   -0.638  1.069   1.00 9.21  ? 2656 U   A C2     1 
ATOM   202 O  O2     . U   A 1 10 ? 7.318   -1.853  1.064   1.00 9.46  ? 2656 U   A O2     1 
ATOM   203 N  N3     . U   A 1 10 ? 6.380   0.055   0.265   1.00 9.30  ? 2656 U   A N3     1 
ATOM   204 C  C4     . U   A 1 10 ? 6.226   1.427   0.192   1.00 9.38  ? 2656 U   A C4     1 
ATOM   205 O  O4     . U   A 1 10 ? 5.399   1.897   -0.583  1.00 10.25 ? 2656 U   A O4     1 
ATOM   206 C  C5     . U   A 1 10 ? 7.083   2.181   1.071   1.00 9.94  ? 2656 U   A C5     1 
ATOM   207 C  C6     . U   A 1 10 ? 7.942   1.523   1.862   1.00 9.65  ? 2656 U   A C6     1 
ATOM   208 P  P      . A   A 1 11 ? 13.313  -1.100  0.646   1.00 10.69 ? 2657 A   A P      1 
ATOM   209 O  OP1    . A   A 1 11 ? 14.558  -1.833  0.961   1.00 11.57 ? 2657 A   A OP1    1 
ATOM   210 O  OP2    . A   A 1 11 ? 13.372  0.230   0.008   1.00 11.28 ? 2657 A   A OP2    1 
ATOM   211 O  "O5'"  . A   A 1 11 ? 12.393  -2.000  -0.293  1.00 9.94  ? 2657 A   A "O5'"  1 
ATOM   212 C  "C5'"  . A   A 1 11 ? 12.252  -3.377  0.001   1.00 10.18 ? 2657 A   A "C5'"  1 
ATOM   213 C  "C4'"  . A   A 1 11 ? 11.327  -4.012  -1.013  1.00 9.73  ? 2657 A   A "C4'"  1 
ATOM   214 O  "O4'"  . A   A 1 11 ? 10.008  -3.435  -0.873  1.00 9.18  ? 2657 A   A "O4'"  1 
ATOM   215 C  "C3'"  . A   A 1 11 ? 11.664  -3.734  -2.468  1.00 9.38  ? 2657 A   A "C3'"  1 
ATOM   216 O  "O3'"  . A   A 1 11 ? 12.698  -4.583  -2.919  1.00 10.66 ? 2657 A   A "O3'"  1 
ATOM   217 C  "C2'"  . A   A 1 11 ? 10.345  -4.102  -3.125  1.00 9.28  ? 2657 A   A "C2'"  1 
ATOM   218 O  "O2'"  . A   A 1 11 ? 10.150  -5.501  -3.155  1.00 11.23 ? 2657 A   A "O2'"  1 
ATOM   219 C  "C1'"  . A   A 1 11 ? 9.369   -3.481  -2.135  1.00 8.79  ? 2657 A   A "C1'"  1 
ATOM   220 N  N9     . A   A 1 11 ? 8.917   -2.141  -2.490  1.00 8.41  ? 2657 A   A N9     1 
ATOM   221 C  C8     . A   A 1 11 ? 9.189   -0.956  -1.863  1.00 8.67  ? 2657 A   A C8     1 
ATOM   222 N  N7     . A   A 1 11 ? 8.604   0.078   -2.424  1.00 8.54  ? 2657 A   A N7     1 
ATOM   223 C  C5     . A   A 1 11 ? 7.904   -0.473  -3.486  1.00 7.96  ? 2657 A   A C5     1 
ATOM   224 C  C6     . A   A 1 11 ? 7.070   0.082   -4.475  1.00 8.08  ? 2657 A   A C6     1 
ATOM   225 N  N6     . A   A 1 11 ? 6.792   1.385   -4.559  1.00 9.05  ? 2657 A   A N6     1 
ATOM   226 N  N1     . A   A 1 11 ? 6.532   -0.759  -5.383  1.00 8.00  ? 2657 A   A N1     1 
ATOM   227 C  C2     . A   A 1 11 ? 6.800   -2.065  -5.301  1.00 8.07  ? 2657 A   A C2     1 
ATOM   228 N  N3     . A   A 1 11 ? 7.563   -2.702  -4.419  1.00 8.07  ? 2657 A   A N3     1 
ATOM   229 C  C4     . A   A 1 11 ? 8.085   -1.839  -3.536  1.00 7.79  ? 2657 A   A C4     1 
ATOM   230 P  P      . C   A 1 12 ? 13.817  -4.013  -3.904  1.00 11.36 ? 2658 C   A P      1 
ATOM   231 O  OP1    . C   A 1 12 ? 14.631  -5.166  -4.349  1.00 13.11 ? 2658 C   A OP1    1 
ATOM   232 O  OP2    . C   A 1 12 ? 14.472  -2.865  -3.249  1.00 12.28 ? 2658 C   A OP2    1 
ATOM   233 O  "O5'"  . C   A 1 12 ? 12.987  -3.410  -5.129  1.00 9.61  ? 2658 C   A "O5'"  1 
ATOM   234 C  "C5'"  . C   A 1 12 ? 12.303  -4.253  -6.037  1.00 8.97  ? 2658 C   A "C5'"  1 
ATOM   235 C  "C4'"  . C   A 1 12 ? 11.464  -3.405  -6.968  1.00 8.32  ? 2658 C   A "C4'"  1 
ATOM   236 O  "O4'"  . C   A 1 12 ? 10.473  -2.690  -6.194  1.00 8.09  ? 2658 C   A "O4'"  1 
ATOM   237 C  "C3'"  . C   A 1 12 ? 12.210  -2.293  -7.684  1.00 7.76  ? 2658 C   A "C3'"  1 
ATOM   238 O  "O3'"  . C   A 1 12 ? 12.930  -2.804  -8.800  1.00 8.16  ? 2658 C   A "O3'"  1 
ATOM   239 C  "C2'"  . C   A 1 12 ? 11.042  -1.405  -8.095  1.00 7.71  ? 2658 C   A "C2'"  1 
ATOM   240 O  "O2'"  . C   A 1 12 ? 10.319  -1.936  -9.184  1.00 8.16  ? 2658 C   A "O2'"  1 
ATOM   241 C  "C1'"  . C   A 1 12 ? 10.193  -1.457  -6.828  1.00 7.56  ? 2658 C   A "C1'"  1 
ATOM   242 N  N1     . C   A 1 12 ? 10.535  -0.327  -5.928  1.00 7.79  ? 2658 C   A N1     1 
ATOM   243 C  C2     . C   A 1 12 ? 10.003  0.924   -6.239  1.00 7.50  ? 2658 C   A C2     1 
ATOM   244 O  O2     . C   A 1 12 ? 9.272   1.021   -7.233  1.00 8.06  ? 2658 C   A O2     1 
ATOM   245 N  N3     . C   A 1 12 ? 10.303  1.982   -5.450  1.00 8.05  ? 2658 C   A N3     1 
ATOM   246 C  C4     . C   A 1 12 ? 11.101  1.824   -4.392  1.00 8.45  ? 2658 C   A C4     1 
ATOM   247 N  N4     . C   A 1 12 ? 11.371  2.901   -3.644  1.00 9.16  ? 2658 C   A N4     1 
ATOM   248 C  C5     . C   A 1 12 ? 11.658  0.550   -4.059  1.00 8.56  ? 2658 C   A C5     1 
ATOM   249 C  C6     . C   A 1 12 ? 11.354  -0.489  -4.850  1.00 8.56  ? 2658 C   A C6     1 
ATOM   250 P  P      . G   A 1 13 ? 14.271  -2.060  -9.274  1.00 8.41  ? 2659 G   A P      1 
ATOM   251 O  OP1    . G   A 1 13 ? 14.780  -2.818  -10.437 1.00 9.14  ? 2659 G   A OP1    1 
ATOM   252 O  OP2    . G   A 1 13 ? 15.144  -1.829  -8.101  1.00 9.28  ? 2659 G   A OP2    1 
ATOM   253 O  "O5'"  . G   A 1 13 ? 13.761  -0.623  -9.748  1.00 8.66  ? 2659 G   A "O5'"  1 
ATOM   254 C  "C5'"  . G   A 1 13 ? 13.037  -0.469  -10.959 1.00 8.88  ? 2659 G   A "C5'"  1 
ATOM   255 C  "C4'"  . G   A 1 13 ? 12.686  0.993   -11.149 1.00 8.59  ? 2659 G   A "C4'"  1 
ATOM   256 O  "O4'"  . G   A 1 13 ? 11.806  1.402   -10.076 1.00 8.35  ? 2659 G   A "O4'"  1 
ATOM   257 C  "C3'"  . G   A 1 13 ? 13.857  1.952   -11.030 1.00 8.94  ? 2659 G   A "C3'"  1 
ATOM   258 O  "O3'"  . G   A 1 13 ? 14.600  1.995   -12.253 1.00 9.31  ? 2659 G   A "O3'"  1 
ATOM   259 C  "C2'"  . G   A 1 13 ? 13.116  3.251   -10.716 1.00 8.70  ? 2659 G   A "C2'"  1 
ATOM   260 O  "O2'"  . G   A 1 13 ? 12.604  3.870   -11.877 1.00 8.95  ? 2659 G   A "O2'"  1 
ATOM   261 C  "C1'"  . G   A 1 13 ? 12.007  2.762   -9.772  1.00 8.58  ? 2659 G   A "C1'"  1 
ATOM   262 N  N9     . G   A 1 13 ? 12.532  2.911   -8.428  1.00 8.29  ? 2659 G   A N9     1 
ATOM   263 C  C8     . G   A 1 13 ? 13.112  1.990   -7.588  1.00 8.83  ? 2659 G   A C8     1 
ATOM   264 N  N7     . G   A 1 13 ? 13.530  2.520   -6.466  1.00 8.77  ? 2659 G   A N7     1 
ATOM   265 C  C5     . G   A 1 13 ? 13.231  3.875   -6.589  1.00 8.59  ? 2659 G   A C5     1 
ATOM   266 C  C6     . G   A 1 13 ? 13.447  4.967   -5.714  1.00 8.75  ? 2659 G   A C6     1 
ATOM   267 O  O6     . G   A 1 13 ? 13.976  4.972   -4.596  1.00 10.04 ? 2659 G   A O6     1 
ATOM   268 N  N1     . G   A 1 13 ? 12.990  6.160   -6.266  1.00 8.31  ? 2659 G   A N1     1 
ATOM   269 C  C2     . G   A 1 13 ? 12.387  6.294   -7.492  1.00 7.96  ? 2659 G   A C2     1 
ATOM   270 N  N2     . G   A 1 13 ? 12.009  7.527   -7.857  1.00 8.22  ? 2659 G   A N2     1 
ATOM   271 N  N3     . G   A 1 13 ? 12.172  5.282   -8.311  1.00 8.23  ? 2659 G   A N3     1 
ATOM   272 C  C4     . G   A 1 13 ? 12.624  4.118   -7.795  1.00 8.51  ? 2659 G   A C4     1 
ATOM   273 P  P      . A   A 1 14 ? 16.196  1.869   -12.215 1.00 10.00 ? 2660 A   A P      1 
ATOM   274 O  OP1    . A   A 1 14 ? 16.672  1.983   -13.611 1.00 11.14 ? 2660 A   A OP1    1 
ATOM   275 O  OP2    . A   A 1 14 ? 16.585  0.685   -11.412 1.00 10.65 ? 2660 A   A OP2    1 
ATOM   276 O  "O5'"  . A   A 1 14 ? 16.574  3.198   -11.407 1.00 10.07 ? 2660 A   A "O5'"  1 
ATOM   277 C  "C5'"  . A   A 1 14 ? 17.865  3.346   -10.842 1.00 10.69 ? 2660 A   A "C5'"  1 
ATOM   278 C  "C4'"  . A   A 1 14 ? 18.391  4.747   -11.090 1.00 10.26 ? 2660 A   A "C4'"  1 
ATOM   279 O  "O4'"  . A   A 1 14 ? 18.464  4.972   -12.519 1.00 10.54 ? 2660 A   A "O4'"  1 
ATOM   280 C  "C3'"  . A   A 1 14 ? 17.520  5.888   -10.584 1.00 9.92  ? 2660 A   A "C3'"  1 
ATOM   281 O  "O3'"  . A   A 1 14 ? 17.766  6.126   -9.209  1.00 10.26 ? 2660 A   A "O3'"  1 
ATOM   282 C  "C2'"  . A   A 1 14 ? 18.059  7.028   -11.435 1.00 10.08 ? 2660 A   A "C2'"  1 
ATOM   283 O  "O2'"  . A   A 1 14 ? 19.349  7.428   -11.020 1.00 10.60 ? 2660 A   A "O2'"  1 
ATOM   284 C  "C1'"  . A   A 1 14 ? 18.184  6.335   -12.782 1.00 10.42 ? 2660 A   A "C1'"  1 
ATOM   285 N  N9     . A   A 1 14 ? 17.021  6.437   -13.659 1.00 10.99 ? 2660 A   A N9     1 
ATOM   286 C  C8     . A   A 1 14 ? 16.115  5.465   -13.981 1.00 11.71 ? 2660 A   A C8     1 
ATOM   287 N  N7     . A   A 1 14 ? 15.192  5.868   -14.825 1.00 12.08 ? 2660 A   A N7     1 
ATOM   288 C  C5     . A   A 1 14 ? 15.522  7.190   -15.078 1.00 11.88 ? 2660 A   A C5     1 
ATOM   289 C  C6     . A   A 1 14 ? 14.945  8.183   -15.897 1.00 12.30 ? 2660 A   A C6     1 
ATOM   290 N  N6     . A   A 1 14 ? 13.856  7.980   -16.644 1.00 12.87 ? 2660 A   A N6     1 
ATOM   291 N  N1     . A   A 1 14 ? 15.530  9.398   -15.916 1.00 12.49 ? 2660 A   A N1     1 
ATOM   292 C  C2     . A   A 1 14 ? 16.622  9.601   -15.173 1.00 12.92 ? 2660 A   A C2     1 
ATOM   293 N  N3     . A   A 1 14 ? 17.254  8.749   -14.371 1.00 12.29 ? 2660 A   A N3     1 
ATOM   294 C  C4     . A   A 1 14 ? 16.650  7.553   -14.371 1.00 11.49 ? 2660 A   A C4     1 
ATOM   295 P  P      . G   A 1 15 ? 16.585  6.049   -8.128  1.00 9.29  ? 2661 G   A P      1 
ATOM   296 O  OP1    . G   A 1 15 ? 17.242  6.099   -6.802  1.00 10.75 ? 2661 G   A OP1    1 
ATOM   297 O  OP2    . G   A 1 15 ? 15.681  4.931   -8.467  1.00 9.86  ? 2661 G   A OP2    1 
ATOM   298 O  "O5'"  . G   A 1 15 ? 15.760  7.394   -8.356  1.00 9.63  ? 2661 G   A "O5'"  1 
ATOM   299 C  "C5'"  . G   A 1 15 ? 16.390  8.630   -8.079  1.00 9.45  ? 2661 G   A "C5'"  1 
ATOM   300 C  "C4'"  . G   A 1 15 ? 15.953  9.692   -9.068  1.00 8.70  ? 2661 G   A "C4'"  1 
ATOM   301 O  "O4'"  . G   A 1 15 ? 16.065  9.169   -10.410 1.00 8.67  ? 2661 G   A "O4'"  1 
ATOM   302 C  "C3'"  . G   A 1 15 ? 14.503  10.138  -8.966  1.00 8.49  ? 2661 G   A "C3'"  1 
ATOM   303 O  "O3'"  . G   A 1 15 ? 14.407  11.135  -7.970  1.00 8.55  ? 2661 G   A "O3'"  1 
ATOM   304 C  "C2'"  . G   A 1 15 ? 14.284  10.719  -10.355 1.00 8.83  ? 2661 G   A "C2'"  1 
ATOM   305 O  "O2'"  . G   A 1 15 ? 14.945  11.957  -10.505 1.00 8.96  ? 2661 G   A "O2'"  1 
ATOM   306 C  "C1'"  . G   A 1 15 ? 14.998  9.675   -11.194 1.00 8.38  ? 2661 G   A "C1'"  1 
ATOM   307 N  N9     . G   A 1 15 ? 14.170  8.562   -11.660 1.00 8.19  ? 2661 G   A N9     1 
ATOM   308 C  C8     . G   A 1 15 ? 14.134  7.268   -11.197 1.00 8.78  ? 2661 G   A C8     1 
ATOM   309 N  N7     . G   A 1 15 ? 13.301  6.505   -11.856 1.00 8.76  ? 2661 G   A N7     1 
ATOM   310 C  C5     . G   A 1 15 ? 12.759  7.344   -12.823 1.00 8.16  ? 2661 G   A C5     1 
ATOM   311 C  C6     . G   A 1 15 ? 11.803  7.088   -13.836 1.00 8.78  ? 2661 G   A C6     1 
ATOM   312 O  O6     . G   A 1 15 ? 11.224  6.026   -14.102 1.00 9.60  ? 2661 G   A O6     1 
ATOM   313 N  N1     . G   A 1 15 ? 11.535  8.225   -14.592 1.00 8.32  ? 2661 G   A N1     1 
ATOM   314 C  C2     . G   A 1 15 ? 12.121  9.453   -14.396 1.00 8.36  ? 2661 G   A C2     1 
ATOM   315 N  N2     . G   A 1 15 ? 11.733  10.434  -15.224 1.00 9.17  ? 2661 G   A N2     1 
ATOM   316 N  N3     . G   A 1 15 ? 13.021  9.704   -13.457 1.00 7.88  ? 2661 G   A N3     1 
ATOM   317 C  C4     . G   A 1 15 ? 13.287  8.609   -12.712 1.00 7.79  ? 2661 G   A C4     1 
ATOM   318 P  P      . A   A 1 16 ? 13.027  11.378  -7.204  1.00 8.36  ? 2662 A   A P      1 
ATOM   319 O  OP1    . A   A 1 16 ? 13.252  12.534  -6.309  1.00 8.99  ? 2662 A   A OP1    1 
ATOM   320 O  OP2    . A   A 1 16 ? 12.529  10.104  -6.645  1.00 8.58  ? 2662 A   A OP2    1 
ATOM   321 O  "O5'"  . A   A 1 16 ? 12.008  11.778  -8.370  1.00 8.22  ? 2662 A   A "O5'"  1 
ATOM   322 C  "C5'"  . A   A 1 16 ? 12.110  13.027  -9.043  1.00 8.72  ? 2662 A   A "C5'"  1 
ATOM   323 C  "C4'"  . A   A 1 16 ? 11.035  13.104  -10.106 1.00 8.11  ? 2662 A   A "C4'"  1 
ATOM   324 O  "O4'"  . A   A 1 16 ? 11.322  12.147  -11.153 1.00 7.92  ? 2662 A   A "O4'"  1 
ATOM   325 C  "C3'"  . A   A 1 16 ? 9.649   12.717  -9.621  1.00 8.16  ? 2662 A   A "C3'"  1 
ATOM   326 O  "O3'"  . A   A 1 16 ? 9.036   13.841  -9.004  1.00 8.56  ? 2662 A   A "O3'"  1 
ATOM   327 C  "C2'"  . A   A 1 16 ? 8.976   12.298  -10.926 1.00 8.11  ? 2662 A   A "C2'"  1 
ATOM   328 O  "O2'"  . A   A 1 16 ? 8.508   13.401  -11.669 1.00 9.06  ? 2662 A   A "O2'"  1 
ATOM   329 C  "C1'"  . A   A 1 16 ? 10.122  11.594  -11.656 1.00 8.11  ? 2662 A   A "C1'"  1 
ATOM   330 N  N9     . A   A 1 16 ? 10.089  10.169  -11.361 1.00 7.63  ? 2662 A   A N9     1 
ATOM   331 C  C8     . A   A 1 16 ? 10.641  9.553   -10.270 1.00 7.84  ? 2662 A   A C8     1 
ATOM   332 N  N7     . A   A 1 16 ? 10.428  8.261   -10.231 1.00 8.26  ? 2662 A   A N7     1 
ATOM   333 C  C5     . A   A 1 16 ? 9.676   8.020   -11.365 1.00 8.34  ? 2662 A   A C5     1 
ATOM   334 C  C6     . A   A 1 16 ? 9.131   6.832   -11.879 1.00 8.62  ? 2662 A   A C6     1 
ATOM   335 N  N6     . A   A 1 16 ? 9.288   5.648   -11.276 1.00 10.07 ? 2662 A   A N6     1 
ATOM   336 N  N1     . A   A 1 16 ? 8.428   6.918   -13.030 1.00 9.05  ? 2662 A   A N1     1 
ATOM   337 C  C2     . A   A 1 16 ? 8.288   8.116   -13.615 1.00 9.22  ? 2662 A   A C2     1 
ATOM   338 N  N3     . A   A 1 16 ? 8.755   9.301   -13.220 1.00 8.32  ? 2662 A   A N3     1 
ATOM   339 C  C4     . A   A 1 16 ? 9.447   9.181   -12.074 1.00 8.02  ? 2662 A   A C4     1 
ATOM   340 P  P      . G   A 1 17 ? 8.126   13.649  -7.707  1.00 8.73  ? 2663 G   A P      1 
ATOM   341 O  OP1    . G   A 1 17 ? 7.689   15.009  -7.317  1.00 10.51 ? 2663 G   A OP1    1 
ATOM   342 O  OP2    . G   A 1 17 ? 8.815   12.801  -6.702  1.00 9.63  ? 2663 G   A OP2    1 
ATOM   343 O  "O5'"  . G   A 1 17 ? 6.899   12.828  -8.314  1.00 8.50  ? 2663 G   A "O5'"  1 
ATOM   344 C  "C5'"  . G   A 1 17 ? 6.261   11.828  -7.542  1.00 9.15  ? 2663 G   A "C5'"  1 
ATOM   345 C  "C4'"  . G   A 1 17 ? 6.105   10.561  -8.356  1.00 8.83  ? 2663 G   A "C4'"  1 
ATOM   346 O  "O4'"  . G   A 1 17 ? 7.411   10.042  -8.714  1.00 8.46  ? 2663 G   A "O4'"  1 
ATOM   347 C  "C3'"  . G   A 1 17 ? 5.472   9.429   -7.574  1.00 8.51  ? 2663 G   A "C3'"  1 
ATOM   348 O  "O3'"  . G   A 1 17 ? 4.055   9.565   -7.546  1.00 8.58  ? 2663 G   A "O3'"  1 
ATOM   349 C  "C2'"  . G   A 1 17 ? 5.953   8.227   -8.382  1.00 8.44  ? 2663 G   A "C2'"  1 
ATOM   350 O  "O2'"  . G   A 1 17 ? 5.213   8.056   -9.572  1.00 8.86  ? 2663 G   A "O2'"  1 
ATOM   351 C  "C1'"  . G   A 1 17 ? 7.406   8.630   -8.656  1.00 8.59  ? 2663 G   A "C1'"  1 
ATOM   352 N  N9     . G   A 1 17 ? 8.220   8.195   -7.531  1.00 8.21  ? 2663 G   A N9     1 
ATOM   353 C  C8     . G   A 1 17 ? 8.760   8.948   -6.521  1.00 8.88  ? 2663 G   A C8     1 
ATOM   354 N  N7     . G   A 1 17 ? 9.405   8.237   -5.635  1.00 8.50  ? 2663 G   A N7     1 
ATOM   355 C  C5     . G   A 1 17 ? 9.272   6.925   -6.077  1.00 7.79  ? 2663 G   A C5     1 
ATOM   356 C  C6     . G   A 1 17 ? 9.751   5.711   -5.529  1.00 7.91  ? 2663 G   A C6     1 
ATOM   357 O  O6     . G   A 1 17 ? 10.414  5.537   -4.495  1.00 8.30  ? 2663 G   A O6     1 
ATOM   358 N  N1     . G   A 1 17 ? 9.384   4.615   -6.307  1.00 7.93  ? 2663 G   A N1     1 
ATOM   359 C  C2     . G   A 1 17 ? 8.654   4.684   -7.469  1.00 8.28  ? 2663 G   A C2     1 
ATOM   360 N  N2     . G   A 1 17 ? 8.403   3.524   -8.091  1.00 9.06  ? 2663 G   A N2     1 
ATOM   361 N  N3     . G   A 1 17 ? 8.199   5.814   -7.990  1.00 8.03  ? 2663 G   A N3     1 
ATOM   362 C  C4     . G   A 1 17 ? 8.541   6.888   -7.241  1.00 8.08  ? 2663 G   A C4     1 
ATOM   363 P  P      . G   A 1 18 ? 3.277   9.284   -6.177  1.00 9.19  ? 2664 G   A P      1 
ATOM   364 O  OP1    . G   A 1 18 ? 1.840   9.470   -6.460  1.00 10.15 ? 2664 G   A OP1    1 
ATOM   365 O  OP2    . G   A 1 18 ? 3.926   10.045  -5.087  1.00 10.02 ? 2664 G   A OP2    1 
ATOM   366 O  "O5'"  . G   A 1 18 ? 3.576   7.734   -5.902  1.00 8.77  ? 2664 G   A "O5'"  1 
ATOM   367 C  "C5'"  . G   A 1 18 ? 3.177   6.735   -6.828  1.00 9.08  ? 2664 G   A "C5'"  1 
ATOM   368 C  "C4'"  . G   A 1 18 ? 3.746   5.395   -6.401  1.00 8.45  ? 2664 G   A "C4'"  1 
ATOM   369 O  "O4'"  . G   A 1 18 ? 5.196   5.438   -6.406  1.00 7.90  ? 2664 G   A "O4'"  1 
ATOM   370 C  "C3'"  . G   A 1 18 ? 3.414   4.987   -4.977  1.00 7.94  ? 2664 G   A "C3'"  1 
ATOM   371 O  "O3'"  . G   A 1 18 ? 2.098   4.451   -4.907  1.00 8.28  ? 2664 G   A "O3'"  1 
ATOM   372 C  "C2'"  . G   A 1 18 ? 4.501   3.948   -4.729  1.00 8.32  ? 2664 G   A "C2'"  1 
ATOM   373 O  "O2'"  . G   A 1 18 ? 4.295   2.760   -5.463  1.00 8.59  ? 2664 G   A "O2'"  1 
ATOM   374 C  "C1'"  . G   A 1 18 ? 5.697   4.679   -5.319  1.00 7.96  ? 2664 G   A "C1'"  1 
ATOM   375 N  N9     . G   A 1 18 ? 6.343   5.587   -4.379  1.00 8.15  ? 2664 G   A N9     1 
ATOM   376 C  C8     . G   A 1 18 ? 6.206   6.953   -4.326  1.00 8.53  ? 2664 G   A C8     1 
ATOM   377 N  N7     . G   A 1 18 ? 6.904   7.508   -3.375  1.00 8.75  ? 2664 G   A N7     1 
ATOM   378 C  C5     . G   A 1 18 ? 7.547   6.443   -2.757  1.00 8.50  ? 2664 G   A C5     1 
ATOM   379 C  C6     . G   A 1 18 ? 8.439   6.427   -1.659  1.00 9.01  ? 2664 G   A C6     1 
ATOM   380 O  O6     . G   A 1 18 ? 8.858   7.384   -0.993  1.00 9.90  ? 2664 G   A O6     1 
ATOM   381 N  N1     . G   A 1 18 ? 8.856   5.137   -1.351  1.00 8.66  ? 2664 G   A N1     1 
ATOM   382 C  C2     . G   A 1 18 ? 8.460   4.003   -2.015  1.00 8.30  ? 2664 G   A C2     1 
ATOM   383 N  N2     . G   A 1 18 ? 8.976   2.851   -1.558  1.00 9.13  ? 2664 G   A N2     1 
ATOM   384 N  N3     . G   A 1 18 ? 7.620   4.001   -3.045  1.00 7.97  ? 2664 G   A N3     1 
ATOM   385 C  C4     . G   A 1 18 ? 7.208   5.253   -3.362  1.00 7.79  ? 2664 G   A C4     1 
ATOM   386 P  P      . A   A 1 19 ? 1.309   4.464   -3.513  1.00 8.93  ? 2665 A   A P      1 
ATOM   387 O  OP1    . A   A 1 19 ? -0.113  4.209   -3.812  1.00 10.26 ? 2665 A   A OP1    1 
ATOM   388 O  OP2    . A   A 1 19 ? 1.696   5.673   -2.753  1.00 10.10 ? 2665 A   A OP2    1 
ATOM   389 O  "O5'"  . A   A 1 19 ? 1.950   3.220   -2.734  1.00 9.13  ? 2665 A   A "O5'"  1 
ATOM   390 C  "C5'"  . A   A 1 19 ? 1.243   2.006   -2.493  1.00 9.39  ? 2665 A   A "C5'"  1 
ATOM   391 C  "C4'"  . A   A 1 19 ? 1.235   1.075   -3.690  1.00 9.36  ? 2665 A   A "C4'"  1 
ATOM   392 O  "O4'"  . A   A 1 19 ? 2.568   0.902   -4.240  1.00 9.93  ? 2665 A   A "O4'"  1 
ATOM   393 C  "C3'"  . A   A 1 19 ? 0.812   -0.340  -3.340  1.00 9.35  ? 2665 A   A "C3'"  1 
ATOM   394 O  "O3'"  . A   A 1 19 ? -0.601  -0.434  -3.249  1.00 9.47  ? 2665 A   A "O3'"  1 
ATOM   395 C  "C2'"  . A   A 1 19 ? 1.393   -1.104  -4.522  1.00 10.14 ? 2665 A   A "C2'"  1 
ATOM   396 O  "O2'"  . A   A 1 19 ? 0.688   -0.867  -5.722  1.00 11.48 ? 2665 A   A "O2'"  1 
ATOM   397 C  "C1'"  . A   A 1 19 ? 2.774   -0.463  -4.566  1.00 9.89  ? 2665 A   A "C1'"  1 
ATOM   398 N  N9     . A   A 1 19 ? 3.642   -1.050  -3.553  1.00 9.18  ? 2665 A   A N9     1 
ATOM   399 C  C8     . A   A 1 19 ? 4.148   -0.419  -2.452  1.00 9.33  ? 2665 A   A C8     1 
ATOM   400 N  N7     . A   A 1 19 ? 4.886   -1.196  -1.696  1.00 9.44  ? 2665 A   A N7     1 
ATOM   401 C  C5     . A   A 1 19 ? 4.862   -2.419  -2.340  1.00 9.48  ? 2665 A   A C5     1 
ATOM   402 C  C6     . A   A 1 19 ? 5.458   -3.655  -2.030  1.00 9.98  ? 2665 A   A C6     1 
ATOM   403 N  N6     . A   A 1 19 ? 6.222   -3.849  -0.948  1.00 10.44 ? 2665 A   A N6     1 
ATOM   404 N  N1     . A   A 1 19 ? 5.238   -4.677  -2.880  1.00 11.01 ? 2665 A   A N1     1 
ATOM   405 C  C2     . A   A 1 19 ? 4.472   -4.464  -3.958  1.00 10.74 ? 2665 A   A C2     1 
ATOM   406 N  N3     . A   A 1 19 ? 3.857   -3.348  -4.353  1.00 10.39 ? 2665 A   A N3     1 
ATOM   407 C  C4     . A   A 1 19 ? 4.094   -2.350  -3.487  1.00 9.51  ? 2665 A   A C4     1 
ATOM   408 P  P      . C   A 1 20 ? -1.255  -1.511  -2.264  1.00 9.42  ? 2666 C   A P      1 
ATOM   409 O  OP1    . C   A 1 20 ? -2.686  -1.170  -2.133  1.00 11.05 ? 2666 C   A OP1    1 
ATOM   410 O  OP2    . C   A 1 20 ? -0.417  -1.624  -1.051  1.00 9.36  ? 2666 C   A OP2    1 
ATOM   411 O  "O5'"  . C   A 1 20 ? -1.107  -2.884  -3.069  1.00 9.49  ? 2666 C   A "O5'"  1 
ATOM   412 C  "C5'"  . C   A 1 20 ? -1.674  -3.030  -4.362  1.00 10.40 ? 2666 C   A "C5'"  1 
ATOM   413 C  "C4'"  . C   A 1 20 ? -1.193  -4.329  -4.975  1.00 11.39 ? 2666 C   A "C4'"  1 
ATOM   414 O  "O4'"  . C   A 1 20 ? 0.255   -4.355  -4.936  1.00 11.29 ? 2666 C   A "O4'"  1 
ATOM   415 C  "C3'"  . C   A 1 20 ? -1.598  -5.585  -4.218  1.00 11.42 ? 2666 C   A "C3'"  1 
ATOM   416 O  "O3'"  . C   A 1 20 ? -2.908  -5.997  -4.576  1.00 12.02 ? 2666 C   A "O3'"  1 
ATOM   417 C  "C2'"  . C   A 1 20 ? -0.556  -6.566  -4.733  1.00 12.01 ? 2666 C   A "C2'"  1 
ATOM   418 O  "O2'"  . C   A 1 20 ? -0.843  -6.982  -6.052  1.00 13.85 ? 2666 C   A "O2'"  1 
ATOM   419 C  "C1'"  . C   A 1 20 ? 0.688   -5.684  -4.719  1.00 11.13 ? 2666 C   A "C1'"  1 
ATOM   420 N  N1     . C   A 1 20 ? 1.446   -5.762  -3.436  1.00 10.54 ? 2666 C   A N1     1 
ATOM   421 C  C2     . C   A 1 20 ? 2.181   -6.921  -3.187  1.00 11.58 ? 2666 C   A C2     1 
ATOM   422 O  O2     . C   A 1 20 ? 2.163   -7.821  -4.037  1.00 12.87 ? 2666 C   A O2     1 
ATOM   423 N  N3     . C   A 1 20 ? 2.883   -7.022  -2.031  1.00 11.56 ? 2666 C   A N3     1 
ATOM   424 C  C4     . C   A 1 20 ? 2.868   -6.019  -1.150  1.00 10.76 ? 2666 C   A C4     1 
ATOM   425 N  N4     . C   A 1 20 ? 3.580   -6.168  -0.027  1.00 10.76 ? 2666 C   A N4     1 
ATOM   426 C  C5     . C   A 1 20 ? 2.125   -4.825  -1.389  1.00 10.11 ? 2666 C   A C5     1 
ATOM   427 C  C6     . C   A 1 20 ? 1.434   -4.737  -2.531  1.00 9.90  ? 2666 C   A C6     1 
ATOM   428 P  P      . C   A 1 21 ? -3.958  -6.418  -3.443  1.00 12.32 ? 2667 C   A P      1 
ATOM   429 O  OP1    . C   A 1 21 ? -5.240  -6.679  -4.132  1.00 14.41 ? 2667 C   A OP1    1 
ATOM   430 O  OP2    . C   A 1 21 ? -3.896  -5.432  -2.344  1.00 12.62 ? 2667 C   A OP2    1 
ATOM   431 O  "O5'"  . C   A 1 21 ? -3.361  -7.777  -2.855  1.00 12.19 ? 2667 C   A "O5'"  1 
ATOM   432 C  "C5'"  . C   A 1 21 ? -3.279  -8.949  -3.647  1.00 12.88 ? 2667 C   A "C5'"  1 
ATOM   433 C  "C4'"  . C   A 1 21 ? -2.321  -9.919  -2.986  1.00 12.47 ? 2667 C   A "C4'"  1 
ATOM   434 O  "O4'"  . C   A 1 21 ? -1.033  -9.272  -2.852  1.00 12.43 ? 2667 C   A "O4'"  1 
ATOM   435 C  "C3'"  . C   A 1 21 ? -2.679  -10.311 -1.561  1.00 12.22 ? 2667 C   A "C3'"  1 
ATOM   436 O  "O3'"  . C   A 1 21 ? -3.571  -11.401 -1.551  1.00 12.06 ? 2667 C   A "O3'"  1 
ATOM   437 C  "C2'"  . C   A 1 21 ? -1.323  -10.739 -1.019  1.00 12.86 ? 2667 C   A "C2'"  1 
ATOM   438 O  "O2'"  . C   A 1 21 ? -0.971  -12.045 -1.435  1.00 14.10 ? 2667 C   A "O2'"  1 
ATOM   439 C  "C1'"  . C   A 1 21 ? -0.411  -9.696  -1.654  1.00 12.71 ? 2667 C   A "C1'"  1 
ATOM   440 N  N1     . C   A 1 21 ? -0.211  -8.536  -0.748  1.00 12.33 ? 2667 C   A N1     1 
ATOM   441 C  C2     . C   A 1 21 ? 0.643   -8.693  0.344   1.00 13.10 ? 2667 C   A C2     1 
ATOM   442 O  O2     . C   A 1 21 ? 1.203   -9.782  0.505   1.00 14.49 ? 2667 C   A O2     1 
ATOM   443 N  N3     . C   A 1 21 ? 0.832   -7.650  1.187   1.00 12.71 ? 2667 C   A N3     1 
ATOM   444 C  C4     . C   A 1 21 ? 0.207   -6.491  0.973   1.00 12.29 ? 2667 C   A C4     1 
ATOM   445 N  N4     . C   A 1 21 ? 0.429   -5.491  1.836   1.00 13.63 ? 2667 C   A N4     1 
ATOM   446 C  C5     . C   A 1 21 ? -0.673  -6.313  -0.137  1.00 11.58 ? 2667 C   A C5     1 
ATOM   447 C  C6     . C   A 1 21 ? -0.854  -7.352  -0.962  1.00 11.83 ? 2667 C   A C6     1 
ATOM   448 P  P      . G   A 1 22 ? -4.714  -11.488 -0.440  1.00 12.55 ? 2668 G   A P      1 
ATOM   449 O  OP1    . G   A 1 22 ? -5.332  -12.825 -0.593  1.00 13.45 ? 2668 G   A OP1    1 
ATOM   450 O  OP2    . G   A 1 22 ? -5.545  -10.271 -0.540  1.00 13.83 ? 2668 G   A OP2    1 
ATOM   451 O  "O5'"  . G   A 1 22 ? -3.935  -11.411 0.954   1.00 12.04 ? 2668 G   A "O5'"  1 
ATOM   452 C  "C5'"  . G   A 1 22 ? -3.229  -12.532 1.459   1.00 11.94 ? 2668 G   A "C5'"  1 
ATOM   453 C  "C4'"  . G   A 1 22 ? -2.492  -12.149 2.728   1.00 11.50 ? 2668 G   A "C4'"  1 
ATOM   454 O  "O4'"  . G   A 1 22 ? -1.500  -11.131 2.434   1.00 11.06 ? 2668 G   A "O4'"  1 
ATOM   455 C  "C3'"  . G   A 1 22 ? -3.343  -11.497 3.811   1.00 11.67 ? 2668 G   A "C3'"  1 
ATOM   456 O  "O3'"  . G   A 1 22 ? -4.137  -12.449 4.528   1.00 13.01 ? 2668 G   A "O3'"  1 
ATOM   457 C  "C2'"  . G   A 1 22 ? -2.229  -10.892 4.658   1.00 11.25 ? 2668 G   A "C2'"  1 
ATOM   458 O  "O2'"  . G   A 1 22 ? -1.479  -11.866 5.355   1.00 13.00 ? 2668 G   A "O2'"  1 
ATOM   459 C  "C1'"  . G   A 1 22 ? -1.380  -10.273 3.555   1.00 10.57 ? 2668 G   A "C1'"  1 
ATOM   460 N  N9     . G   A 1 22 ? -1.874  -8.949  3.189   1.00 9.22  ? 2668 G   A N9     1 
ATOM   461 C  C8     . G   A 1 22 ? -2.583  -8.618  2.063   1.00 9.61  ? 2668 G   A C8     1 
ATOM   462 N  N7     . G   A 1 22 ? -2.905  -7.357  2.002   1.00 9.43  ? 2668 G   A N7     1 
ATOM   463 C  C5     . G   A 1 22 ? -2.374  -6.817  3.166   1.00 8.72  ? 2668 G   A C5     1 
ATOM   464 C  C6     . G   A 1 22 ? -2.406  -5.490  3.652   1.00 8.67  ? 2668 G   A C6     1 
ATOM   465 O  O6     . G   A 1 22 ? -2.921  -4.491  3.131   1.00 9.34  ? 2668 G   A O6     1 
ATOM   466 N  N1     . G   A 1 22 ? -1.754  -5.367  4.878   1.00 8.21  ? 2668 G   A N1     1 
ATOM   467 C  C2     . G   A 1 22 ? -1.144  -6.399  5.550   1.00 7.92  ? 2668 G   A C2     1 
ATOM   468 N  N2     . G   A 1 22 ? -0.568  -6.094  6.724   1.00 8.31  ? 2668 G   A N2     1 
ATOM   469 N  N3     . G   A 1 22 ? -1.106  -7.646  5.101   1.00 8.10  ? 2668 G   A N3     1 
ATOM   470 C  C4     . G   A 1 22 ? -1.740  -7.784  3.911   1.00 8.79  ? 2668 G   A C4     1 
ATOM   471 P  P      . G   A 1 23 ? -5.538  -12.013 5.181   1.00 13.23 ? 2669 G   A P      1 
ATOM   472 O  OP1    . G   A 1 23 ? -6.140  -13.243 5.742   1.00 14.48 ? 2669 G   A OP1    1 
ATOM   473 O  OP2    . G   A 1 23 ? -6.286  -11.189 4.204   1.00 14.05 ? 2669 G   A OP2    1 
ATOM   474 O  "O5'"  . G   A 1 23 ? -5.121  -11.041 6.381   1.00 11.97 ? 2669 G   A "O5'"  1 
ATOM   475 C  "C5'"  . G   A 1 23 ? -4.270  -11.496 7.416   1.00 11.34 ? 2669 G   A "C5'"  1 
ATOM   476 C  "C4'"  . G   A 1 23 ? -3.819  -10.318 8.252   1.00 9.98  ? 2669 G   A "C4'"  1 
ATOM   477 O  "O4'"  . G   A 1 23 ? -3.241  -9.320  7.387   1.00 9.39  ? 2669 G   A "O4'"  1 
ATOM   478 C  "C3'"  . G   A 1 23 ? -4.939  -9.571  8.956   1.00 9.78  ? 2669 G   A "C3'"  1 
ATOM   479 O  "O3'"  . G   A 1 23 ? -5.248  -10.244 10.157  1.00 11.18 ? 2669 G   A "O3'"  1 
ATOM   480 C  "C2'"  . G   A 1 23 ? -4.295  -8.217  9.208   1.00 9.14  ? 2669 G   A "C2'"  1 
ATOM   481 O  "O2'"  . G   A 1 23 ? -3.311  -8.246  10.221  1.00 9.20  ? 2669 G   A "O2'"  1 
ATOM   482 C  "C1'"  . G   A 1 23 ? -3.569  -8.035  7.889   1.00 8.77  ? 2669 G   A "C1'"  1 
ATOM   483 N  N9     . G   A 1 23 ? -4.239  -7.277  6.839   1.00 8.77  ? 2669 G   A N9     1 
ATOM   484 C  C8     . G   A 1 23 ? -4.685  -7.729  5.624   1.00 9.40  ? 2669 G   A C8     1 
ATOM   485 N  N7     . G   A 1 23 ? -5.204  -6.790  4.882   1.00 9.25  ? 2669 G   A N7     1 
ATOM   486 C  C5     . G   A 1 23 ? -5.076  -5.638  5.649   1.00 8.89  ? 2669 G   A C5     1 
ATOM   487 C  C6     . G   A 1 23 ? -5.449  -4.298  5.381   1.00 8.46  ? 2669 G   A C6     1 
ATOM   488 O  O6     . G   A 1 23 ? -5.981  -3.840  4.363   1.00 9.56  ? 2669 G   A O6     1 
ATOM   489 N  N1     . G   A 1 23 ? -5.135  -3.450  6.442   1.00 8.17  ? 2669 G   A N1     1 
ATOM   490 C  C2     . G   A 1 23 ? -4.538  -3.847  7.615   1.00 8.09  ? 2669 G   A C2     1 
ATOM   491 N  N2     . G   A 1 23 ? -4.320  -2.889  8.524   1.00 8.53  ? 2669 G   A N2     1 
ATOM   492 N  N3     . G   A 1 23 ? -4.179  -5.095  7.875   1.00 8.02  ? 2669 G   A N3     1 
ATOM   493 C  C4     . G   A 1 23 ? -4.480  -5.927  6.854   1.00 8.37  ? 2669 G   A C4     1 
ATOM   494 P  P      . A   A 1 24 ? -6.772  -10.461 10.582  1.00 12.93 ? 2670 A   A P      1 
ATOM   495 O  OP1    . A   A 1 24 ? -6.756  -11.386 11.737  1.00 13.78 ? 2670 A   A OP1    1 
ATOM   496 O  OP2    . A   A 1 24 ? -7.554  -10.792 9.373   1.00 14.93 ? 2670 A   A OP2    1 
ATOM   497 O  "O5'"  . A   A 1 24 ? -7.228  -9.015  11.085  1.00 11.69 ? 2670 A   A "O5'"  1 
ATOM   498 C  "C5'"  . A   A 1 24 ? -6.667  -8.522  12.297  1.00 10.93 ? 2670 A   A "C5'"  1 
ATOM   499 C  "C4'"  . A   A 1 24 ? -6.899  -7.034  12.460  1.00 10.34 ? 2670 A   A "C4'"  1 
ATOM   500 O  "O4'"  . A   A 1 24 ? -6.226  -6.326  11.394  1.00 9.21  ? 2670 A   A "O4'"  1 
ATOM   501 C  "C3'"  . A   A 1 24 ? -8.338  -6.568  12.331  1.00 10.90 ? 2670 A   A "C3'"  1 
ATOM   502 O  "O3'"  . A   A 1 24 ? -9.042  -6.804  13.541  1.00 13.62 ? 2670 A   A "O3'"  1 
ATOM   503 C  "C2'"  . A   A 1 24 ? -8.102  -5.082  12.107  1.00 10.10 ? 2670 A   A "C2'"  1 
ATOM   504 O  "O2'"  . A   A 1 24 ? -7.680  -4.437  13.291  1.00 10.40 ? 2670 A   A "O2'"  1 
ATOM   505 C  "C1'"  . A   A 1 24 ? -6.949  -5.141  11.110  1.00 9.45  ? 2670 A   A "C1'"  1 
ATOM   506 N  N9     . A   A 1 24 ? -7.389  -5.171  9.719   1.00 9.04  ? 2670 A   A N9     1 
ATOM   507 C  C8     . A   A 1 24 ? -7.553  -6.258  8.906   1.00 9.50  ? 2670 A   A C8     1 
ATOM   508 N  N7     . A   A 1 24 ? -7.963  -5.954  7.696   1.00 9.41  ? 2670 A   A N7     1 
ATOM   509 C  C5     . A   A 1 24 ? -8.077  -4.572  7.717   1.00 8.77  ? 2670 A   A C5     1 
ATOM   510 C  C6     . A   A 1 24 ? -8.465  -3.623  6.747   1.00 8.89  ? 2670 A   A C6     1 
ATOM   511 N  N6     . A   A 1 24 ? -8.829  -3.936  5.498   1.00 9.01  ? 2670 A   A N6     1 
ATOM   512 N  N1     . A   A 1 24 ? -8.470  -2.321  7.112   1.00 8.18  ? 2670 A   A N1     1 
ATOM   513 C  C2     . A   A 1 24 ? -8.100  -1.991  8.356   1.00 8.05  ? 2670 A   A C2     1 
ATOM   514 N  N3     . A   A 1 24 ? -7.718  -2.794  9.346   1.00 8.52  ? 2670 A   A N3     1 
ATOM   515 C  C4     . A   A 1 24 ? -7.725  -4.077  8.958   1.00 8.54  ? 2670 A   A C4     1 
ATOM   516 P  P      . G   A 1 25 ? -10.636 -6.962  13.505  1.00 16.27 ? 2671 G   A P      1 
ATOM   517 O  OP1    . G   A 1 25 ? -11.089 -7.142  14.901  1.00 18.47 ? 2671 G   A OP1    1 
ATOM   518 O  OP2    . G   A 1 25 ? -10.977 -7.968  12.481  1.00 18.89 ? 2671 G   A OP2    1 
ATOM   519 O  "O5'"  . G   A 1 25 ? -11.148 -5.570  12.894  1.00 18.49 ? 2671 G   A "O5'"  1 
ATOM   520 C  "C5'"  . G   A 1 25 ? -11.618 -4.488  13.675  1.00 17.85 ? 2671 G   A "C5'"  1 
ATOM   521 C  "C4'"  . G   A 1 25 ? -11.692 -3.213  12.845  1.00 14.75 ? 2671 G   A "C4'"  1 
ATOM   522 O  "O4'"  . G   A 1 25 ? -10.795 -3.271  11.705  1.00 13.07 ? 2671 G   A "O4'"  1 
ATOM   523 C  "C3'"  . G   A 1 25 ? -13.014 -2.858  12.179  1.00 12.94 ? 2671 G   A "C3'"  1 
ATOM   524 O  "O3'"  . G   A 1 25 ? -13.926 -2.375  13.148  1.00 12.55 ? 2671 G   A "O3'"  1 
ATOM   525 C  "C2'"  . G   A 1 25 ? -12.511 -1.715  11.312  1.00 11.96 ? 2671 G   A "C2'"  1 
ATOM   526 O  "O2'"  . G   A 1 25 ? -12.206 -0.596  12.118  1.00 11.83 ? 2671 G   A "O2'"  1 
ATOM   527 C  "C1'"  . G   A 1 25 ? -11.225 -2.315  10.753  1.00 11.76 ? 2671 G   A "C1'"  1 
ATOM   528 N  N9     . G   A 1 25 ? -11.383 -2.969  9.457   1.00 10.91 ? 2671 G   A N9     1 
ATOM   529 C  C8     . G   A 1 25 ? -11.327 -4.314  9.174   1.00 11.24 ? 2671 G   A C8     1 
ATOM   530 N  N7     . G   A 1 25 ? -11.504 -4.585  7.910   1.00 11.63 ? 2671 G   A N7     1 
ATOM   531 C  C5     . G   A 1 25 ? -11.691 -3.342  7.318   1.00 10.68 ? 2671 G   A C5     1 
ATOM   532 C  C6     . G   A 1 25 ? -11.921 -2.996  5.965   1.00 9.98  ? 2671 G   A C6     1 
ATOM   533 O  O6     . G   A 1 25 ? -12.020 -3.743  4.983   1.00 10.55 ? 2671 G   A O6     1 
ATOM   534 N  N1     . G   A 1 25 ? -12.052 -1.620  5.800   1.00 9.83  ? 2671 G   A N1     1 
ATOM   535 C  C2     . G   A 1 25 ? -11.964 -0.694  6.811   1.00 9.46  ? 2671 G   A C2     1 
ATOM   536 N  N2     . G   A 1 25 ? -12.120 0.588   6.453   1.00 9.70  ? 2671 G   A N2     1 
ATOM   537 N  N3     . G   A 1 25 ? -11.745 -1.003  8.085   1.00 9.85  ? 2671 G   A N3     1 
ATOM   538 C  C4     . G   A 1 25 ? -11.614 -2.340  8.257   1.00 10.28 ? 2671 G   A C4     1 
ATOM   539 P  P      . U   A 1 26 ? -15.508 -2.537  12.964  1.00 12.98 ? 2672 U   A P      1 
ATOM   540 O  OP1    . U   A 1 26 ? -16.136 -2.057  14.213  1.00 14.19 ? 2672 U   A OP1    1 
ATOM   541 O  OP2    . U   A 1 26 ? -15.778 -3.910  12.489  1.00 14.65 ? 2672 U   A OP2    1 
ATOM   542 O  "O5'"  . U   A 1 26 ? -15.872 -1.552  11.765  1.00 11.98 ? 2672 U   A "O5'"  1 
ATOM   543 C  "C5'"  . U   A 1 26 ? -15.772 -0.146  11.912  1.00 11.77 ? 2672 U   A "C5'"  1 
ATOM   544 C  "C4'"  . U   A 1 26 ? -15.979 0.481   10.552  1.00 11.31 ? 2672 U   A "C4'"  1 
ATOM   545 O  "O4'"  . U   A 1 26 ? -14.926 0.042   9.658   1.00 11.49 ? 2672 U   A "O4'"  1 
ATOM   546 C  "C3'"  . U   A 1 26 ? -17.247 0.032   9.846   1.00 10.80 ? 2672 U   A "C3'"  1 
ATOM   547 O  "O3'"  . U   A 1 26 ? -18.365 0.757   10.324  1.00 10.68 ? 2672 U   A "O3'"  1 
ATOM   548 C  "C2'"  . U   A 1 26 ? -16.904 0.393   8.408   1.00 11.04 ? 2672 U   A "C2'"  1 
ATOM   549 O  "O2'"  . U   A 1 26 ? -16.983 1.786   8.184   1.00 11.60 ? 2672 U   A "O2'"  1 
ATOM   550 C  "C1'"  . U   A 1 26 ? -15.449 -0.057  8.346   1.00 11.35 ? 2672 U   A "C1'"  1 
ATOM   551 N  N1     . U   A 1 26 ? -15.266 -1.449  7.849   1.00 10.87 ? 2672 U   A N1     1 
ATOM   552 C  C2     . U   A 1 26 ? -15.251 -1.645  6.487   1.00 10.37 ? 2672 U   A C2     1 
ATOM   553 O  O2     . U   A 1 26 ? -15.393 -0.730  5.695   1.00 11.25 ? 2672 U   A O2     1 
ATOM   554 N  N3     . U   A 1 26 ? -15.068 -2.945  6.087   1.00 11.10 ? 2672 U   A N3     1 
ATOM   555 C  C4     . U   A 1 26 ? -14.905 -4.048  6.902   1.00 11.61 ? 2672 U   A C4     1 
ATOM   556 O  O4     . U   A 1 26 ? -14.751 -5.155  6.395   1.00 12.30 ? 2672 U   A O4     1 
ATOM   557 C  C5     . U   A 1 26 ? -14.934 -3.764  8.316   1.00 11.30 ? 2672 U   A C5     1 
ATOM   558 C  C6     . U   A 1 26 ? -15.108 -2.501  8.729   1.00 11.26 ? 2672 U   A C6     1 
ATOM   559 P  P      . G   A 1 27 ? -19.823 0.106   10.256  1.00 10.73 ? 2673 G   A P      1 
ATOM   560 O  OP1    . G   A 1 27 ? -20.714 1.017   11.006  1.00 11.54 ? 2673 G   A OP1    1 
ATOM   561 O  OP2    . G   A 1 27 ? -19.745 -1.317  10.644  1.00 12.04 ? 2673 G   A OP2    1 
ATOM   562 O  "O5'"  . G   A 1 27 ? -20.188 0.146   8.704   1.00 10.36 ? 2673 G   A "O5'"  1 
ATOM   563 C  "C5'"  . G   A 1 27 ? -20.482 1.386   8.091   1.00 10.27 ? 2673 G   A "C5'"  1 
ATOM   564 C  "C4'"  . G   A 1 27 ? -20.689 1.190   6.604   1.00 10.06 ? 2673 G   A "C4'"  1 
ATOM   565 O  "O4'"  . G   A 1 27 ? -19.445 0.763   6.004   1.00 9.70  ? 2673 G   A "O4'"  1 
ATOM   566 C  "C3'"  . G   A 1 27 ? -21.663 0.095   6.202   1.00 10.52 ? 2673 G   A "C3'"  1 
ATOM   567 O  "O3'"  . G   A 1 27 ? -23.005 0.545   6.310   1.00 12.54 ? 2673 G   A "O3'"  1 
ATOM   568 C  "C2'"  . G   A 1 27 ? -21.258 -0.087  4.746   1.00 10.40 ? 2673 G   A "C2'"  1 
ATOM   569 O  "O2'"  . G   A 1 27 ? -21.824 0.916   3.928   1.00 11.52 ? 2673 G   A "O2'"  1 
ATOM   570 C  "C1'"  . G   A 1 27 ? -19.735 0.051   4.820   1.00 9.92  ? 2673 G   A "C1'"  1 
ATOM   571 N  N9     . G   A 1 27 ? -19.094 -1.253  4.881   1.00 9.40  ? 2673 G   A N9     1 
ATOM   572 C  C8     . G   A 1 27 ? -18.799 -1.999  5.995   1.00 9.13  ? 2673 G   A C8     1 
ATOM   573 N  N7     . G   A 1 27 ? -18.242 -3.147  5.713   1.00 9.09  ? 2673 G   A N7     1 
ATOM   574 C  C5     . G   A 1 27 ? -18.177 -3.159  4.324   1.00 9.10  ? 2673 G   A C5     1 
ATOM   575 C  C6     . G   A 1 27 ? -17.685 -4.142  3.432   1.00 9.65  ? 2673 G   A C6     1 
ATOM   576 O  O6     . G   A 1 27 ? -17.182 -5.241  3.706   1.00 10.38 ? 2673 G   A O6     1 
ATOM   577 N  N1     . G   A 1 27 ? -17.822 -3.744  2.102   1.00 10.06 ? 2673 G   A N1     1 
ATOM   578 C  C2     . G   A 1 27 ? -18.372 -2.555  1.682   1.00 9.63  ? 2673 G   A C2     1 
ATOM   579 N  N2     . G   A 1 27 ? -18.424 -2.346  0.358   1.00 10.17 ? 2673 G   A N2     1 
ATOM   580 N  N3     . G   A 1 27 ? -18.834 -1.628  2.508   1.00 9.29  ? 2673 G   A N3     1 
ATOM   581 C  C4     . G   A 1 27 ? -18.706 -2.003  3.803   1.00 9.13  ? 2673 G   A C4     1 
HETATM 582 C  C1     . GOL B 2 .  ? 5.431   -6.390  2.835   0.88 13.33 ? 1    GOL A C1     1 
HETATM 583 O  O1     . GOL B 2 .  ? 5.138   -7.738  3.133   0.88 13.79 ? 1    GOL A O1     1 
HETATM 584 C  C2     . GOL B 2 .  ? 6.708   -5.955  3.548   0.88 13.00 ? 1    GOL A C2     1 
HETATM 585 O  O2     . GOL B 2 .  ? 6.479   -5.861  4.939   0.88 13.01 ? 1    GOL A O2     1 
HETATM 586 C  C3     . GOL B 2 .  ? 7.161   -4.611  2.983   0.88 12.86 ? 1    GOL A C3     1 
HETATM 587 O  O3     . GOL B 2 .  ? 8.313   -4.147  3.654   0.88 13.20 ? 1    GOL A O3     1 
HETATM 588 H  H11    . GOL B 2 .  ? 5.555   -6.270  1.758   0.00 12.25 ? 1    GOL A H11    1 
HETATM 589 H  H12    . GOL B 2 .  ? 4.602   -5.757  3.152   0.00 12.25 ? 1    GOL A H12    1 
HETATM 590 H  HO1    . GOL B 2 .  ? 4.374   -8.030  2.592   0.00 12.25 ? 1    GOL A HO1    1 
HETATM 591 H  H2     . GOL B 2 .  ? 7.485   -6.693  3.351   0.00 12.25 ? 1    GOL A H2     1 
HETATM 592 H  HO2    . GOL B 2 .  ? 7.308   -5.604  5.392   0.00 12.25 ? 1    GOL A HO2    1 
HETATM 593 H  H31    . GOL B 2 .  ? 7.378   -4.717  1.920   0.00 12.25 ? 1    GOL A H31    1 
HETATM 594 H  H32    . GOL B 2 .  ? 6.359   -3.882  3.092   0.00 12.25 ? 1    GOL A H32    1 
HETATM 595 H  HO3    . GOL B 2 .  ? 8.415   -3.187  3.490   0.00 12.25 ? 1    GOL A HO3    1 
HETATM 596 O  O      . HOH C 3 .  ? 6.055   12.222  -12.048 1.00 9.63  ? 2674 HOH A O      1 
HETATM 597 O  O      . HOH C 3 .  ? 14.694  12.139  -13.223 1.00 9.65  ? 2675 HOH A O      1 
HETATM 598 O  O      . HOH C 3 .  ? -0.767  -2.928  1.377   1.00 11.07 ? 2676 HOH A O      1 
HETATM 599 O  O      . HOH C 3 .  ? 13.640  8.488   -4.820  1.00 10.74 ? 2677 HOH A O      1 
HETATM 600 O  O      . HOH C 3 .  ? 13.394  -5.069  -11.227 1.00 11.01 ? 2678 HOH A O      1 
HETATM 601 O  O      . HOH C 3 .  ? 9.850   8.569   -16.776 1.00 11.54 ? 2679 HOH A O      1 
HETATM 602 O  O      . HOH C 3 .  ? 3.339   -3.884  1.810   1.00 12.17 ? 2680 HOH A O      1 
HETATM 603 O  O      . HOH C 3 .  ? -3.571  -3.163  11.388  1.00 11.04 ? 2681 HOH A O      1 
HETATM 604 O  O      . HOH C 3 .  ? 12.564  2.544   -1.097  1.00 13.81 ? 2682 HOH A O      1 
HETATM 605 O  O      . HOH C 3 .  ? 4.220   4.758   2.960   1.00 13.89 ? 2683 HOH A O      1 
HETATM 606 O  O      . HOH C 3 .  ? 11.772  7.390   -2.988  1.00 12.88 ? 2684 HOH A O      1 
HETATM 607 O  O      . HOH C 3 .  ? 16.838  0.341   -8.740  1.00 13.51 ? 2685 HOH A O      1 
HETATM 608 O  O      . HOH C 3 .  ? -2.956  0.630   2.326   1.00 15.78 ? 2686 HOH A O      1 
HETATM 609 O  O      . HOH C 3 .  ? 16.780  2.667   -7.306  1.00 14.76 ? 2687 HOH A O      1 
HETATM 610 O  O      . HOH C 3 .  ? -4.718  -6.093  0.224   1.00 13.19 ? 2688 HOH A O      1 
HETATM 611 O  O      . HOH C 3 .  ? -3.516  -1.903  0.798   1.00 14.90 ? 2689 HOH A O      1 
HETATM 612 O  O      . HOH C 3 .  ? -8.622  1.247   10.019  1.00 9.44  ? 2690 HOH A O      1 
HETATM 613 O  O      . HOH C 3 .  ? -7.215  -0.803  11.253  1.00 10.62 ? 2691 HOH A O      1 
HETATM 614 O  O      . HOH C 3 .  ? -2.608  -13.925 -3.013  1.00 16.53 ? 2692 HOH A O      1 
HETATM 615 O  O      . HOH C 3 .  ? -5.459  -3.732  1.541   1.00 13.80 ? 2693 HOH A O      1 
HETATM 616 O  O      . HOH C 3 .  ? -8.114  -2.760  1.412   1.00 13.52 ? 2694 HOH A O      1 
HETATM 617 O  O      . HOH C 3 .  ? -17.153 -5.113  -0.143  1.00 12.43 ? 2695 HOH A O      1 
HETATM 618 O  O      . HOH C 3 .  ? 14.730  -0.220  -2.432  1.00 13.34 ? 2696 HOH A O      1 
HETATM 619 O  O      . HOH C 3 .  ? 7.692   -6.497  -0.072  1.00 22.74 ? 2697 HOH A O      1 
HETATM 620 O  O      . HOH C 3 .  ? -0.938  1.006   0.359   1.00 17.67 ? 2698 HOH A O      1 
HETATM 621 O  O      . HOH C 3 .  ? -6.677  -6.995  2.498   1.00 13.98 ? 2699 HOH A O      1 
HETATM 622 O  O      . HOH C 3 .  ? -4.764  -2.919  -2.307  1.00 19.05 ? 2700 HOH A O      1 
HETATM 623 O  O      . HOH C 3 .  ? 1.015   -0.782  13.326  0.50 9.45  ? 2701 HOH A O      1 
HETATM 624 O  O      . HOH C 3 .  ? 13.117  3.643   -14.745 1.00 19.51 ? 2702 HOH A O      1 
HETATM 625 O  O      A HOH C 3 .  ? 15.465  -5.982  -6.829  0.50 10.89 ? 2703 HOH A O      1 
HETATM 626 O  O      B HOH C 3 .  ? 16.178  -6.190  -8.402  0.50 16.59 ? 2703 HOH A O      1 
HETATM 627 O  O      . HOH C 3 .  ? -0.056  2.878   3.115   1.00 17.76 ? 2704 HOH A O      1 
HETATM 628 O  O      . HOH C 3 .  ? 15.282  1.674   -4.514  1.00 18.00 ? 2705 HOH A O      1 
HETATM 629 O  O      . HOH C 3 .  ? 0.791   -13.208 0.164   1.00 19.74 ? 2706 HOH A O      1 
HETATM 630 O  O      . HOH C 3 .  ? 6.266   10.242  -3.603  1.00 15.13 ? 2707 HOH A O      1 
HETATM 631 O  O      . HOH C 3 .  ? 10.440  3.082   6.453   1.00 15.22 ? 2708 HOH A O      1 
HETATM 632 O  O      . HOH C 3 .  ? 16.692  -4.107  -11.792 1.00 25.91 ? 2709 HOH A O      1 
HETATM 633 O  O      . HOH C 3 .  ? -16.676 2.455   5.526   1.00 15.94 ? 2710 HOH A O      1 
HETATM 634 O  O      . HOH C 3 .  ? -6.785  9.715   6.671   1.00 17.29 ? 2711 HOH A O      1 
HETATM 635 O  O      . HOH C 3 .  ? 15.597  -1.199  -5.469  1.00 20.87 ? 2712 HOH A O      1 
HETATM 636 O  O      . HOH C 3 .  ? -2.367  2.968   4.639   1.00 19.13 ? 2713 HOH A O      1 
HETATM 637 O  O      . HOH C 3 .  ? 4.707   -0.235  -7.463  1.00 13.47 ? 2714 HOH A O      1 
HETATM 638 O  O      . HOH C 3 .  ? -20.834 0.107   1.567   1.00 16.86 ? 2715 HOH A O      1 
HETATM 639 O  O      . HOH C 3 .  ? 17.151  -3.761  -7.779  1.00 23.56 ? 2716 HOH A O      1 
HETATM 640 O  O      . HOH C 3 .  ? -1.718  0.578   -6.171  1.00 26.66 ? 2717 HOH A O      1 
HETATM 641 O  O      . HOH C 3 .  ? 8.185   4.404   -14.234 1.00 19.00 ? 2718 HOH A O      1 
HETATM 642 O  O      . HOH C 3 .  ? 2.303   -7.523  3.540   0.50 13.37 ? 2719 HOH A O      1 
HETATM 643 O  O      . HOH C 3 .  ? -18.096 -3.589  10.304  1.00 17.93 ? 2720 HOH A O      1 
HETATM 644 O  O      . HOH C 3 .  ? 3.415   5.041   5.650   1.00 21.12 ? 2721 HOH A O      1 
HETATM 645 O  O      . HOH C 3 .  ? 3.943   -0.184  13.117  1.00 18.19 ? 2722 HOH A O      1 
HETATM 646 O  O      . HOH C 3 .  ? 2.450   4.538   9.269   1.00 16.27 ? 2723 HOH A O      1 
HETATM 647 O  O      . HOH C 3 .  ? -0.464  8.080   -6.334  1.00 21.86 ? 2724 HOH A O      1 
HETATM 648 O  O      . HOH C 3 .  ? 12.314  6.653   -0.328  1.00 24.03 ? 2725 HOH A O      1 
HETATM 649 O  O      . HOH C 3 .  ? 8.047   12.227  -4.123  1.00 16.72 ? 2726 HOH A O      1 
HETATM 650 O  O      . HOH C 3 .  ? -18.289 -11.605 -1.894  1.00 16.39 ? 2727 HOH A O      1 
HETATM 651 O  O      . HOH C 3 .  ? 1.620   -11.960 2.379   1.00 27.25 ? 2728 HOH A O      1 
HETATM 652 O  O      . HOH C 3 .  ? 8.814   10.066  -1.532  1.00 17.45 ? 2729 HOH A O      1 
HETATM 653 O  O      . HOH C 3 .  ? -14.002 -5.748  3.575   1.00 21.05 ? 2730 HOH A O      1 
HETATM 654 O  O      . HOH C 3 .  ? 15.441  2.017   0.840   1.00 24.67 ? 2731 HOH A O      1 
HETATM 655 O  O      . HOH C 3 .  ? 13.436  0.301   -14.421 1.00 14.77 ? 2732 HOH A O      1 
HETATM 656 O  O      . HOH C 3 .  ? 0.657   5.922   -0.190  1.00 32.10 ? 2733 HOH A O      1 
HETATM 657 O  O      . HOH C 3 .  ? 0.434   -5.170  -8.153  1.00 26.38 ? 2734 HOH A O      1 
HETATM 658 O  O      . HOH C 3 .  ? -6.835  -9.735  1.881   1.00 19.05 ? 2735 HOH A O      1 
HETATM 659 O  O      . HOH C 3 .  ? -6.331  -0.065  1.052   1.00 17.05 ? 2736 HOH A O      1 
HETATM 660 O  O      . HOH C 3 .  ? 14.922  12.041  -4.130  1.00 19.20 ? 2737 HOH A O      1 
HETATM 661 O  O      . HOH C 3 .  ? -6.377  3.463   1.941   1.00 16.67 ? 2738 HOH A O      1 
HETATM 662 O  O      . HOH C 3 .  ? 1.894   10.103  -2.970  1.00 24.47 ? 2739 HOH A O      1 
HETATM 663 O  O      . HOH C 3 .  ? 10.358  2.995   -13.206 1.00 16.06 ? 2740 HOH A O      1 
HETATM 664 O  O      . HOH C 3 .  ? -5.441  -13.603 -3.406  1.00 22.57 ? 2741 HOH A O      1 
HETATM 665 O  O      . HOH C 3 .  ? 10.963  12.864  -4.941  1.00 16.21 ? 2742 HOH A O      1 
HETATM 666 O  O      . HOH C 3 .  ? -21.517 -12.374 -2.707  1.00 17.10 ? 2743 HOH A O      1 
HETATM 667 O  O      . HOH C 3 .  ? 16.132  9.382   -4.317  1.00 24.80 ? 2744 HOH A O      1 
HETATM 668 O  O      . HOH C 3 .  ? 0.775   6.964   7.351   1.00 34.34 ? 2745 HOH A O      1 
HETATM 669 O  O      . HOH C 3 .  ? 8.637   -0.028  -9.633  1.00 11.65 ? 2746 HOH A O      1 
HETATM 670 O  O      . HOH C 3 .  ? 12.381  5.616   -17.381 1.00 31.55 ? 2747 HOH A O      1 
HETATM 671 O  O      . HOH C 3 .  ? -8.619  1.219   0.110   1.00 16.85 ? 2748 HOH A O      1 
HETATM 672 O  O      . HOH C 3 .  ? 14.920  3.551   -2.236  1.00 29.57 ? 2749 HOH A O      1 
HETATM 673 O  O      . HOH C 3 .  ? 6.734   16.139  -4.995  1.00 25.70 ? 2750 HOH A O      1 
HETATM 674 O  O      . HOH C 3 .  ? -7.263  -2.454  -1.288  1.00 30.45 ? 2751 HOH A O      1 
HETATM 675 O  O      . HOH C 3 .  ? -13.406 -5.386  0.879   1.00 22.22 ? 2752 HOH A O      1 
HETATM 676 O  O      . HOH C 3 .  ? 10.693  10.179  -3.771  1.00 17.27 ? 2753 HOH A O      1 
HETATM 677 O  O      . HOH C 3 .  ? 9.800   5.547   -16.438 1.00 21.53 ? 2754 HOH A O      1 
HETATM 678 O  O      . HOH C 3 .  ? -5.307  -11.444 -5.221  1.00 29.74 ? 2755 HOH A O      1 
HETATM 679 O  O      . HOH C 3 .  ? 15.814  -6.997  -2.533  1.00 19.96 ? 2756 HOH A O      1 
HETATM 680 O  O      . HOH C 3 .  ? -18.628 -2.412  -2.589  1.00 17.09 ? 2757 HOH A O      1 
HETATM 681 O  O      . HOH C 3 .  ? -6.881  -14.048 1.196   0.50 13.38 ? 2758 HOH A O      1 
HETATM 682 O  O      . HOH C 3 .  ? -3.121  8.328   9.006   1.00 15.87 ? 2759 HOH A O      1 
HETATM 683 O  O      . HOH C 3 .  ? 7.646   -6.517  -2.932  1.00 19.17 ? 2760 HOH A O      1 
HETATM 684 O  O      . HOH C 3 .  ? -10.905 -2.566  -2.380  1.00 19.40 ? 2761 HOH A O      1 
HETATM 685 O  O      . HOH C 3 .  ? -11.311 0.925   10.180  1.00 16.16 ? 2762 HOH A O      1 
HETATM 686 O  O      . HOH C 3 .  ? 2.393   6.546   1.902   1.00 24.84 ? 2763 HOH A O      1 
HETATM 687 O  O      . HOH C 3 .  ? 0.090   -2.485  -7.780  1.00 20.84 ? 2764 HOH A O      1 
HETATM 688 O  O      . HOH C 3 .  ? -18.187 -4.986  7.866   1.00 14.64 ? 2765 HOH A O      1 
HETATM 689 O  O      . HOH C 3 .  ? -13.317 -3.520  -8.732  1.00 19.17 ? 2766 HOH A O      1 
HETATM 690 O  O      . HOH C 3 .  ? -8.766  -6.750  4.709   1.00 23.14 ? 2767 HOH A O      1 
HETATM 691 O  O      . HOH C 3 .  ? 0.059   8.057   -3.134  1.00 34.63 ? 2768 HOH A O      1 
HETATM 692 O  O      . HOH C 3 .  ? 17.533  -0.040  -1.923  1.00 30.86 ? 2769 HOH A O      1 
HETATM 693 O  O      . HOH C 3 .  ? -12.724 3.548   7.351   0.50 12.87 ? 2770 HOH A O      1 
HETATM 694 O  O      . HOH C 3 .  ? 0.875   4.681   4.982   1.00 23.02 ? 2771 HOH A O      1 
HETATM 695 O  O      . HOH C 3 .  ? 3.523   13.031  -5.012  1.00 35.86 ? 2772 HOH A O      1 
HETATM 696 O  O      . HOH C 3 .  ? -10.126 -3.908  -0.143  1.00 18.08 ? 2773 HOH A O      1 
HETATM 697 O  O      . HOH C 3 .  ? -15.729 -4.745  -9.020  1.00 17.68 ? 2774 HOH A O      1 
HETATM 698 O  O      . HOH C 3 .  ? -8.909  4.258   -4.424  1.00 38.84 ? 2775 HOH A O      1 
HETATM 699 O  O      . HOH C 3 .  ? -3.112  -10.743 -6.765  1.00 33.33 ? 2776 HOH A O      1 
HETATM 700 O  O      . HOH C 3 .  ? -0.940  3.830   0.527   1.00 37.39 ? 2777 HOH A O      1 
HETATM 701 O  O      . HOH C 3 .  ? -13.855 -7.258  8.173   1.00 34.07 ? 2778 HOH A O      1 
HETATM 702 O  O      . HOH C 3 .  ? 19.499  3.556   -6.957  1.00 37.37 ? 2779 HOH A O      1 
HETATM 703 O  O      . HOH C 3 .  ? 21.654  6.310   -12.225 1.00 20.57 ? 2780 HOH A O      1 
HETATM 704 O  O      . HOH C 3 .  ? -10.992 -7.497  9.796   1.00 23.63 ? 2781 HOH A O      1 
HETATM 705 O  O      . HOH C 3 .  ? -1.297  6.480   5.197   1.00 33.37 ? 2782 HOH A O      1 
HETATM 706 O  O      . HOH C 3 .  ? -2.844  8.509   6.157   1.00 41.07 ? 2783 HOH A O      1 
HETATM 707 O  O      . HOH C 3 .  ? -18.488 -0.275  14.761  1.00 29.71 ? 2784 HOH A O      1 
HETATM 708 O  O      . HOH C 3 .  ? -4.431  2.155   0.679   1.00 32.04 ? 2785 HOH A O      1 
HETATM 709 O  O      . HOH C 3 .  ? 5.827   11.503  -0.989  1.00 24.90 ? 2786 HOH A O      1 
HETATM 710 O  O      . HOH C 3 .  ? -23.258 -0.038  11.405  1.00 35.10 ? 2787 HOH A O      1 
HETATM 711 O  O      . HOH C 3 .  ? 13.127  10.821  -2.353  1.00 33.76 ? 2788 HOH A O      1 
HETATM 712 O  O      . HOH C 3 .  ? -8.506  -9.615  5.116   1.00 40.55 ? 2789 HOH A O      1 
HETATM 713 O  O      . HOH C 3 .  ? 2.451   1.648   -8.112  1.00 30.28 ? 2790 HOH A O      1 
HETATM 714 O  O      . HOH C 3 .  ? -14.467 -6.187  10.836  1.00 31.72 ? 2791 HOH A O      1 
HETATM 715 O  O      . HOH C 3 .  ? 4.521   7.311   6.808   1.00 40.35 ? 2792 HOH A O      1 
HETATM 716 O  O      . HOH C 3 .  ? -10.934 -10.647 12.513  1.00 31.62 ? 2793 HOH A O      1 
HETATM 717 O  O      . HOH C 3 .  ? 16.996  -0.883  1.629   1.00 24.25 ? 2794 HOH A O      1 
HETATM 718 O  O      . HOH C 3 .  ? -6.172  1.541   -3.212  1.00 32.55 ? 2795 HOH A O      1 
HETATM 719 O  O      . HOH C 3 .  ? -5.686  -2.655  -5.030  1.00 30.00 ? 2796 HOH A O      1 
HETATM 720 O  O      . HOH C 3 .  ? -5.278  -8.349  -6.779  1.00 38.56 ? 2797 HOH A O      1 
HETATM 721 O  O      . HOH C 3 .  ? 20.921  4.131   -14.042 1.00 22.15 ? 2798 HOH A O      1 
HETATM 722 O  O      . HOH C 3 .  ? 10.188  10.496  1.078   1.00 36.03 ? 2799 HOH A O      1 
HETATM 723 O  O      . HOH C 3 .  ? 19.732  7.579   -6.416  1.00 26.48 ? 2800 HOH A O      1 
HETATM 724 O  O      . HOH C 3 .  ? 6.764   2.073   10.225  1.00 24.56 ? 2801 HOH A O      1 
HETATM 725 O  O      . HOH C 3 .  ? 6.078   -9.343  1.238   1.00 27.74 ? 2802 HOH A O      1 
HETATM 726 O  O      . HOH C 3 .  ? -13.389 5.973   4.489   1.00 29.57 ? 2803 HOH A O      1 
HETATM 727 O  O      . HOH C 3 .  ? 9.740   13.267  -2.091  1.00 27.91 ? 2804 HOH A O      1 
HETATM 728 O  O      . HOH C 3 .  ? 18.093  -0.113  -5.046  1.00 40.62 ? 2805 HOH A O      1 
HETATM 729 O  O      . HOH C 3 .  ? -25.365 1.829   6.725   1.00 31.92 ? 2806 HOH A O      1 
HETATM 730 O  O      . HOH C 3 .  ? 15.692  -3.595  -0.745  1.00 23.72 ? 2807 HOH A O      1 
HETATM 731 O  O      . HOH C 3 .  ? -2.684  -15.292 8.745   1.00 39.61 ? 2808 HOH A O      1 
HETATM 732 O  O      . HOH C 3 .  ? 19.562  -0.166  -8.307  1.00 34.11 ? 2809 HOH A O      1 
HETATM 733 O  O      . HOH C 3 .  ? -0.711  -9.533  -6.321  1.00 14.84 ? 2810 HOH A O      1 
HETATM 734 O  O      . HOH C 3 .  ? -14.139 3.470   5.058   1.00 18.78 ? 2811 HOH A O      1 
HETATM 735 O  O      . HOH C 3 .  ? -3.128  5.057   2.938   1.00 24.21 ? 2812 HOH A O      1 
HETATM 736 O  O      . HOH C 3 .  ? -16.475 3.682   -1.031  1.00 22.35 ? 2813 HOH A O      1 
HETATM 737 O  O      . HOH C 3 .  ? -15.066 3.506   9.151   1.00 17.83 ? 2814 HOH A O      1 
HETATM 738 O  O      . HOH C 3 .  ? -0.640  6.493   11.312  1.00 16.02 ? 2815 HOH A O      1 
HETATM 739 O  O      . HOH C 3 .  ? -9.253  -3.079  15.061  1.00 20.99 ? 2816 HOH A O      1 
HETATM 740 O  O      . HOH C 3 .  ? 11.126  -7.867  -2.710  1.00 17.39 ? 2817 HOH A O      1 
HETATM 741 O  O      . HOH C 3 .  ? -18.745 3.954   4.380   1.00 30.37 ? 2818 HOH A O      1 
HETATM 742 O  O      . HOH C 3 .  ? -8.203  -0.045  -2.351  1.00 23.49 ? 2819 HOH A O      1 
HETATM 743 O  O      . HOH C 3 .  ? 10.072  -1.010  8.703   1.00 20.79 ? 2820 HOH A O      1 
HETATM 744 O  O      . HOH C 3 .  ? -24.286 0.367   8.750   1.00 20.49 ? 2821 HOH A O      1 
HETATM 745 O  O      . HOH C 3 .  ? -6.395  7.475   1.415   1.00 26.07 ? 2822 HOH A O      1 
HETATM 746 O  O      . HOH C 3 .  ? -13.170 7.231   1.568   1.00 21.48 ? 2823 HOH A O      1 
HETATM 747 O  O      . HOH C 3 .  ? -20.354 -2.055  13.259  1.00 27.04 ? 2824 HOH A O      1 
HETATM 748 O  O      . HOH C 3 .  ? -8.637  -11.537 13.790  1.00 20.92 ? 2825 HOH A O      1 
HETATM 749 O  O      . HOH C 3 .  ? -7.654  -13.206 8.060   1.00 25.97 ? 2826 HOH A O      1 
HETATM 750 O  O      . HOH C 3 .  ? -14.997 -6.694  -0.918  1.00 32.49 ? 2827 HOH A O      1 
HETATM 751 O  O      . HOH C 3 .  ? 18.742  0.160   -14.290 1.00 27.95 ? 2828 HOH A O      1 
HETATM 752 O  O      . HOH C 3 .  ? 20.681  1.479   -12.877 1.00 31.24 ? 2829 HOH A O      1 
HETATM 753 O  O      . HOH C 3 .  ? 0.985   12.195  -6.137  1.00 22.39 ? 2830 HOH A O      1 
HETATM 754 O  O      . HOH C 3 .  ? -7.090  4.030   -2.256  1.00 28.17 ? 2831 HOH A O      1 
HETATM 755 O  O      . HOH C 3 .  ? -2.451  -14.309 6.283   1.00 36.18 ? 2832 HOH A O      1 
HETATM 756 O  O      . HOH C 3 .  ? 3.823   -10.184 -0.845  1.00 31.86 ? 2833 HOH A O      1 
HETATM 757 O  O      . HOH C 3 .  ? -16.214 4.125   1.721   1.00 37.48 ? 2834 HOH A O      1 
HETATM 758 O  O      . HOH C 3 .  ? -0.644  3.834   -6.585  1.00 31.20 ? 2835 HOH A O      1 
HETATM 759 O  O      . HOH C 3 .  ? -11.561 -6.740  6.053   1.00 31.16 ? 2836 HOH A O      1 
HETATM 760 O  O      . HOH C 3 .  ? -19.276 3.144   1.803   1.00 37.45 ? 2837 HOH A O      1 
HETATM 761 O  O      . HOH C 3 .  ? -7.748  -5.356  -2.904  1.00 31.95 ? 2838 HOH A O      1 
HETATM 762 O  O      . HOH C 3 .  ? -23.027 -10.845 -5.836  1.00 32.97 ? 2839 HOH A O      1 
HETATM 763 O  O      . HOH C 3 .  ? -11.708 -2.560  16.628  1.00 38.00 ? 2840 HOH A O      1 
HETATM 764 O  O      . HOH C 3 .  ? 2.945   -9.909  3.017   1.00 34.19 ? 2841 HOH A O      1 
HETATM 765 O  O      . HOH C 3 .  ? -8.933  -5.386  2.356   1.00 38.02 ? 2842 HOH A O      1 
HETATM 766 O  O      . HOH C 3 .  ? -6.916  -7.692  -0.637  1.00 38.01 ? 2843 HOH A O      1 
HETATM 767 O  O      . HOH C 3 .  ? 14.841  4.374   2.278   1.00 33.38 ? 2844 HOH A O      1 
HETATM 768 O  O      . HOH C 3 .  ? -11.310 -6.441  3.169   1.00 37.35 ? 2845 HOH A O      1 
HETATM 769 O  O      . HOH C 3 .  ? -3.288  -6.533  -7.637  1.00 37.66 ? 2846 HOH A O      1 
HETATM 770 O  O      . HOH C 3 .  ? -6.107  -15.123 3.551   1.00 40.39 ? 2847 HOH A O      1 
HETATM 771 O  O      . HOH C 3 .  ? -5.114  -3.975  13.929  1.00 24.72 ? 2848 HOH A O      1 
HETATM 772 O  O      . HOH C 3 .  ? -1.748  6.443   -4.479  1.00 36.06 ? 2849 HOH A O      1 
HETATM 773 O  O      . HOH C 3 .  ? -9.357  -9.126  8.146   1.00 36.20 ? 2850 HOH A O      1 
HETATM 774 O  O      . HOH C 3 .  ? 16.447  7.089   2.320   1.00 39.44 ? 2851 HOH A O      1 
HETATM 775 O  O      . HOH C 3 .  ? -5.545  -5.199  -6.654  1.00 33.76 ? 2852 HOH A O      1 
HETATM 776 O  O      . HOH C 3 .  ? 11.334  1.675   -15.644 1.00 31.10 ? 2853 HOH A O      1 
HETATM 777 O  O      . HOH C 3 .  ? -13.088 -7.390  -2.765  1.00 37.05 ? 2854 HOH A O      1 
HETATM 778 O  O      . HOH C 3 .  ? -3.555  1.436   -1.908  1.00 35.00 ? 2855 HOH A O      1 
HETATM 779 O  O      . HOH C 3 .  ? 7.455   3.231   -10.848 1.00 14.29 ? 2856 HOH A O      1 
HETATM 780 O  O      . HOH C 3 .  ? 6.091   5.596   -9.954  1.00 20.65 ? 2857 HOH A O      1 
# 
loop_
_atom_site_anisotrop.id 
_atom_site_anisotrop.type_symbol 
_atom_site_anisotrop.pdbx_label_atom_id 
_atom_site_anisotrop.pdbx_label_alt_id 
_atom_site_anisotrop.pdbx_label_comp_id 
_atom_site_anisotrop.pdbx_label_asym_id 
_atom_site_anisotrop.pdbx_label_seq_id 
_atom_site_anisotrop.pdbx_PDB_ins_code 
_atom_site_anisotrop.U[1][1] 
_atom_site_anisotrop.U[2][2] 
_atom_site_anisotrop.U[3][3] 
_atom_site_anisotrop.U[1][2] 
_atom_site_anisotrop.U[1][3] 
_atom_site_anisotrop.U[2][3] 
_atom_site_anisotrop.pdbx_auth_seq_id 
_atom_site_anisotrop.pdbx_auth_comp_id 
_atom_site_anisotrop.pdbx_auth_asym_id 
_atom_site_anisotrop.pdbx_auth_atom_id 
1   O  "O5'"  . U   A 1  ? 0.2817 0.1646 0.2202 0.0014  0.0240  -0.0542 2647 U   A "O5'"  
2   C  "C5'"  . U   A 1  ? 0.2753 0.1600 0.2118 -0.0034 0.0286  -0.0512 2647 U   A "C5'"  
3   C  "C4'"  . U   A 1  ? 0.2669 0.1516 0.2014 -0.0087 0.0313  -0.0478 2647 U   A "C4'"  
4   O  "O4'"  . U   A 1  ? 0.2432 0.1505 0.2040 -0.0040 0.0357  -0.0514 2647 U   A "O4'"  
5   C  "C3'"  . U   A 1  ? 0.2715 0.1486 0.1796 -0.0269 0.0111  -0.0420 2647 U   A "C3'"  
6   O  "O3'"  . U   A 1  ? 0.2902 0.1586 0.1668 -0.0465 0.0018  -0.0437 2647 U   A "O3'"  
7   C  "C2'"  . U   A 1  ? 0.2353 0.1413 0.1746 -0.0161 0.0154  -0.0401 2647 U   A "C2'"  
8   O  "O2'"  . U   A 1  ? 0.2181 0.1395 0.1715 -0.0114 0.0044  -0.0364 2647 U   A "O2'"  
9   C  "C1'"  . U   A 1  ? 0.2213 0.1449 0.1849 -0.0187 0.0370  -0.0483 2647 U   A "C1'"  
10  N  N1     . U   A 1  ? 0.2022 0.1599 0.1811 -0.0216 0.0506  -0.0624 2647 U   A N1     
11  C  C2     . U   A 1  ? 0.1879 0.1660 0.1736 -0.0318 0.0637  -0.0686 2647 U   A C2     
12  O  O2     . U   A 1  ? 0.2096 0.1642 0.1741 -0.0370 0.0629  -0.0677 2647 U   A O2     
13  N  N3     . U   A 1  ? 0.1902 0.1666 0.1905 -0.0372 0.0707  -0.0711 2647 U   A N3     
14  C  C4     . U   A 1  ? 0.1937 0.1635 0.1880 -0.0414 0.0636  -0.0688 2647 U   A C4     
15  O  O4     . U   A 1  ? 0.2180 0.1588 0.1985 -0.0482 0.0556  -0.0665 2647 U   A O4     
16  C  C5     . U   A 1  ? 0.2018 0.1714 0.2015 -0.0222 0.0535  -0.0734 2647 U   A C5     
17  C  C6     . U   A 1  ? 0.2066 0.1705 0.1999 -0.0161 0.0451  -0.0718 2647 U   A C6     
18  P  P      . G   A 2  ? 0.3019 0.1662 0.1529 -0.0644 -0.0060 -0.0454 2648 G   A P      
19  O  OP1    . G   A 2  ? 0.3345 0.1966 0.1513 -0.0593 -0.0001 -0.0585 2648 G   A OP1    
20  O  OP2    . G   A 2  ? 0.3119 0.1788 0.1518 -0.0379 -0.0235 -0.0448 2648 G   A OP2    
21  O  "O5'"  . G   A 2  ? 0.3109 0.1720 0.1327 -0.0420 -0.0410 -0.0375 2648 G   A "O5'"  
22  C  "C5'"  . G   A 2  ? 0.2956 0.1678 0.1382 -0.0397 -0.0539 -0.0296 2648 G   A "C5'"  
23  C  "C4'"  . G   A 2  ? 0.2670 0.1645 0.1380 -0.0416 -0.0587 -0.0166 2648 G   A "C4'"  
24  O  "O4'"  . G   A 2  ? 0.2554 0.1748 0.1515 -0.0316 -0.0623 -0.0136 2648 G   A "O4'"  
25  C  "C3'"  . G   A 2  ? 0.2600 0.1636 0.1302 -0.0433 -0.0555 -0.0157 2648 G   A "C3'"  
26  O  "O3'"  . G   A 2  ? 0.2768 0.1501 0.1258 -0.0529 -0.0387 -0.0144 2648 G   A "O3'"  
27  C  "C2'"  . G   A 2  ? 0.2469 0.1747 0.1388 -0.0265 -0.0604 -0.0119 2648 G   A "C2'"  
28  O  "O2'"  . G   A 2  ? 0.2702 0.1822 0.1572 -0.0144 -0.0653 -0.0195 2648 G   A "O2'"  
29  C  "C1'"  . G   A 2  ? 0.2300 0.1773 0.1419 -0.0219 -0.0638 -0.0058 2648 G   A "C1'"  
30  N  N9     . G   A 2  ? 0.1712 0.1829 0.1528 -0.0274 -0.0414 -0.0027 2648 G   A N9     
31  C  C8     . G   A 2  ? 0.1568 0.1871 0.1607 -0.0268 -0.0336 -0.0072 2648 G   A C8     
32  N  N7     . G   A 2  ? 0.1570 0.1900 0.1577 -0.0245 -0.0322 -0.0073 2648 G   A N7     
33  C  C5     . G   A 2  ? 0.1323 0.1834 0.1530 -0.0253 -0.0332 -0.0006 2648 G   A C5     
34  C  C6     . G   A 2  ? 0.1200 0.1774 0.1577 -0.0221 -0.0172 0.0069  2648 G   A C6     
35  O  O6     . G   A 2  ? 0.1287 0.1736 0.1482 -0.0202 -0.0154 0.0119  2648 G   A O6     
36  N  N1     . G   A 2  ? 0.1133 0.1728 0.1695 -0.0174 -0.0208 0.0083  2648 G   A N1     
37  C  C2     . G   A 2  ? 0.1262 0.1740 0.1725 -0.0137 -0.0301 0.0083  2648 G   A C2     
38  N  N2     . G   A 2  ? 0.1356 0.1791 0.1775 -0.0081 -0.0332 0.0065  2648 G   A N2     
39  N  N3     . G   A 2  ? 0.1278 0.1771 0.1681 -0.0123 -0.0397 0.0042  2648 G   A N3     
40  C  C4     . G   A 2  ? 0.1401 0.1845 0.1595 -0.0282 -0.0342 -0.0020 2648 G   A C4     
41  P  P      . C   A 3  ? 0.2818 0.1441 0.1555 -0.0609 -0.0313 -0.0250 2649 C   A P      
42  O  OP1    . C   A 3  ? 0.2951 0.1561 0.1727 -0.0664 -0.0142 -0.0271 2649 C   A OP1    
43  O  OP2    . C   A 3  ? 0.2922 0.1418 0.1833 -0.0485 -0.0263 -0.0191 2649 C   A OP2    
44  O  "O5'"  . C   A 3  ? 0.2914 0.1166 0.1585 -0.0426 -0.0556 -0.0218 2649 C   A "O5'"  
45  C  "C5'"  . C   A 3  ? 0.2877 0.1257 0.1510 -0.0202 -0.0710 -0.0322 2649 C   A "C5'"  
46  C  "C4'"  . C   A 3  ? 0.2611 0.1339 0.1413 -0.0011 -0.0733 -0.0399 2649 C   A "C4'"  
47  O  "O4'"  . C   A 3  ? 0.2444 0.1355 0.1433 0.0154  -0.0739 -0.0410 2649 C   A "O4'"  
48  C  "C3'"  . C   A 3  ? 0.2497 0.1157 0.1321 0.0030  -0.0642 -0.0296 2649 C   A "C3'"  
49  O  "O3'"  . C   A 3  ? 0.2454 0.1111 0.1205 -0.0096 -0.0539 -0.0286 2649 C   A "O3'"  
50  C  "C2'"  . C   A 3  ? 0.2366 0.1109 0.1462 0.0198  -0.0654 -0.0328 2649 C   A "C2'"  
51  O  "O2'"  . C   A 3  ? 0.2505 0.1170 0.1613 0.0344  -0.0604 -0.0421 2649 C   A "O2'"  
52  C  "C1'"  . C   A 3  ? 0.2134 0.1203 0.1457 0.0156  -0.0619 -0.0368 2649 C   A "C1'"  
53  N  N1     . C   A 3  ? 0.1696 0.1106 0.1440 0.0050  -0.0409 -0.0333 2649 C   A N1     
54  C  C2     . C   A 3  ? 0.1417 0.1089 0.1456 0.0016  -0.0281 -0.0341 2649 C   A C2     
55  O  O2     . C   A 3  ? 0.1484 0.1203 0.1400 0.0139  -0.0320 -0.0372 2649 C   A O2     
56  N  N3     . C   A 3  ? 0.1327 0.0966 0.1437 -0.0107 -0.0211 -0.0291 2649 C   A N3     
57  C  C4     . C   A 3  ? 0.1351 0.0939 0.1450 -0.0117 -0.0155 -0.0315 2649 C   A C4     
58  N  N4     . C   A 3  ? 0.1581 0.0939 0.1503 -0.0123 -0.0051 -0.0360 2649 C   A N4     
59  C  C5     . C   A 3  ? 0.1640 0.1087 0.1431 -0.0021 -0.0198 -0.0336 2649 C   A C5     
60  C  C6     . C   A 3  ? 0.1739 0.1171 0.1449 0.0032  -0.0306 -0.0389 2649 C   A C6     
61  P  P      . UMS A 4  ? 0.2671 0.0958 0.1097 -0.0111 -0.0081 -0.0129 2650 UMS A P      
62  O  OP1    . UMS A 4  ? 0.3076 0.1039 0.1282 -0.0050 -0.0119 -0.0127 2650 UMS A OP1    
63  O  OP2    . UMS A 4  ? 0.2698 0.1156 0.1237 -0.0006 -0.0027 -0.0274 2650 UMS A OP2    
64  O  "O5'"  . UMS A 4  ? 0.2298 0.0900 0.1098 -0.0094 -0.0175 -0.0180 2650 UMS A "O5'"  
65  C  "C5'"  . UMS A 4  ? 0.2203 0.0936 0.1103 -0.0048 -0.0258 -0.0217 2650 UMS A "C5'"  
66  C  "C4'"  . UMS A 4  ? 0.1766 0.0934 0.1168 -0.0159 -0.0250 -0.0217 2650 UMS A "C4'"  
67  O  "O4'"  . UMS A 4  ? 0.1678 0.0913 0.1203 0.0011  -0.0343 -0.0211 2650 UMS A "O4'"  
68  C  "C3'"  . UMS A 4  ? 0.1667 0.0959 0.1161 -0.0221 -0.0168 -0.0172 2650 UMS A "C3'"  
69  O  "O3'"  . UMS A 4  ? 0.1840 0.1007 0.1141 -0.0348 -0.0125 -0.0125 2650 UMS A "O3'"  
70  C  "C2'"  . UMS A 4  ? 0.1539 0.1001 0.1137 -0.0062 -0.0160 -0.0201 2650 UMS A "C2'"  
71  SE "SE2'" . UMS A 4  ? 0.1852 0.1039 0.1305 0.0054  -0.0187 -0.0287 2650 UMS A "SE2'" 
72  C  "C1'"  . UMS A 4  ? 0.1523 0.0934 0.1023 0.0030  -0.0259 -0.0133 2650 UMS A "C1'"  
74  N  N1     . UMS A 4  ? 0.1328 0.1025 0.1065 -0.0154 -0.0054 -0.0212 2650 UMS A N1     
75  C  C2     . UMS A 4  ? 0.1209 0.0937 0.1244 -0.0095 -0.0060 -0.0210 2650 UMS A C2     
76  O  O2     . UMS A 4  ? 0.1318 0.0933 0.1226 -0.0049 -0.0120 -0.0259 2650 UMS A O2     
77  N  N3     . UMS A 4  ? 0.1187 0.0950 0.1141 -0.0074 -0.0097 -0.0186 2650 UMS A N3     
78  C  C4     . UMS A 4  ? 0.1131 0.1075 0.1042 -0.0125 -0.0154 -0.0218 2650 UMS A C4     
79  O  O4     . UMS A 4  ? 0.1319 0.1021 0.1146 -0.0092 -0.0262 -0.0191 2650 UMS A O4     
80  C  C5     . UMS A 4  ? 0.1278 0.1099 0.1108 -0.0117 -0.0045 -0.0248 2650 UMS A C5     
81  C  C6     . UMS A 4  ? 0.1435 0.1207 0.1017 -0.0103 -0.0016 -0.0267 2650 UMS A C6     
82  P  P      . C   A 5  ? 0.1984 0.1099 0.1162 -0.0341 -0.0011 -0.0091 2651 C   A P      
83  O  OP1    . C   A 5  ? 0.2075 0.1069 0.1391 -0.0378 -0.0149 -0.0080 2651 C   A OP1    
84  O  OP2    . C   A 5  ? 0.2133 0.1452 0.1094 -0.0305 0.0122  -0.0225 2651 C   A OP2    
85  O  "O5'"  . C   A 5  ? 0.1777 0.0939 0.1105 -0.0211 0.0065  -0.0158 2651 C   A "O5'"  
86  C  "C5'"  . C   A 5  ? 0.1606 0.0869 0.1069 -0.0117 -0.0052 -0.0258 2651 C   A "C5'"  
87  C  "C4'"  . C   A 5  ? 0.1415 0.0750 0.1106 -0.0102 0.0003  -0.0275 2651 C   A "C4'"  
88  O  "O4'"  . C   A 5  ? 0.1309 0.0739 0.1132 -0.0010 0.0054  -0.0290 2651 C   A "O4'"  
89  C  "C3'"  . C   A 5  ? 0.1357 0.0795 0.1051 -0.0089 0.0028  -0.0262 2651 C   A "C3'"  
90  O  "O3'"  . C   A 5  ? 0.1368 0.0795 0.1142 -0.0135 0.0004  -0.0254 2651 C   A "O3'"  
91  C  "C2'"  . C   A 5  ? 0.1307 0.0741 0.1018 -0.0131 0.0043  -0.0242 2651 C   A "C2'"  
92  O  "O2'"  . C   A 5  ? 0.1371 0.0821 0.1007 -0.0092 0.0025  -0.0231 2651 C   A "O2'"  
93  C  "C1'"  . C   A 5  ? 0.1337 0.0787 0.0988 0.0016  0.0037  -0.0250 2651 C   A "C1'"  
94  N  N1     . C   A 5  ? 0.1204 0.0802 0.1055 -0.0048 0.0041  -0.0255 2651 C   A N1     
95  C  C2     . C   A 5  ? 0.1224 0.0732 0.1169 -0.0054 -0.0005 -0.0299 2651 C   A C2     
96  O  O2     . C   A 5  ? 0.1446 0.0657 0.1043 -0.0051 -0.0014 -0.0281 2651 C   A O2     
97  N  N3     . C   A 5  ? 0.1153 0.0715 0.1209 -0.0023 -0.0042 -0.0323 2651 C   A N3     
98  C  C4     . C   A 5  ? 0.1124 0.0781 0.1192 0.0006  -0.0049 -0.0303 2651 C   A C4     
99  N  N4     . C   A 5  ? 0.1142 0.0938 0.1150 0.0029  -0.0036 -0.0371 2651 C   A N4     
100 C  C5     . C   A 5  ? 0.1177 0.0912 0.1113 -0.0084 0.0059  -0.0311 2651 C   A C5     
101 C  C6     . C   A 5  ? 0.1197 0.0907 0.1116 -0.0077 0.0182  -0.0278 2651 C   A C6     
102 P  P      . C   A 6  ? 0.1379 0.0789 0.1163 -0.0155 0.0045  -0.0189 2652 C   A P      
103 O  OP1    . C   A 6  ? 0.1497 0.0862 0.1321 -0.0171 -0.0056 -0.0224 2652 C   A OP1    
104 O  OP2    . C   A 6  ? 0.1528 0.1074 0.1102 -0.0104 0.0208  -0.0097 2652 C   A OP2    
105 O  "O5'"  . C   A 6  ? 0.1375 0.0761 0.0937 -0.0066 0.0031  -0.0304 2652 C   A "O5'"  
106 C  "C5'"  . C   A 6  ? 0.1349 0.0760 0.0953 -0.0023 0.0058  -0.0359 2652 C   A "C5'"  
107 C  "C4'"  . C   A 6  ? 0.1273 0.0716 0.0940 -0.0064 0.0117  -0.0346 2652 C   A "C4'"  
108 O  "O4'"  . C   A 6  ? 0.1206 0.0687 0.1011 -0.0062 0.0172  -0.0393 2652 C   A "O4'"  
109 C  "C3'"  . C   A 6  ? 0.1161 0.0786 0.0913 -0.0023 0.0076  -0.0331 2652 C   A "C3'"  
110 O  "O3'"  . C   A 6  ? 0.1229 0.0834 0.0891 -0.0050 0.0107  -0.0329 2652 C   A "O3'"  
111 C  "C2'"  . C   A 6  ? 0.1222 0.0729 0.0907 0.0013  0.0151  -0.0269 2652 C   A "C2'"  
112 O  "O2'"  . C   A 6  ? 0.1388 0.0748 0.0989 -0.0067 0.0101  -0.0200 2652 C   A "O2'"  
113 C  "C1'"  . C   A 6  ? 0.1208 0.0701 0.0986 0.0005  0.0129  -0.0325 2652 C   A "C1'"  
114 N  N1     . C   A 6  ? 0.1276 0.0684 0.0920 -0.0018 0.0131  -0.0304 2652 C   A N1     
115 C  C2     . C   A 6  ? 0.1240 0.0731 0.1001 -0.0054 0.0147  -0.0352 2652 C   A C2     
116 O  O2     . C   A 6  ? 0.1440 0.0709 0.0942 -0.0007 0.0039  -0.0322 2652 C   A O2     
117 N  N3     . C   A 6  ? 0.1198 0.0817 0.0944 -0.0012 0.0086  -0.0332 2652 C   A N3     
118 C  C4     . C   A 6  ? 0.1175 0.0787 0.1006 -0.0042 0.0051  -0.0310 2652 C   A C4     
119 N  N4     . C   A 6  ? 0.1370 0.0962 0.0996 -0.0007 -0.0017 -0.0355 2652 C   A N4     
120 C  C5     . C   A 6  ? 0.1272 0.0720 0.1086 0.0048  0.0041  -0.0328 2652 C   A C5     
121 C  C6     . C   A 6  ? 0.1339 0.0668 0.1025 0.0031  0.0052  -0.0317 2652 C   A C6     
122 P  P      . U   A 7  ? 0.1263 0.0837 0.1019 -0.0102 0.0067  -0.0375 2653 U   A P      
123 O  OP1    . U   A 7  ? 0.1363 0.1058 0.1289 -0.0135 -0.0108 -0.0577 2653 U   A OP1    
124 O  OP2    . U   A 7  ? 0.1337 0.0757 0.1260 -0.0128 0.0219  -0.0351 2653 U   A OP2    
125 O  "O5'"  . U   A 7  ? 0.1280 0.0803 0.0993 -0.0006 0.0062  -0.0267 2653 U   A "O5'"  
126 C  "C5'"  . U   A 7  ? 0.1305 0.0807 0.0954 0.0029  0.0052  -0.0244 2653 U   A "C5'"  
127 C  "C4'"  . U   A 7  ? 0.1161 0.0859 0.0879 -0.0012 0.0127  -0.0244 2653 U   A "C4'"  
128 O  "O4'"  . U   A 7  ? 0.1248 0.0779 0.0872 -0.0053 0.0128  -0.0226 2653 U   A "O4'"  
129 C  "C3'"  . U   A 7  ? 0.1120 0.0883 0.0925 -0.0048 0.0059  -0.0232 2653 U   A "C3'"  
130 O  "O3'"  . U   A 7  ? 0.1137 0.0923 0.1000 -0.0001 0.0058  -0.0102 2653 U   A "O3'"  
131 C  "C2'"  . U   A 7  ? 0.1192 0.0772 0.0956 -0.0054 0.0196  -0.0240 2653 U   A "C2'"  
132 O  "O2'"  . U   A 7  ? 0.1392 0.0732 0.1065 0.0069  0.0249  -0.0228 2653 U   A "O2'"  
133 C  "C1'"  . U   A 7  ? 0.1246 0.0717 0.0869 -0.0079 0.0178  -0.0169 2653 U   A "C1'"  
134 N  N1     . U   A 7  ? 0.1313 0.0781 0.0898 -0.0149 0.0097  -0.0184 2653 U   A N1     
135 C  C2     . U   A 7  ? 0.1308 0.0892 0.0955 -0.0277 0.0168  -0.0213 2653 U   A C2     
136 O  O2     . U   A 7  ? 0.1586 0.0941 0.0956 -0.0260 -0.0024 -0.0277 2653 U   A O2     
137 N  N3     . U   A 7  ? 0.1348 0.0901 0.0989 -0.0229 0.0087  -0.0121 2653 U   A N3     
138 C  C4     . U   A 7  ? 0.1274 0.0975 0.0984 -0.0150 0.0078  -0.0081 2653 U   A C4     
139 O  O4     . U   A 7  ? 0.1450 0.1063 0.1132 -0.0106 -0.0019 -0.0093 2653 U   A O4     
140 C  C5     . U   A 7  ? 0.1276 0.0856 0.1033 -0.0165 0.0079  -0.0102 2653 U   A C5     
141 C  C6     . U   A 7  ? 0.1233 0.0791 0.0947 -0.0151 0.0120  -0.0143 2653 U   A C6     
142 P  P      . A   A 8  ? 0.1260 0.1095 0.1099 -0.0036 0.0143  -0.0124 2654 A   A P      
143 O  OP1    . A   A 8  ? 0.1396 0.1199 0.1089 -0.0023 0.0275  -0.0174 2654 A   A OP1    
144 O  OP2    . A   A 8  ? 0.1247 0.1184 0.1371 0.0031  0.0019  -0.0147 2654 A   A OP2    
145 O  "O5'"  . A   A 8  ? 0.1263 0.0962 0.1075 -0.0203 0.0058  -0.0124 2654 A   A "O5'"  
146 C  "C5'"  . A   A 8  ? 0.1416 0.0992 0.1119 -0.0204 0.0011  -0.0180 2654 A   A "C5'"  
147 C  "C4'"  . A   A 8  ? 0.1550 0.0940 0.0992 -0.0206 -0.0134 -0.0198 2654 A   A "C4'"  
148 O  "O4'"  . A   A 8  ? 0.1420 0.1091 0.0898 -0.0305 -0.0035 -0.0217 2654 A   A "O4'"  
149 C  "C3'"  . A   A 8  ? 0.1723 0.0927 0.1092 -0.0139 -0.0177 -0.0269 2654 A   A "C3'"  
150 O  "O3'"  A A   A 8  ? 0.1947 0.1041 0.1365 -0.0115 -0.0271 -0.0441 2654 A   A "O3'"  
151 O  "O3'"  B A   A 8  ? 0.1924 0.1049 0.1343 -0.0134 -0.0239 -0.0437 2654 A   A "O3'"  
152 C  "C2'"  . A   A 8  ? 0.1529 0.0890 0.0998 -0.0206 -0.0052 -0.0232 2654 A   A "C2'"  
153 O  "O2'"  . A   A 8  ? 0.1673 0.0889 0.1182 -0.0047 -0.0073 -0.0312 2654 A   A "O2'"  
154 C  "C1'"  . A   A 8  ? 0.1409 0.0958 0.0892 -0.0283 -0.0004 -0.0187 2654 A   A "C1'"  
155 N  N9     . A   A 8  ? 0.1349 0.0941 0.0890 -0.0309 0.0020  -0.0201 2654 A   A N9     
156 C  C8     . A   A 8  ? 0.1373 0.0892 0.0990 -0.0235 0.0090  -0.0215 2654 A   A C8     
157 N  N7     . A   A 8  ? 0.1216 0.0923 0.0966 -0.0219 0.0104  -0.0227 2654 A   A N7     
158 C  C5     . A   A 8  ? 0.1219 0.1020 0.0947 -0.0246 0.0099  -0.0230 2654 A   A C5     
159 C  C6     . A   A 8  ? 0.1374 0.1134 0.0973 -0.0273 0.0044  -0.0222 2654 A   A C6     
160 N  N6     . A   A 8  ? 0.1459 0.1256 0.0947 -0.0306 -0.0054 -0.0279 2654 A   A N6     
161 N  N1     . A   A 8  ? 0.1419 0.1139 0.1021 -0.0234 0.0054  -0.0176 2654 A   A N1     
162 C  C2     . A   A 8  ? 0.1490 0.1122 0.1061 -0.0191 0.0007  -0.0177 2654 A   A C2     
163 N  N3     . A   A 8  ? 0.1450 0.1020 0.0980 -0.0155 -0.0049 -0.0121 2654 A   A N3     
164 C  C4     . A   A 8  ? 0.1302 0.0949 0.0957 -0.0217 0.0013  -0.0170 2654 A   A C4     
165 P  P      . G   A 9  ? 0.1821 0.1223 0.1303 -0.0333 0.0073  -0.0521 2655 G   A P      
166 O  OP1    . G   A 9  ? 0.2365 0.1580 0.1938 -0.0183 -0.0166 -0.0807 2655 G   A OP1    
167 O  OP2    . G   A 9  ? 0.2317 0.1718 0.1423 0.0025  0.0156  -0.0682 2655 G   A OP2    
168 O  "O5'"  . G   A 9  ? 0.2508 0.1556 0.1616 -0.0459 0.0177  -0.0587 2655 G   A "O5'"  
169 C  "C5'"  . G   A 9  ? 0.2852 0.1393 0.1373 -0.0114 0.0110  -0.0357 2655 G   A "C5'"  
170 C  "C4'"  . G   A 9  ? 0.2665 0.1151 0.1186 -0.0040 0.0040  -0.0211 2655 G   A "C4'"  
171 O  "O4'"  . G   A 9  ? 0.2276 0.1146 0.1369 -0.0225 0.0500  -0.0252 2655 G   A "O4'"  
172 C  "C3'"  . G   A 9  ? 0.2319 0.1031 0.1136 -0.0136 -0.0201 -0.0166 2655 G   A "C3'"  
173 O  "O3'"  . G   A 9  ? 0.1906 0.1089 0.1146 -0.0257 -0.0173 -0.0210 2655 G   A "O3'"  
174 C  "C2'"  . G   A 9  ? 0.2145 0.1074 0.1276 -0.0241 -0.0112 -0.0162 2655 G   A "C2'"  
175 O  "O2'"  . G   A 9  ? 0.2056 0.1168 0.1598 -0.0283 -0.0059 -0.0111 2655 G   A "O2'"  
176 C  "C1'"  . G   A 9  ? 0.2027 0.1051 0.1161 -0.0235 0.0160  -0.0155 2655 G   A "C1'"  
177 N  N9     . G   A 9  ? 0.1877 0.1094 0.1198 -0.0217 0.0097  -0.0219 2655 G   A N9     
178 C  C8     . G   A 9  ? 0.2036 0.1229 0.1434 -0.0135 -0.0031 -0.0319 2655 G   A C8     
179 N  N7     . G   A 9  ? 0.2124 0.1239 0.1511 -0.0054 -0.0062 -0.0341 2655 G   A N7     
180 C  C5     . G   A 9  ? 0.2037 0.1173 0.1327 -0.0043 0.0012  -0.0224 2655 G   A C5     
181 C  C6     . G   A 9  ? 0.2124 0.1131 0.1428 0.0049  0.0026  -0.0155 2655 G   A C6     
182 O  O6     . G   A 9  ? 0.2487 0.1285 0.1621 0.0179  -0.0097 -0.0214 2655 G   A O6     
183 N  N1     . G   A 9  ? 0.1902 0.1039 0.1268 -0.0052 0.0119  -0.0110 2655 G   A N1     
184 C  C2     . G   A 9  ? 0.1633 0.1143 0.1190 -0.0084 0.0119  -0.0194 2655 G   A C2     
185 N  N2     . G   A 9  ? 0.1630 0.1197 0.1193 -0.0050 -0.0040 -0.0264 2655 G   A N2     
186 N  N3     . G   A 9  ? 0.1600 0.1116 0.1072 -0.0088 0.0096  -0.0163 2655 G   A N3     
187 C  C4     . G   A 9  ? 0.1742 0.1133 0.1112 -0.0065 0.0102  -0.0161 2655 G   A C4     
188 P  P      . U   A 10 ? 0.1719 0.1257 0.1128 -0.0356 -0.0221 -0.0136 2656 U   A P      
189 O  OP1    . U   A 10 ? 0.1818 0.1357 0.1407 -0.0346 -0.0322 -0.0143 2656 U   A OP1    
190 O  OP2    . U   A 10 ? 0.1731 0.1304 0.1039 -0.0274 -0.0163 -0.0066 2656 U   A OP2    
191 O  "O5'"  . U   A 10 ? 0.1807 0.1227 0.1026 -0.0186 -0.0155 -0.0119 2656 U   A "O5'"  
192 C  "C5'"  . U   A 10 ? 0.1773 0.1306 0.0967 -0.0105 -0.0194 -0.0207 2656 U   A "C5'"  
193 C  "C4'"  . U   A 10 ? 0.1571 0.1370 0.1016 -0.0149 -0.0009 -0.0317 2656 U   A "C4'"  
194 O  "O4'"  . U   A 10 ? 0.1571 0.1295 0.1022 -0.0088 -0.0021 -0.0341 2656 U   A "O4'"  
195 C  "C3'"  . U   A 10 ? 0.1341 0.1352 0.0964 -0.0175 0.0071  -0.0311 2656 U   A "C3'"  
196 O  "O3'"  . U   A 10 ? 0.1509 0.1417 0.1039 -0.0249 0.0043  -0.0340 2656 U   A "O3'"  
197 C  "C2'"  . U   A 10 ? 0.1484 0.1208 0.1087 -0.0063 0.0051  -0.0262 2656 U   A "C2'"  
198 O  "O2'"  . U   A 10 ? 0.1494 0.1178 0.1141 0.0004  0.0024  -0.0214 2656 U   A "O2'"  
199 C  "C1'"  . U   A 10 ? 0.1483 0.1228 0.1020 -0.0069 0.0007  -0.0320 2656 U   A "C1'"  
200 N  N1     . U   A 10 ? 0.1484 0.1116 0.1100 -0.0089 0.0099  -0.0327 2656 U   A N1     
201 C  C2     . U   A 10 ? 0.1310 0.1079 0.1111 -0.0092 0.0145  -0.0336 2656 U   A C2     
202 O  O2     . U   A 10 ? 0.1427 0.1034 0.1135 0.0008  0.0162  -0.0319 2656 U   A O2     
203 N  N3     . U   A 10 ? 0.1387 0.1061 0.1085 -0.0015 0.0151  -0.0320 2656 U   A N3     
204 C  C4     . U   A 10 ? 0.1436 0.1098 0.1028 -0.0057 0.0141  -0.0300 2656 U   A C4     
205 O  O4     . U   A 10 ? 0.1592 0.1121 0.1180 0.0058  0.0076  -0.0350 2656 U   A O4     
206 C  C5     . U   A 10 ? 0.1672 0.1130 0.0975 -0.0105 0.0142  -0.0279 2656 U   A C5     
207 C  C6     . U   A 10 ? 0.1548 0.1131 0.0988 -0.0123 0.0110  -0.0280 2656 U   A C6     
208 P  P      . A   A 11 ? 0.1465 0.1460 0.1138 -0.0235 0.0015  -0.0378 2657 A   A P      
209 O  OP1    . A   A 11 ? 0.1444 0.1689 0.1264 -0.0061 -0.0041 -0.0444 2657 A   A OP1    
210 O  OP2    . A   A 11 ? 0.1647 0.1537 0.1103 -0.0310 0.0199  -0.0454 2657 A   A OP2    
211 O  "O5'"  . A   A 11 ? 0.1441 0.1217 0.1118 -0.0156 -0.0110 -0.0276 2657 A   A "O5'"  
212 C  "C5'"  . A   A 11 ? 0.1629 0.1052 0.1190 -0.0013 -0.0182 -0.0181 2657 A   A "C5'"  
213 C  "C4'"  . A   A 11 ? 0.1538 0.1018 0.1144 0.0064  -0.0204 -0.0196 2657 A   A "C4'"  
214 O  "O4'"  . A   A 11 ? 0.1405 0.0958 0.1126 -0.0033 -0.0188 -0.0159 2657 A   A "O4'"  
215 C  "C3'"  . A   A 11 ? 0.1322 0.1009 0.1232 0.0156  -0.0181 -0.0262 2657 A   A "C3'"  
216 O  "O3'"  . A   A 11 ? 0.1517 0.1193 0.1343 0.0398  -0.0211 -0.0386 2657 A   A "O3'"  
217 C  "C2'"  . A   A 11 ? 0.1522 0.0820 0.1183 0.0034  -0.0242 -0.0138 2657 A   A "C2'"  
218 O  "O2'"  . A   A 11 ? 0.1904 0.0796 0.1568 0.0017  -0.0252 -0.0207 2657 A   A "O2'"  
219 C  "C1'"  . A   A 11 ? 0.1369 0.0895 0.1073 -0.0023 -0.0145 -0.0124 2657 A   A "C1'"  
220 N  N9     . A   A 11 ? 0.1303 0.0876 0.1015 -0.0013 -0.0076 -0.0137 2657 A   A N9     
221 C  C8     . A   A 11 ? 0.1395 0.0857 0.1039 0.0015  0.0006  -0.0138 2657 A   A C8     
222 N  N7     . A   A 11 ? 0.1421 0.0864 0.0960 0.0025  -0.0021 -0.0165 2657 A   A N7     
223 C  C5     . A   A 11 ? 0.1209 0.0882 0.0935 -0.0046 0.0032  -0.0168 2657 A   A C5     
224 C  C6     . A   A 11 ? 0.1171 0.0850 0.1049 -0.0053 0.0080  -0.0174 2657 A   A C6     
225 N  N6     . A   A 11 ? 0.1393 0.0869 0.1179 0.0021  -0.0083 -0.0213 2657 A   A N6     
226 N  N1     . A   A 11 ? 0.1149 0.0869 0.1021 -0.0032 -0.0032 -0.0145 2657 A   A N1     
227 C  C2     . A   A 11 ? 0.1156 0.0914 0.0996 -0.0060 0.0066  -0.0161 2657 A   A C2     
228 N  N3     . A   A 11 ? 0.1158 0.0905 0.1002 -0.0090 0.0036  -0.0184 2657 A   A N3     
229 C  C4     . A   A 11 ? 0.1113 0.0893 0.0955 -0.0070 0.0062  -0.0170 2657 A   A C4     
230 P  P      . C   A 12 ? 0.1400 0.1485 0.1430 0.0445  -0.0215 -0.0524 2658 C   A P      
231 O  OP1    . C   A 12 ? 0.1757 0.1644 0.1580 0.0746  -0.0234 -0.0554 2658 C   A OP1    
232 O  OP2    . C   A 12 ? 0.1242 0.1770 0.1653 0.0249  -0.0159 -0.0648 2658 C   A OP2    
233 O  "O5'"  . C   A 12 ? 0.1268 0.1113 0.1270 0.0230  -0.0015 -0.0456 2658 C   A "O5'"  
234 C  "C5'"  . C   A 12 ? 0.1336 0.0924 0.1148 0.0249  -0.0053 -0.0382 2658 C   A "C5'"  
235 C  "C4'"  . C   A 12 ? 0.1304 0.0674 0.1182 0.0118  0.0078  -0.0298 2658 C   A "C4'"  
236 O  "O4'"  . C   A 12 ? 0.1315 0.0618 0.1141 0.0065  0.0220  -0.0235 2658 C   A "O4'"  
237 C  "C3'"  . C   A 12 ? 0.1137 0.0703 0.1107 0.0062  0.0152  -0.0295 2658 C   A "C3'"  
238 O  "O3'"  . C   A 12 ? 0.1227 0.0753 0.1122 0.0013  0.0140  -0.0300 2658 C   A "O3'"  
239 C  "C2'"  . C   A 12 ? 0.1163 0.0672 0.1093 0.0007  0.0123  -0.0321 2658 C   A "C2'"  
240 O  "O2'"  . C   A 12 ? 0.1280 0.0689 0.1133 0.0044  0.0049  -0.0367 2658 C   A "O2'"  
241 C  "C1'"  . C   A 12 ? 0.1243 0.0578 0.1050 0.0020  0.0107  -0.0238 2658 C   A "C1'"  
242 N  N1     . C   A 12 ? 0.1257 0.0649 0.1055 0.0049  0.0114  -0.0269 2658 C   A N1     
243 C  C2     . C   A 12 ? 0.1052 0.0755 0.1042 0.0013  0.0138  -0.0343 2658 C   A C2     
244 O  O2     . C   A 12 ? 0.1234 0.0666 0.1163 0.0108  0.0067  -0.0333 2658 C   A O2     
245 N  N3     . C   A 12 ? 0.1265 0.0834 0.0961 0.0059  0.0129  -0.0313 2658 C   A N3     
246 C  C4     . C   A 12 ? 0.1332 0.0879 0.1000 0.0031  0.0172  -0.0304 2658 C   A C4     
247 N  N4     . C   A 12 ? 0.1527 0.0877 0.1076 -0.0020 0.0188  -0.0292 2658 C   A N4     
248 C  C5     . C   A 12 ? 0.1373 0.0829 0.1051 0.0045  0.0161  -0.0235 2658 C   A C5     
249 C  C6     . C   A 12 ? 0.1426 0.0773 0.1053 0.0039  0.0162  -0.0215 2658 C   A C6     
250 P  P      . G   A 13 ? 0.1185 0.0802 0.1210 0.0019  0.0115  -0.0354 2659 G   A P      
251 O  OP1    . G   A 13 ? 0.1248 0.0916 0.1310 0.0021  0.0225  -0.0426 2659 G   A OP1    
252 O  OP2    . G   A 13 ? 0.1254 0.0900 0.1371 0.0024  0.0017  -0.0392 2659 G   A OP2    
253 O  "O5'"  . G   A 13 ? 0.1417 0.0759 0.1114 -0.0032 0.0107  -0.0357 2659 G   A "O5'"  
254 C  "C5'"  . G   A 13 ? 0.1453 0.0794 0.1125 -0.0113 0.0061  -0.0389 2659 G   A "C5'"  
255 C  "C4'"  . G   A 13 ? 0.1428 0.0759 0.1077 -0.0143 0.0098  -0.0330 2659 G   A "C4'"  
256 O  "O4'"  . G   A 13 ? 0.1302 0.0717 0.1153 -0.0169 0.0124  -0.0294 2659 G   A "O4'"  
257 C  "C3'"  . G   A 13 ? 0.1486 0.0851 0.1059 -0.0118 0.0220  -0.0388 2659 G   A "C3'"  
258 O  "O3'"  . G   A 13 ? 0.1530 0.0854 0.1156 -0.0120 0.0271  -0.0419 2659 G   A "O3'"  
259 C  "C2'"  . G   A 13 ? 0.1527 0.0848 0.0931 -0.0098 0.0119  -0.0329 2659 G   A "C2'"  
260 O  "O2'"  . G   A 13 ? 0.1596 0.0769 0.1036 -0.0092 -0.0027 -0.0270 2659 G   A "O2'"  
261 C  "C1'"  . G   A 13 ? 0.1449 0.0796 0.1017 -0.0113 0.0161  -0.0301 2659 G   A "C1'"  
262 N  N9     . G   A 13 ? 0.1317 0.0739 0.1095 -0.0012 0.0093  -0.0231 2659 G   A N9     
263 C  C8     . G   A 13 ? 0.1336 0.0880 0.1141 -0.0052 0.0105  -0.0267 2659 G   A C8     
264 N  N7     . G   A 13 ? 0.1380 0.0831 0.1122 -0.0034 0.0125  -0.0204 2659 G   A N7     
265 C  C5     . G   A 13 ? 0.1363 0.0845 0.1057 -0.0039 0.0030  -0.0209 2659 G   A C5     
266 C  C6     . G   A 13 ? 0.1301 0.0969 0.1054 -0.0132 0.0050  -0.0245 2659 G   A C6     
267 O  O6     . G   A 13 ? 0.1624 0.1106 0.1083 -0.0113 -0.0081 -0.0277 2659 G   A O6     
268 N  N1     . G   A 13 ? 0.1319 0.0898 0.0939 -0.0128 0.0030  -0.0231 2659 G   A N1     
269 C  C2     . G   A 13 ? 0.1200 0.0863 0.0961 -0.0138 0.0089  -0.0272 2659 G   A C2     
270 N  N2     . G   A 13 ? 0.1349 0.0814 0.0959 -0.0098 0.0241  -0.0208 2659 G   A N2     
271 N  N3     . G   A 13 ? 0.1380 0.0756 0.0993 -0.0098 0.0110  -0.0245 2659 G   A N3     
272 C  C4     . G   A 13 ? 0.1402 0.0768 0.1064 -0.0023 0.0045  -0.0222 2659 G   A C4     
273 P  P      . A   A 14 ? 0.1546 0.0925 0.1328 -0.0144 0.0311  -0.0466 2660 A   A P      
274 O  OP1    . A   A 14 ? 0.1801 0.1077 0.1358 -0.0126 0.0440  -0.0463 2660 A   A OP1    
275 O  OP2    . A   A 14 ? 0.1446 0.1071 0.1528 -0.0049 0.0329  -0.0554 2660 A   A OP2    
276 O  "O5'"  . A   A 14 ? 0.1490 0.0894 0.1443 -0.0191 0.0236  -0.0470 2660 A   A "O5'"  
277 C  "C5'"  . A   A 14 ? 0.1433 0.1079 0.1548 -0.0143 0.0254  -0.0570 2660 A   A "C5'"  
278 C  "C4'"  . A   A 14 ? 0.1401 0.1052 0.1446 -0.0114 0.0219  -0.0520 2660 A   A "C4'"  
279 O  "O4'"  . A   A 14 ? 0.1522 0.1077 0.1407 -0.0089 0.0232  -0.0553 2660 A   A "O4'"  
280 C  "C3'"  . A   A 14 ? 0.1282 0.1143 0.1345 -0.0129 0.0208  -0.0542 2660 A   A "C3'"  
281 O  "O3'"  . A   A 14 ? 0.1329 0.1222 0.1350 -0.0055 0.0141  -0.0495 2660 A   A "O3'"  
282 C  "C2'"  . A   A 14 ? 0.1239 0.1163 0.1429 -0.0117 0.0269  -0.0560 2660 A   A "C2'"  
283 O  "O2'"  . A   A 14 ? 0.1312 0.1082 0.1635 -0.0098 0.0257  -0.0595 2660 A   A "O2'"  
284 C  "C1'"  . A   A 14 ? 0.1477 0.1139 0.1343 -0.0103 0.0261  -0.0522 2660 A   A "C1'"  
285 N  N9     . A   A 14 ? 0.1521 0.1405 0.1250 -0.0190 0.0360  -0.0592 2660 A   A N9     
286 C  C8     . A   A 14 ? 0.1652 0.1558 0.1238 -0.0188 0.0332  -0.0608 2660 A   A C8     
287 N  N7     . A   A 14 ? 0.1677 0.1674 0.1240 -0.0184 0.0295  -0.0627 2660 A   A N7     
288 C  C5     . A   A 14 ? 0.1504 0.1656 0.1353 -0.0070 0.0413  -0.0640 2660 A   A C5     
289 C  C6     . A   A 14 ? 0.1432 0.1768 0.1474 0.0074  0.0344  -0.0670 2660 A   A C6     
290 N  N6     . A   A 14 ? 0.1621 0.1840 0.1428 -0.0034 0.0310  -0.0634 2660 A   A N6     
291 N  N1     . A   A 14 ? 0.1498 0.1687 0.1561 0.0181  0.0223  -0.0660 2660 A   A N1     
292 C  C2     . A   A 14 ? 0.1715 0.1602 0.1591 0.0255  0.0062  -0.0638 2660 A   A C2     
293 N  N3     . A   A 14 ? 0.1612 0.1478 0.1582 0.0065  0.0097  -0.0632 2660 A   A N3     
294 C  C4     . A   A 14 ? 0.1524 0.1499 0.1344 -0.0015 0.0340  -0.0593 2660 A   A C4     
295 P  P      . G   A 15 ? 0.1249 0.1079 0.1201 -0.0027 0.0070  -0.0338 2661 G   A P      
296 O  OP1    . G   A 15 ? 0.1485 0.1251 0.1349 0.0143  -0.0113 -0.0369 2661 G   A OP1    
297 O  OP2    . G   A 15 ? 0.1391 0.1019 0.1338 -0.0053 0.0102  -0.0270 2661 G   A OP2    
298 O  "O5'"  . G   A 15 ? 0.1270 0.1095 0.1296 -0.0132 0.0069  -0.0446 2661 G   A "O5'"  
299 C  "C5'"  . G   A 15 ? 0.1247 0.1039 0.1305 -0.0126 0.0058  -0.0454 2661 G   A "C5'"  
300 C  "C4'"  . G   A 15 ? 0.1147 0.0976 0.1184 -0.0068 0.0160  -0.0406 2661 G   A "C4'"  
301 O  "O4'"  . G   A 15 ? 0.1130 0.0931 0.1233 -0.0053 0.0205  -0.0410 2661 G   A "O4'"  
302 C  "C3'"  . G   A 15 ? 0.1145 0.0949 0.1131 -0.0124 0.0187  -0.0400 2661 G   A "C3'"  
303 O  "O3'"  . G   A 15 ? 0.1151 0.1000 0.1098 -0.0122 0.0146  -0.0430 2661 G   A "O3'"  
304 C  "C2'"  . G   A 15 ? 0.1317 0.0837 0.1199 -0.0190 0.0228  -0.0351 2661 G   A "C2'"  
305 O  "O2'"  . G   A 15 ? 0.1363 0.0784 0.1258 -0.0215 0.0221  -0.0332 2661 G   A "O2'"  
306 C  "C1'"  . G   A 15 ? 0.1113 0.0846 0.1224 -0.0093 0.0190  -0.0366 2661 G   A "C1'"  
307 N  N9     . G   A 15 ? 0.1185 0.0809 0.1119 -0.0085 0.0218  -0.0322 2661 G   A N9     
308 C  C8     . G   A 15 ? 0.1313 0.0863 0.1158 -0.0027 0.0173  -0.0333 2661 G   A C8     
309 N  N7     . G   A 15 ? 0.1388 0.0817 0.1126 -0.0150 0.0152  -0.0347 2661 G   A N7     
310 C  C5     . G   A 15 ? 0.1272 0.0795 0.1033 -0.0138 0.0144  -0.0358 2661 G   A C5     
311 C  C6     . G   A 15 ? 0.1445 0.0792 0.1100 -0.0148 0.0131  -0.0358 2661 G   A C6     
312 O  O6     . G   A 15 ? 0.1651 0.0755 0.1242 -0.0215 -0.0018 -0.0319 2661 G   A O6     
313 N  N1     . G   A 15 ? 0.1385 0.0762 0.1013 -0.0135 0.0222  -0.0309 2661 G   A N1     
314 C  C2     . G   A 15 ? 0.1267 0.0783 0.1125 -0.0120 0.0256  -0.0287 2661 G   A C2     
315 N  N2     . G   A 15 ? 0.1423 0.0818 0.1245 -0.0082 0.0147  -0.0229 2661 G   A N2     
316 N  N3     . G   A 15 ? 0.1234 0.0717 0.1045 -0.0023 0.0200  -0.0275 2661 G   A N3     
317 C  C4     . G   A 15 ? 0.1162 0.0803 0.0996 -0.0089 0.0217  -0.0339 2661 G   A C4     
318 P  P      . A   A 16 ? 0.1258 0.0905 0.1012 -0.0083 0.0096  -0.0337 2662 A   A P      
319 O  OP1    . A   A 16 ? 0.1458 0.0904 0.1054 -0.0134 0.0102  -0.0366 2662 A   A OP1    
320 O  OP2    . A   A 16 ? 0.1393 0.0880 0.0988 -0.0040 0.0106  -0.0251 2662 A   A OP2    
321 O  "O5'"  . A   A 16 ? 0.1251 0.0774 0.1098 -0.0098 0.0132  -0.0318 2662 A   A "O5'"  
322 C  "C5'"  . A   A 16 ? 0.1386 0.0808 0.1119 -0.0059 0.0077  -0.0349 2662 A   A "C5'"  
323 C  "C4'"  . A   A 16 ? 0.1221 0.0874 0.0988 -0.0067 0.0122  -0.0349 2662 A   A "C4'"  
324 O  "O4'"  . A   A 16 ? 0.1241 0.0848 0.0921 -0.0103 0.0129  -0.0311 2662 A   A "O4'"  
325 C  "C3'"  . A   A 16 ? 0.1205 0.0776 0.1117 -0.0046 0.0169  -0.0321 2662 A   A "C3'"  
326 O  "O3'"  . A   A 16 ? 0.1416 0.0772 0.1063 0.0078  0.0141  -0.0299 2662 A   A "O3'"  
327 C  "C2'"  . A   A 16 ? 0.1248 0.0713 0.1121 -0.0071 0.0141  -0.0242 2662 A   A "C2'"  
328 O  "O2'"  . A   A 16 ? 0.1521 0.0803 0.1116 -0.0001 -0.0009 -0.0236 2662 A   A "O2'"  
329 C  "C1'"  . A   A 16 ? 0.1315 0.0698 0.1070 -0.0051 0.0122  -0.0250 2662 A   A "C1'"  
330 N  N9     . A   A 16 ? 0.1191 0.0738 0.0972 -0.0051 0.0199  -0.0264 2662 A   A N9     
331 C  C8     . A   A 16 ? 0.1226 0.0759 0.0996 -0.0005 0.0199  -0.0272 2662 A   A C8     
332 N  N7     . A   A 16 ? 0.1350 0.0753 0.1037 -0.0011 0.0215  -0.0267 2662 A   A N7     
333 C  C5     . A   A 16 ? 0.1326 0.0776 0.1066 -0.0003 0.0189  -0.0278 2662 A   A C5     
334 C  C6     . A   A 16 ? 0.1435 0.0736 0.1104 -0.0150 0.0180  -0.0225 2662 A   A C6     
335 N  N6     . A   A 16 ? 0.1871 0.0776 0.1178 -0.0116 0.0118  -0.0249 2662 A   A N6     
336 N  N1     . A   A 16 ? 0.1447 0.0860 0.1131 -0.0093 0.0099  -0.0324 2662 A   A N1     
337 C  C2     . A   A 16 ? 0.1447 0.0910 0.1148 -0.0087 0.0110  -0.0345 2662 A   A C2     
338 N  N3     . A   A 16 ? 0.1344 0.0795 0.1023 -0.0001 0.0079  -0.0281 2662 A   A N3     
339 C  C4     . A   A 16 ? 0.1251 0.0791 0.1003 -0.0026 0.0161  -0.0303 2662 A   A C4     
340 P  P      . G   A 17 ? 0.1474 0.0737 0.1107 0.0019  0.0232  -0.0261 2663 G   A P      
341 O  OP1    . G   A 17 ? 0.1984 0.0786 0.1224 0.0098  0.0207  -0.0301 2663 G   A OP1    
342 O  OP2    . G   A 17 ? 0.1596 0.0993 0.1070 0.0111  0.0182  -0.0243 2663 G   A OP2    
343 O  "O5'"  . G   A 17 ? 0.1419 0.0676 0.1133 0.0171  0.0162  -0.0153 2663 G   A "O5'"  
344 C  "C5'"  . G   A 17 ? 0.1542 0.0719 0.1216 0.0025  0.0318  -0.0178 2663 G   A "C5'"  
345 C  "C4'"  . G   A 17 ? 0.1450 0.0762 0.1141 0.0096  0.0380  -0.0156 2663 G   A "C4'"  
346 O  "O4'"  . G   A 17 ? 0.1384 0.0663 0.1167 0.0042  0.0365  -0.0098 2663 G   A "O4'"  
347 C  "C3'"  . G   A 17 ? 0.1314 0.0727 0.1194 0.0106  0.0383  -0.0116 2663 G   A "C3'"  
348 O  "O3'"  . G   A 17 ? 0.1347 0.0793 0.1119 0.0176  0.0359  -0.0015 2663 G   A "O3'"  
349 C  "C2'"  . G   A 17 ? 0.1375 0.0694 0.1137 0.0111  0.0257  -0.0124 2663 G   A "C2'"  
350 O  "O2'"  . G   A 17 ? 0.1417 0.0762 0.1188 0.0136  0.0178  -0.0112 2663 G   A "O2'"  
351 C  "C1'"  . G   A 17 ? 0.1421 0.0651 0.1192 0.0078  0.0280  -0.0130 2663 G   A "C1'"  
352 N  N9     . G   A 17 ? 0.1320 0.0718 0.1081 0.0070  0.0221  -0.0186 2663 G   A N9     
353 C  C8     . G   A 17 ? 0.1482 0.0737 0.1156 0.0062  0.0227  -0.0244 2663 G   A C8     
354 N  N7     . G   A 17 ? 0.1435 0.0679 0.1116 0.0016  0.0207  -0.0236 2663 G   A N7     
355 C  C5     . G   A 17 ? 0.1310 0.0646 0.1002 0.0039  0.0237  -0.0183 2663 G   A C5     
356 C  C6     . G   A 17 ? 0.1234 0.0768 0.1006 0.0058  0.0146  -0.0290 2663 G   A C6     
357 O  O6     . G   A 17 ? 0.1379 0.0784 0.0991 0.0020  0.0161  -0.0296 2663 G   A O6     
358 N  N1     . G   A 17 ? 0.1260 0.0775 0.0981 0.0140  0.0159  -0.0334 2663 G   A N1     
359 C  C2     . G   A 17 ? 0.1317 0.0707 0.1122 0.0051  0.0227  -0.0331 2663 G   A C2     
360 N  N2     . G   A 17 ? 0.1522 0.0722 0.1200 0.0049  0.0026  -0.0366 2663 G   A N2     
361 N  N3     . G   A 17 ? 0.1312 0.0708 0.1031 0.0110  0.0145  -0.0251 2663 G   A N3     
362 C  C4     . G   A 17 ? 0.1323 0.0682 0.1065 0.0036  0.0308  -0.0213 2663 G   A C4     
363 P  P      . G   A 18 ? 0.1468 0.0871 0.1152 0.0139  0.0355  -0.0056 2664 G   A P      
364 O  OP1    . G   A 18 ? 0.1394 0.1095 0.1370 0.0178  0.0405  -0.0121 2664 G   A OP1    
365 O  OP2    . G   A 18 ? 0.1575 0.0934 0.1298 0.0194  0.0405  -0.0256 2664 G   A OP2    
366 O  "O5'"  . G   A 18 ? 0.1484 0.0836 0.1013 0.0113  0.0149  -0.0024 2664 G   A "O5'"  
367 C  "C5'"  . G   A 18 ? 0.1436 0.0911 0.1101 0.0045  0.0042  -0.0109 2664 G   A "C5'"  
368 C  "C4'"  . G   A 18 ? 0.1343 0.0849 0.1019 -0.0051 0.0081  -0.0073 2664 G   A "C4'"  
369 O  "O4'"  . G   A 18 ? 0.1224 0.0807 0.0972 -0.0076 0.0107  -0.0050 2664 G   A "O4'"  
370 C  "C3'"  . G   A 18 ? 0.1242 0.0790 0.0984 -0.0099 0.0005  -0.0052 2664 G   A "C3'"  
371 O  "O3'"  . G   A 18 ? 0.1211 0.0848 0.1088 -0.0107 0.0023  -0.0080 2664 G   A "O3'"  
372 C  "C2'"  . G   A 18 ? 0.1323 0.0812 0.1027 -0.0127 0.0071  -0.0119 2664 G   A "C2'"  
373 O  "O2'"  . G   A 18 ? 0.1348 0.0778 0.1136 -0.0117 -0.0090 -0.0153 2664 G   A "O2'"  
374 C  "C1'"  . G   A 18 ? 0.1291 0.0847 0.0886 -0.0054 0.0044  -0.0085 2664 G   A "C1'"  
375 N  N9     . G   A 18 ? 0.1310 0.0749 0.1038 -0.0074 0.0103  -0.0123 2664 G   A N9     
376 C  C8     . G   A 18 ? 0.1419 0.0827 0.0996 -0.0093 0.0125  -0.0155 2664 G   A C8     
377 N  N7     . G   A 18 ? 0.1457 0.0851 0.1018 -0.0155 0.0148  -0.0192 2664 G   A N7     
378 C  C5     . G   A 18 ? 0.1366 0.0861 0.1001 -0.0110 0.0112  -0.0230 2664 G   A C5     
379 C  C6     . G   A 18 ? 0.1491 0.0925 0.1008 -0.0189 0.0141  -0.0269 2664 G   A C6     
380 O  O6     . G   A 18 ? 0.1652 0.1008 0.1101 -0.0171 0.0017  -0.0364 2664 G   A O6     
381 N  N1     . G   A 18 ? 0.1417 0.0929 0.0945 -0.0115 0.0094  -0.0229 2664 G   A N1     
382 C  C2     . G   A 18 ? 0.1343 0.0938 0.0874 -0.0109 0.0006  -0.0170 2664 G   A C2     
383 N  N2     . G   A 18 ? 0.1441 0.1040 0.0986 -0.0087 0.0013  -0.0200 2664 G   A N2     
384 N  N3     . G   A 18 ? 0.1212 0.0879 0.0939 -0.0119 0.0032  -0.0163 2664 G   A N3     
385 C  C4     . G   A 18 ? 0.1235 0.0827 0.0898 -0.0119 0.0115  -0.0163 2664 G   A C4     
386 P  P      . A   A 19 ? 0.1306 0.0914 0.1175 -0.0022 0.0151  -0.0110 2665 A   A P      
387 O  OP1    . A   A 19 ? 0.1403 0.1045 0.1451 -0.0072 0.0151  -0.0170 2665 A   A OP1    
388 O  OP2    . A   A 19 ? 0.1536 0.0941 0.1359 -0.0002 0.0160  -0.0263 2665 A   A OP2    
389 O  "O5'"  . A   A 19 ? 0.1403 0.0891 0.1175 -0.0152 0.0050  -0.0113 2665 A   A "O5'"  
390 C  "C5'"  . A   A 19 ? 0.1486 0.0915 0.1167 -0.0237 0.0137  -0.0094 2665 A   A "C5'"  
391 C  "C4'"  . A   A 19 ? 0.1448 0.1034 0.1074 -0.0300 0.0163  -0.0142 2665 A   A "C4'"  
392 O  "O4'"  . A   A 19 ? 0.1597 0.1062 0.1113 -0.0275 0.0202  -0.0217 2665 A   A "O4'"  
393 C  "C3'"  . A   A 19 ? 0.1417 0.1020 0.1117 -0.0218 0.0085  -0.0156 2665 A   A "C3'"  
394 O  "O3'"  . A   A 19 ? 0.1402 0.1022 0.1172 -0.0171 0.0040  -0.0187 2665 A   A "O3'"  
395 C  "C2'"  . A   A 19 ? 0.1623 0.1128 0.1102 -0.0207 0.0102  -0.0235 2665 A   A "C2'"  
396 O  "O2'"  . A   A 19 ? 0.1976 0.1267 0.1120 -0.0210 -0.0006 -0.0285 2665 A   A "O2'"  
397 C  "C1'"  . A   A 19 ? 0.1479 0.1152 0.1126 -0.0254 0.0263  -0.0324 2665 A   A "C1'"  
398 N  N9     . A   A 19 ? 0.1419 0.1014 0.1056 -0.0194 0.0242  -0.0279 2665 A   A N9     
399 C  C8     . A   A 19 ? 0.1482 0.1023 0.1039 -0.0148 0.0198  -0.0289 2665 A   A C8     
400 N  N7     . A   A 19 ? 0.1407 0.1047 0.1133 -0.0053 0.0195  -0.0331 2665 A   A N7     
401 C  C5     . A   A 19 ? 0.1407 0.1075 0.1122 -0.0142 0.0329  -0.0326 2665 A   A C5     
402 C  C6     . A   A 19 ? 0.1592 0.1064 0.1135 -0.0142 0.0321  -0.0317 2665 A   A C6     
403 N  N6     . A   A 19 ? 0.1636 0.1075 0.1259 -0.0021 0.0321  -0.0318 2665 A   A N6     
404 N  N1     . A   A 19 ? 0.1746 0.1166 0.1272 -0.0187 0.0494  -0.0447 2665 A   A N1     
405 C  C2     . A   A 19 ? 0.1707 0.1089 0.1286 -0.0287 0.0439  -0.0437 2665 A   A C2     
406 N  N3     . A   A 19 ? 0.1664 0.1031 0.1254 -0.0242 0.0376  -0.0373 2665 A   A N3     
407 C  C4     . A   A 19 ? 0.1435 0.1017 0.1161 -0.0242 0.0279  -0.0314 2665 A   A C4     
408 P  P      . C   A 20 ? 0.1335 0.1163 0.1081 -0.0259 0.0023  -0.0263 2666 C   A P      
409 O  OP1    . C   A 20 ? 0.1448 0.1365 0.1386 -0.0227 -0.0027 -0.0408 2666 C   A OP1    
410 O  OP2    . C   A 20 ? 0.1344 0.1180 0.1031 -0.0358 0.0043  -0.0303 2666 C   A OP2    
411 O  "O5'"  . C   A 20 ? 0.1576 0.1028 0.1004 -0.0325 -0.0012 -0.0198 2666 C   A "O5'"  
412 C  "C5'"  . C   A 20 ? 0.1860 0.1119 0.0972 -0.0247 -0.0106 -0.0220 2666 C   A "C5'"  
413 C  "C4'"  . C   A 20 ? 0.2088 0.1139 0.1102 -0.0324 -0.0124 -0.0265 2666 C   A "C4'"  
414 O  "O4'"  . C   A 20 ? 0.2157 0.1090 0.1041 -0.0363 0.0061  -0.0227 2666 C   A "O4'"  
415 C  "C3'"  . C   A 20 ? 0.2082 0.1145 0.1111 -0.0379 -0.0251 -0.0233 2666 C   A "C3'"  
416 O  "O3'"  . C   A 20 ? 0.2093 0.1230 0.1244 -0.0405 -0.0385 -0.0166 2666 C   A "O3'"  
417 C  "C2'"  . C   A 20 ? 0.2258 0.1208 0.1098 -0.0347 -0.0253 -0.0321 2666 C   A "C2'"  
418 O  "O2'"  . C   A 20 ? 0.2668 0.1321 0.1274 -0.0177 -0.0453 -0.0417 2666 C   A "O2'"  
419 C  "C1'"  . C   A 20 ? 0.2101 0.1076 0.1051 -0.0309 -0.0063 -0.0260 2666 C   A "C1'"  
420 N  N1     . C   A 20 ? 0.1964 0.0961 0.1081 -0.0242 0.0011  -0.0266 2666 C   A N1     
421 C  C2     . C   A 20 ? 0.2188 0.0994 0.1219 -0.0142 -0.0034 -0.0325 2666 C   A C2     
422 O  O2     . C   A 20 ? 0.2510 0.1098 0.1280 -0.0031 -0.0105 -0.0399 2666 C   A O2     
423 N  N3     . C   A 20 ? 0.2125 0.0992 0.1273 -0.0123 0.0003  -0.0335 2666 C   A N3     
424 C  C4     . C   A 20 ? 0.1903 0.0912 0.1274 -0.0253 0.0141  -0.0288 2666 C   A C4     
425 N  N4     . C   A 20 ? 0.1938 0.0918 0.1232 -0.0138 0.0052  -0.0244 2666 C   A N4     
426 C  C5     . C   A 20 ? 0.1828 0.0924 0.1088 -0.0225 0.0139  -0.0262 2666 C   A C5     
427 C  C6     . C   A 20 ? 0.1833 0.0998 0.0930 -0.0271 0.0097  -0.0268 2666 C   A C6     
428 P  P      . C   A 21 ? 0.1986 0.1302 0.1394 -0.0453 -0.0385 -0.0116 2667 C   A P      
429 O  OP1    . C   A 21 ? 0.2238 0.1544 0.1692 -0.0448 -0.0360 -0.0208 2667 C   A OP1    
430 O  OP2    . C   A 21 ? 0.1938 0.1332 0.1525 -0.0262 -0.0356 -0.0161 2667 C   A OP2    
431 O  "O5'"  . C   A 21 ? 0.2059 0.1165 0.1406 -0.0594 -0.0332 -0.0178 2667 C   A "O5'"  
432 C  "C5'"  . C   A 21 ? 0.2142 0.1241 0.1509 -0.0587 -0.0245 -0.0333 2667 C   A "C5'"  
433 C  "C4'"  . C   A 21 ? 0.2199 0.1148 0.1391 -0.0482 -0.0204 -0.0283 2667 C   A "C4'"  
434 O  "O4'"  . C   A 21 ? 0.2153 0.1131 0.1437 -0.0377 -0.0244 -0.0298 2667 C   A "O4'"  
435 C  "C3'"  . C   A 21 ? 0.2218 0.1064 0.1362 -0.0466 -0.0210 -0.0236 2667 C   A "C3'"  
436 O  "O3'"  . C   A 21 ? 0.2079 0.1069 0.1436 -0.0542 -0.0194 -0.0326 2667 C   A "O3'"  
437 C  "C2'"  . C   A 21 ? 0.2321 0.1011 0.1554 -0.0428 -0.0173 -0.0233 2667 C   A "C2'"  
438 O  "O2'"  . C   A 21 ? 0.2547 0.1025 0.1785 -0.0341 -0.0143 -0.0316 2667 C   A "O2'"  
439 C  "C1'"  . C   A 21 ? 0.2287 0.1117 0.1424 -0.0371 -0.0225 -0.0225 2667 C   A "C1'"  
440 N  N1     . C   A 21 ? 0.2307 0.1113 0.1267 -0.0415 -0.0293 -0.0078 2667 C   A N1     
441 C  C2     . C   A 21 ? 0.2281 0.1301 0.1394 -0.0492 -0.0231 -0.0146 2667 C   A C2     
442 O  O2     . C   A 21 ? 0.2395 0.1442 0.1670 -0.0352 -0.0276 -0.0186 2667 C   A O2     
443 N  N3     . C   A 21 ? 0.2154 0.1339 0.1337 -0.0661 -0.0212 -0.0191 2667 C   A N3     
444 C  C4     . C   A 21 ? 0.2182 0.1339 0.1149 -0.0784 -0.0133 -0.0191 2667 C   A C4     
445 N  N4     . C   A 21 ? 0.2384 0.1571 0.1223 -0.0881 0.0011  -0.0341 2667 C   A N4     
446 C  C5     . C   A 21 ? 0.2115 0.1214 0.1069 -0.0720 -0.0156 -0.0122 2667 C   A C5     
447 C  C6     . C   A 21 ? 0.2163 0.1107 0.1224 -0.0607 -0.0170 -0.0101 2667 C   A C6     
448 P  P      . G   A 22 ? 0.2096 0.1171 0.1502 -0.0344 -0.0190 -0.0415 2668 G   A P      
449 O  OP1    . G   A 22 ? 0.2205 0.1268 0.1637 -0.0418 -0.0211 -0.0521 2668 G   A OP1    
450 O  OP2    . G   A 22 ? 0.2157 0.1365 0.1734 -0.0187 -0.0179 -0.0488 2668 G   A OP2    
451 O  "O5'"  . G   A 22 ? 0.2134 0.0986 0.1455 -0.0316 -0.0256 -0.0412 2668 G   A "O5'"  
452 C  "C5'"  . G   A 22 ? 0.2273 0.0906 0.1358 -0.0202 -0.0182 -0.0330 2668 G   A "C5'"  
453 C  "C4'"  . G   A 22 ? 0.2218 0.0859 0.1294 -0.0194 -0.0120 -0.0352 2668 G   A "C4'"  
454 O  "O4'"  . G   A 22 ? 0.2047 0.0900 0.1253 -0.0091 -0.0135 -0.0425 2668 G   A "O4'"  
455 C  "C3'"  . G   A 22 ? 0.2262 0.0839 0.1336 -0.0294 -0.0058 -0.0341 2668 G   A "C3'"  
456 O  "O3'"  . G   A 22 ? 0.2418 0.0988 0.1540 -0.0370 0.0021  -0.0417 2668 G   A "O3'"  
457 C  "C2'"  . G   A 22 ? 0.2292 0.0815 0.1168 -0.0111 -0.0187 -0.0264 2668 G   A "C2'"  
458 O  "O2'"  . G   A 22 ? 0.2663 0.0945 0.1334 0.0017  -0.0276 -0.0250 2668 G   A "O2'"  
459 C  "C1'"  . G   A 22 ? 0.1998 0.0806 0.1212 -0.0077 -0.0113 -0.0366 2668 G   A "C1'"  
460 N  N9     . G   A 22 ? 0.1601 0.0702 0.1200 -0.0035 -0.0056 -0.0372 2668 G   A N9     
461 C  C8     . G   A 22 ? 0.1644 0.0782 0.1226 0.0028  -0.0069 -0.0422 2668 G   A C8     
462 N  N7     . G   A 22 ? 0.1654 0.0815 0.1115 -0.0037 -0.0154 -0.0419 2668 G   A N7     
463 C  C5     . G   A 22 ? 0.1416 0.0735 0.1159 -0.0079 -0.0095 -0.0378 2668 G   A C5     
464 C  C6     . G   A 22 ? 0.1398 0.0768 0.1127 -0.0083 -0.0035 -0.0342 2668 G   A C6     
465 O  O6     . G   A 22 ? 0.1537 0.0754 0.1256 -0.0037 -0.0165 -0.0348 2668 G   A O6     
466 N  N1     . G   A 22 ? 0.1350 0.0726 0.1043 -0.0078 -0.0012 -0.0300 2668 G   A N1     
467 C  C2     . G   A 22 ? 0.1314 0.0737 0.0958 -0.0071 0.0073  -0.0286 2668 G   A C2     
468 N  N2     . G   A 22 ? 0.1440 0.0765 0.0951 -0.0087 0.0031  -0.0314 2668 G   A N2     
469 N  N3     . G   A 22 ? 0.1303 0.0691 0.1084 -0.0085 -0.0052 -0.0309 2668 G   A N3     
470 C  C4     . G   A 22 ? 0.1497 0.0708 0.1137 -0.0039 -0.0095 -0.0328 2668 G   A C4     
471 P  P      . G   A 23 ? 0.2236 0.1216 0.1574 -0.0496 0.0124  -0.0456 2669 G   A P      
472 O  OP1    . G   A 23 ? 0.2395 0.1232 0.1876 -0.0598 0.0193  -0.0512 2669 G   A OP1    
473 O  OP2    . G   A 23 ? 0.2306 0.1541 0.1489 -0.0329 -0.0048 -0.0536 2669 G   A OP2    
474 O  "O5'"  . G   A 23 ? 0.2087 0.0998 0.1463 -0.0377 0.0111  -0.0382 2669 G   A "O5'"  
475 C  "C5'"  . G   A 23 ? 0.2093 0.0945 0.1273 -0.0205 0.0030  -0.0333 2669 G   A "C5'"  
476 C  "C4'"  . G   A 23 ? 0.1774 0.0802 0.1213 -0.0142 0.0137  -0.0244 2669 G   A "C4'"  
477 O  "O4'"  . G   A 23 ? 0.1644 0.0748 0.1174 -0.0118 0.0193  -0.0250 2669 G   A "O4'"  
478 C  "C3'"  . G   A 23 ? 0.1604 0.0825 0.1288 -0.0174 0.0192  -0.0276 2669 G   A "C3'"  
479 O  "O3'"  . G   A 23 ? 0.1822 0.0916 0.1510 -0.0276 0.0265  -0.0304 2669 G   A "O3'"  
480 C  "C2'"  . G   A 23 ? 0.1429 0.0828 0.1214 -0.0137 0.0098  -0.0313 2669 G   A "C2'"  
481 O  "O2'"  . G   A 23 ? 0.1474 0.0810 0.1211 -0.0075 -0.0014 -0.0271 2669 G   A "O2'"  
482 C  "C1'"  . G   A 23 ? 0.1487 0.0750 0.1097 -0.0023 0.0050  -0.0268 2669 G   A "C1'"  
483 N  N9     . G   A 23 ? 0.1514 0.0738 0.1080 0.0001  -0.0052 -0.0283 2669 G   A N9     
484 C  C8     . G   A 23 ? 0.1594 0.0827 0.1151 -0.0092 0.0026  -0.0361 2669 G   A C8     
485 N  N7     . G   A 23 ? 0.1524 0.0811 0.1181 -0.0014 -0.0020 -0.0381 2669 G   A N7     
486 C  C5     . G   A 23 ? 0.1458 0.0768 0.1150 -0.0043 0.0014  -0.0353 2669 G   A C5     
487 C  C6     . G   A 23 ? 0.1328 0.0789 0.1096 -0.0068 -0.0019 -0.0355 2669 G   A C6     
488 O  O6     . G   A 23 ? 0.1488 0.0938 0.1208 0.0092  -0.0120 -0.0436 2669 G   A O6     
489 N  N1     . G   A 23 ? 0.1264 0.0761 0.1079 -0.0078 0.0024  -0.0335 2669 G   A N1     
490 C  C2     . G   A 23 ? 0.1181 0.0791 0.1102 -0.0126 0.0056  -0.0359 2669 G   A C2     
491 N  N2     . G   A 23 ? 0.1244 0.0867 0.1129 -0.0079 0.0093  -0.0420 2669 G   A N2     
492 N  N3     . G   A 23 ? 0.1273 0.0779 0.0994 -0.0117 0.0081  -0.0296 2669 G   A N3     
493 C  C4     . G   A 23 ? 0.1308 0.0743 0.1129 -0.0131 0.0085  -0.0331 2669 G   A C4     
494 P  P      . A   A 24 ? 0.1858 0.1135 0.1921 -0.0459 0.0466  -0.0425 2670 A   A P      
495 O  OP1    . A   A 24 ? 0.2164 0.0927 0.2144 -0.0457 0.0629  -0.0217 2670 A   A OP1    
496 O  OP2    . A   A 24 ? 0.1979 0.1506 0.2188 -0.0516 0.0403  -0.0666 2670 A   A OP2    
497 O  "O5'"  . A   A 24 ? 0.1754 0.1131 0.1557 -0.0228 0.0279  -0.0213 2670 A   A "O5'"  
498 C  "C5'"  . A   A 24 ? 0.1697 0.1110 0.1345 -0.0015 0.0119  -0.0086 2670 A   A "C5'"  
499 C  "C4'"  . A   A 24 ? 0.1386 0.1098 0.1443 0.0032  0.0199  -0.0033 2670 A   A "C4'"  
500 O  "O4'"  . A   A 24 ? 0.1294 0.1027 0.1179 0.0036  0.0065  0.0003  2670 A   A "O4'"  
501 C  "C3'"  . A   A 24 ? 0.1360 0.1155 0.1628 0.0066  0.0274  0.0047  2670 A   A "C3'"  
502 O  "O3'"  . A   A 24 ? 0.1540 0.1399 0.2238 0.0084  0.0574  0.0065  2670 A   A "O3'"  
503 C  "C2'"  . A   A 24 ? 0.1400 0.1093 0.1346 0.0106  0.0017  -0.0036 2670 A   A "C2'"  
504 O  "O2'"  . A   A 24 ? 0.1507 0.1163 0.1281 0.0138  -0.0002 -0.0118 2670 A   A "O2'"  
505 C  "C1'"  . A   A 24 ? 0.1373 0.1019 0.1200 0.0040  -0.0039 -0.0059 2670 A   A "C1'"  
506 N  N9     . A   A 24 ? 0.1295 0.0886 0.1253 0.0007  -0.0088 -0.0115 2670 A   A N9     
507 C  C8     . A   A 24 ? 0.1293 0.0960 0.1355 0.0110  -0.0073 -0.0220 2670 A   A C8     
508 N  N7     . A   A 24 ? 0.1335 0.0913 0.1328 0.0078  -0.0083 -0.0227 2670 A   A N7     
509 C  C5     . A   A 24 ? 0.1184 0.0949 0.1201 -0.0012 0.0017  -0.0220 2670 A   A C5     
510 C  C6     . A   A 24 ? 0.1186 0.0997 0.1195 0.0024  0.0025  -0.0277 2670 A   A C6     
511 N  N6     . A   A 24 ? 0.1183 0.1093 0.1149 0.0044  -0.0146 -0.0318 2670 A   A N6     
512 N  N1     . A   A 24 ? 0.1144 0.0922 0.1043 0.0005  -0.0010 -0.0178 2670 A   A N1     
513 C  C2     . A   A 24 ? 0.1100 0.0917 0.1041 -0.0054 -0.0028 -0.0156 2670 A   A C2     
514 N  N3     . A   A 24 ? 0.1191 0.0933 0.1114 -0.0111 0.0007  -0.0153 2670 A   A N3     
515 C  C4     . A   A 24 ? 0.1183 0.0915 0.1147 -0.0096 0.0006  -0.0143 2670 A   A C4     
516 P  P      . G   A 25 ? 0.1724 0.1521 0.2935 0.0124  0.0769  0.0116  2671 G   A P      
517 O  OP1    . G   A 25 ? 0.2009 0.1929 0.3079 -0.0100 0.0988  -0.0079 2671 G   A OP1    
518 O  OP2    . G   A 25 ? 0.2200 0.1824 0.3153 0.0034  0.0561  -0.0123 2671 G   A OP2    
519 O  "O5'"  . G   A 25 ? 0.2202 0.1833 0.2989 0.0054  0.0833  -0.0061 2671 G   A "O5'"  
520 C  "C5'"  . G   A 25 ? 0.2364 0.1839 0.2580 0.0211  0.0626  -0.0017 2671 G   A "C5'"  
521 C  "C4'"  . G   A 25 ? 0.1890 0.1697 0.2018 0.0327  0.0471  0.0081  2671 G   A "C4'"  
522 O  "O4'"  . G   A 25 ? 0.1732 0.1645 0.1591 0.0396  0.0283  0.0186  2671 G   A "O4'"  
523 C  "C3'"  . G   A 25 ? 0.1533 0.1576 0.1807 0.0154  0.0368  0.0030  2671 G   A "C3'"  
524 O  "O3'"  . G   A 25 ? 0.1477 0.1617 0.1675 0.0005  0.0352  -0.0021 2671 G   A "O3'"  
525 C  "C2'"  . G   A 25 ? 0.1432 0.1488 0.1625 0.0188  0.0172  0.0039  2671 G   A "C2'"  
526 O  "O2'"  . G   A 25 ? 0.1365 0.1597 0.1532 0.0149  0.0018  -0.0052 2671 G   A "O2'"  
527 C  "C1'"  . G   A 25 ? 0.1488 0.1420 0.1560 0.0235  0.0211  0.0120  2671 G   A "C1'"  
528 N  N9     . G   A 25 ? 0.1353 0.1211 0.1581 0.0101  0.0269  0.0032  2671 G   A N9     
529 C  C8     . G   A 25 ? 0.1382 0.1194 0.1694 0.0059  0.0303  -0.0042 2671 G   A C8     
530 N  N7     . G   A 25 ? 0.1501 0.1143 0.1773 0.0076  0.0307  -0.0065 2671 G   A N7     
531 C  C5     . G   A 25 ? 0.1288 0.1062 0.1707 -0.0007 0.0267  -0.0104 2671 G   A C5     
532 C  C6     . G   A 25 ? 0.1151 0.1011 0.1630 -0.0046 0.0221  -0.0160 2671 G   A C6     
533 O  O6     . G   A 25 ? 0.1261 0.1015 0.1733 -0.0051 0.0201  -0.0259 2671 G   A O6     
534 N  N1     . G   A 25 ? 0.1170 0.0981 0.1584 -0.0056 0.0104  -0.0142 2671 G   A N1     
535 C  C2     . G   A 25 ? 0.1112 0.1004 0.1477 -0.0073 0.0107  -0.0110 2671 G   A C2     
536 N  N2     . G   A 25 ? 0.1119 0.1069 0.1496 -0.0099 0.0053  -0.0179 2671 G   A N2     
537 N  N3     . G   A 25 ? 0.1153 0.1096 0.1494 0.0031  0.0143  -0.0066 2671 G   A N3     
538 C  C4     . G   A 25 ? 0.1227 0.1119 0.1559 0.0034  0.0207  -0.0043 2671 G   A C4     
539 P  P      . U   A 26 ? 0.1645 0.1594 0.1694 -0.0171 0.0306  -0.0028 2672 U   A P      
540 O  OP1    . U   A 26 ? 0.1767 0.1932 0.1693 -0.0166 0.0443  -0.0139 2672 U   A OP1    
541 O  OP2    . U   A 26 ? 0.2101 0.1525 0.1941 -0.0162 0.0310  -0.0044 2672 U   A OP2    
542 O  "O5'"  . U   A 26 ? 0.1574 0.1495 0.1480 -0.0168 0.0160  -0.0085 2672 U   A "O5'"  
543 C  "C5'"  . U   A 26 ? 0.1534 0.1352 0.1586 -0.0175 -0.0007 -0.0150 2672 U   A "C5'"  
544 C  "C4'"  . U   A 26 ? 0.1364 0.1352 0.1581 -0.0089 -0.0141 -0.0219 2672 U   A "C4'"  
545 O  "O4'"  . U   A 26 ? 0.1253 0.1419 0.1693 -0.0060 -0.0102 -0.0297 2672 U   A "O4'"  
546 C  "C3'"  . U   A 26 ? 0.1207 0.1324 0.1575 -0.0148 -0.0089 -0.0278 2672 U   A "C3'"  
547 O  "O3'"  . U   A 26 ? 0.1226 0.1252 0.1580 -0.0072 -0.0081 -0.0297 2672 U   A "O3'"  
548 C  "C2'"  . U   A 26 ? 0.1272 0.1324 0.1600 -0.0164 -0.0102 -0.0261 2672 U   A "C2'"  
549 O  "O2'"  . U   A 26 ? 0.1478 0.1389 0.1539 -0.0065 -0.0153 -0.0273 2672 U   A "O2'"  
550 C  "C1'"  . U   A 26 ? 0.1301 0.1392 0.1620 -0.0114 -0.0070 -0.0269 2672 U   A "C1'"  
551 N  N1     . U   A 26 ? 0.1214 0.1385 0.1531 -0.0164 0.0051  -0.0185 2672 U   A N1     
552 C  C2     . U   A 26 ? 0.1079 0.1396 0.1465 -0.0165 0.0042  -0.0119 2672 U   A C2     
553 O  O2     . U   A 26 ? 0.1329 0.1455 0.1489 0.0042  -0.0052 -0.0064 2672 U   A O2     
554 N  N3     . U   A 26 ? 0.1226 0.1445 0.1548 -0.0140 0.0044  -0.0167 2672 U   A N3     
555 C  C4     . U   A 26 ? 0.1311 0.1426 0.1673 -0.0203 0.0093  -0.0236 2672 U   A C4     
556 O  O4     . U   A 26 ? 0.1529 0.1408 0.1736 -0.0191 0.0119  -0.0253 2672 U   A O4     
557 C  C5     . U   A 26 ? 0.1267 0.1391 0.1637 -0.0215 0.0155  -0.0188 2672 U   A C5     
558 C  C6     . U   A 26 ? 0.1283 0.1363 0.1634 -0.0198 0.0117  -0.0183 2672 U   A C6     
559 P  P      . G   A 27 ? 0.1319 0.1261 0.1496 -0.0033 -0.0023 -0.0304 2673 G   A P      
560 O  OP1    . G   A 27 ? 0.1357 0.1528 0.1500 -0.0002 0.0174  -0.0444 2673 G   A OP1    
561 O  OP2    . G   A 27 ? 0.1553 0.1261 0.1759 -0.0007 0.0100  -0.0318 2673 G   A OP2    
562 O  "O5'"  . G   A 27 ? 0.1356 0.1226 0.1354 -0.0045 -0.0023 -0.0338 2673 G   A "O5'"  
563 C  "C5'"  . G   A 27 ? 0.1392 0.1157 0.1354 0.0047  -0.0089 -0.0373 2673 G   A "C5'"  
564 C  "C4'"  . G   A 27 ? 0.1240 0.1218 0.1365 -0.0032 -0.0084 -0.0473 2673 G   A "C4'"  
565 O  "O4'"  . G   A 27 ? 0.1234 0.1152 0.1300 -0.0012 -0.0145 -0.0484 2673 G   A "O4'"  
566 C  "C3'"  . G   A 27 ? 0.1253 0.1267 0.1477 -0.0132 -0.0076 -0.0507 2673 G   A "C3'"  
567 O  "O3'"  . G   A 27 ? 0.1447 0.1667 0.1651 -0.0111 0.0054  -0.0707 2673 G   A "O3'"  
568 C  "C2'"  . G   A 27 ? 0.1299 0.1191 0.1458 0.0016  -0.0121 -0.0456 2673 G   A "C2'"  
569 O  "O2'"  . G   A 27 ? 0.1631 0.1300 0.1445 0.0172  -0.0274 -0.0433 2673 G   A "O2'"  
570 C  "C1'"  . G   A 27 ? 0.1322 0.1169 0.1280 -0.0048 -0.0098 -0.0460 2673 G   A "C1'"  
571 N  N9     . G   A 27 ? 0.1139 0.1098 0.1335 -0.0135 -0.0023 -0.0419 2673 G   A N9     
572 C  C8     . G   A 27 ? 0.1076 0.1061 0.1331 -0.0118 -0.0023 -0.0398 2673 G   A C8     
573 N  N7     . G   A 27 ? 0.1108 0.1019 0.1328 -0.0077 0.0004  -0.0351 2673 G   A N7     
574 C  C5     . G   A 27 ? 0.1097 0.1056 0.1304 -0.0117 0.0050  -0.0358 2673 G   A C5     
575 C  C6     . G   A 27 ? 0.1147 0.1099 0.1419 -0.0074 0.0147  -0.0386 2673 G   A C6     
576 O  O6     . G   A 27 ? 0.1361 0.1081 0.1499 -0.0002 0.0059  -0.0388 2673 G   A O6     
577 N  N1     . G   A 27 ? 0.1171 0.1230 0.1423 -0.0080 0.0129  -0.0449 2673 G   A N1     
578 C  C2     . G   A 27 ? 0.1208 0.1183 0.1268 -0.0149 0.0090  -0.0392 2673 G   A C2     
579 N  N2     . G   A 27 ? 0.1334 0.1261 0.1269 -0.0114 0.0081  -0.0416 2673 G   A N2     
580 N  N3     . G   A 27 ? 0.1167 0.1138 0.1225 -0.0095 -0.0032 -0.0384 2673 G   A N3     
581 C  C4     . G   A 27 ? 0.1089 0.1092 0.1287 -0.0119 -0.0011 -0.0397 2673 G   A C4     
582 C  C1     . GOL B .  ? 0.1723 0.1568 0.1774 0.0038  0.0145  -0.0070 1    GOL A C1     
583 O  O1     . GOL B .  ? 0.1843 0.1663 0.1732 0.0124  0.0126  -0.0105 1    GOL A O1     
584 C  C2     . GOL B .  ? 0.1644 0.1564 0.1732 0.0065  0.0277  -0.0069 1    GOL A C2     
585 O  O2     . GOL B .  ? 0.1582 0.1570 0.1791 0.0179  0.0499  -0.0100 1    GOL A O2     
586 C  C3     . GOL B .  ? 0.1549 0.1546 0.1792 -0.0051 0.0214  -0.0089 1    GOL A C3     
587 O  O3     . GOL B .  ? 0.1532 0.1489 0.1995 -0.0030 0.0237  -0.0149 1    GOL A O3     
# 
